data_2EHE
#
_entry.id   2EHE
#
loop_
_entity.id
_entity.type
_entity.pdbx_description
1 polymer 'Four and a half LIM domains 3'
2 non-polymer 'ZINC ION'
#
_entity_poly.entity_id   1
_entity_poly.type   'polypeptide(L)'
_entity_poly.pdbx_seq_one_letter_code
;GSSGSSGPCYDNTFANTCAECQQLIGHDSRELFYEDRHFHEGCFRCCRCQRSLADEPFTCQDSELLCNDCYCSAFSSGPS
SG
;
_entity_poly.pdbx_strand_id   A
#
loop_
_chem_comp.id
_chem_comp.type
_chem_comp.name
_chem_comp.formula
ZN non-polymer 'ZINC ION' 'Zn 2'
#
# COMPACT_ATOMS: atom_id res chain seq x y z
N GLY A 1 -22.62 6.78 8.73
CA GLY A 1 -21.91 7.95 8.26
C GLY A 1 -22.27 9.20 9.05
N SER A 2 -21.65 10.32 8.71
CA SER A 2 -21.89 11.57 9.39
C SER A 2 -22.31 12.66 8.41
N SER A 3 -22.54 13.87 8.92
CA SER A 3 -22.95 14.98 8.08
C SER A 3 -22.29 16.28 8.55
N GLY A 4 -22.45 17.34 7.76
CA GLY A 4 -21.87 18.62 8.11
C GLY A 4 -20.41 18.73 7.70
N SER A 5 -20.05 18.03 6.63
CA SER A 5 -18.67 18.05 6.14
C SER A 5 -18.18 19.48 5.97
N SER A 6 -17.17 19.84 6.76
CA SER A 6 -16.61 21.19 6.71
C SER A 6 -15.84 21.41 5.40
N GLY A 7 -15.25 22.58 5.26
CA GLY A 7 -14.49 22.90 4.07
C GLY A 7 -13.06 22.42 4.15
N PRO A 8 -12.37 22.38 2.99
CA PRO A 8 -10.97 21.95 2.90
C PRO A 8 -10.02 22.94 3.56
N CYS A 9 -8.74 22.80 3.27
CA CYS A 9 -7.71 23.68 3.82
C CYS A 9 -6.41 23.58 3.02
N TYR A 10 -5.45 24.42 3.39
CA TYR A 10 -4.16 24.42 2.71
C TYR A 10 -3.01 24.25 3.70
N ASP A 11 -2.43 23.06 3.73
CA ASP A 11 -1.33 22.76 4.63
C ASP A 11 -0.05 22.51 3.85
N ASN A 12 1.09 22.73 4.51
CA ASN A 12 2.39 22.53 3.87
C ASN A 12 3.16 21.42 4.57
N THR A 13 2.71 20.19 4.39
CA THR A 13 3.35 19.03 5.00
C THR A 13 4.48 18.51 4.12
N PHE A 14 5.72 18.81 4.51
CA PHE A 14 6.89 18.37 3.75
C PHE A 14 7.43 17.05 4.30
N ALA A 15 6.66 15.98 4.12
CA ALA A 15 7.07 14.67 4.59
C ALA A 15 6.16 13.57 4.02
N ASN A 16 6.78 12.57 3.39
CA ASN A 16 6.04 11.47 2.80
C ASN A 16 5.20 10.74 3.85
N THR A 17 3.92 10.53 3.55
CA THR A 17 3.02 9.85 4.47
C THR A 17 2.46 8.57 3.84
N CYS A 18 2.91 7.43 4.34
CA CYS A 18 2.46 6.15 3.84
C CYS A 18 0.99 6.21 3.42
N ALA A 19 0.70 5.74 2.21
CA ALA A 19 -0.66 5.74 1.69
C ALA A 19 -1.46 4.57 2.25
N GLU A 20 -0.89 3.87 3.23
CA GLU A 20 -1.54 2.73 3.84
C GLU A 20 -1.94 3.04 5.28
N CYS A 21 -0.95 3.30 6.12
CA CYS A 21 -1.19 3.61 7.52
C CYS A 21 -1.31 5.11 7.74
N GLN A 22 -1.14 5.88 6.66
CA GLN A 22 -1.23 7.33 6.72
C GLN A 22 -0.23 7.89 7.73
N GLN A 23 0.96 7.31 7.76
CA GLN A 23 2.00 7.75 8.68
C GLN A 23 3.22 8.26 7.92
N LEU A 24 3.87 9.28 8.47
CA LEU A 24 5.05 9.86 7.84
C LEU A 24 6.11 8.80 7.58
N ILE A 25 7.11 9.15 6.78
CA ILE A 25 8.20 8.22 6.47
C ILE A 25 9.55 8.89 6.62
N GLY A 26 10.48 8.21 7.28
CA GLY A 26 11.81 8.74 7.48
C GLY A 26 12.43 8.30 8.78
N HIS A 27 11.62 7.66 9.64
CA HIS A 27 12.10 7.17 10.92
C HIS A 27 12.95 5.93 10.75
N ASP A 28 14.23 6.13 10.43
CA ASP A 28 15.15 5.01 10.24
C ASP A 28 14.45 3.84 9.57
N SER A 29 13.60 4.14 8.60
CA SER A 29 12.86 3.10 7.88
C SER A 29 13.15 3.17 6.39
N ARG A 30 13.15 2.00 5.74
CA ARG A 30 13.42 1.92 4.31
C ARG A 30 12.18 2.30 3.50
N GLU A 31 12.28 3.41 2.77
CA GLU A 31 11.17 3.89 1.95
C GLU A 31 11.01 3.03 0.70
N LEU A 32 9.77 2.65 0.41
CA LEU A 32 9.49 1.82 -0.75
C LEU A 32 8.61 2.58 -1.76
N PHE A 33 9.05 3.77 -2.13
CA PHE A 33 8.31 4.60 -3.08
C PHE A 33 7.99 3.82 -4.35
N TYR A 34 6.71 3.73 -4.67
CA TYR A 34 6.26 3.01 -5.86
C TYR A 34 5.60 3.95 -6.86
N GLU A 35 5.22 3.41 -8.01
CA GLU A 35 4.56 4.21 -9.04
C GLU A 35 3.25 4.80 -8.53
N ASP A 36 2.51 4.01 -7.75
CA ASP A 36 1.24 4.46 -7.20
C ASP A 36 1.47 5.51 -6.12
N ARG A 37 2.03 5.08 -5.00
CA ARG A 37 2.30 5.99 -3.89
C ARG A 37 3.41 5.46 -3.00
N HIS A 38 3.76 6.21 -1.96
CA HIS A 38 4.81 5.81 -1.04
C HIS A 38 4.27 4.88 0.04
N PHE A 39 5.13 4.04 0.59
CA PHE A 39 4.74 3.10 1.63
C PHE A 39 5.95 2.63 2.43
N HIS A 40 5.69 2.11 3.63
CA HIS A 40 6.76 1.63 4.49
C HIS A 40 7.15 0.20 4.13
N GLU A 41 8.45 -0.10 4.19
CA GLU A 41 8.95 -1.42 3.86
C GLU A 41 7.97 -2.50 4.33
N GLY A 42 7.25 -2.21 5.42
CA GLY A 42 6.30 -3.17 5.95
C GLY A 42 4.93 -3.04 5.31
N CYS A 43 4.24 -1.95 5.61
CA CYS A 43 2.91 -1.73 5.05
C CYS A 43 2.85 -2.16 3.60
N PHE A 44 4.00 -2.14 2.93
CA PHE A 44 4.07 -2.54 1.53
C PHE A 44 4.11 -4.05 1.39
N ARG A 45 3.13 -4.73 1.99
CA ARG A 45 3.05 -6.17 1.94
C ARG A 45 1.71 -6.63 1.37
N CYS A 46 1.73 -7.75 0.65
CA CYS A 46 0.52 -8.29 0.05
C CYS A 46 -0.68 -8.09 0.96
N CYS A 47 -1.77 -7.58 0.41
CA CYS A 47 -2.99 -7.34 1.18
C CYS A 47 -3.84 -8.61 1.26
N ARG A 48 -3.19 -9.76 1.07
CA ARG A 48 -3.88 -11.04 1.12
C ARG A 48 -3.24 -11.97 2.14
N CYS A 49 -1.91 -12.04 2.12
CA CYS A 49 -1.17 -12.89 3.04
C CYS A 49 -0.16 -12.08 3.83
N GLN A 50 -0.19 -10.76 3.66
CA GLN A 50 0.72 -9.87 4.36
C GLN A 50 2.17 -10.28 4.13
N ARG A 51 2.54 -10.41 2.86
CA ARG A 51 3.90 -10.80 2.50
C ARG A 51 4.72 -9.59 2.07
N SER A 52 5.97 -9.54 2.51
CA SER A 52 6.85 -8.43 2.17
C SER A 52 7.04 -8.33 0.66
N LEU A 53 6.82 -7.13 0.13
CA LEU A 53 6.96 -6.89 -1.31
C LEU A 53 8.10 -5.92 -1.59
N ALA A 54 9.31 -6.30 -1.18
CA ALA A 54 10.48 -5.46 -1.40
C ALA A 54 11.35 -6.00 -2.53
N ASP A 55 11.02 -5.62 -3.75
CA ASP A 55 11.76 -6.07 -4.92
C ASP A 55 11.56 -7.56 -5.16
N GLU A 56 10.34 -8.03 -4.90
CA GLU A 56 10.01 -9.44 -5.09
C GLU A 56 9.07 -9.63 -6.28
N PRO A 57 9.06 -10.84 -6.83
CA PRO A 57 8.21 -11.18 -7.98
C PRO A 57 6.73 -11.22 -7.62
N PHE A 58 5.96 -10.30 -8.19
CA PHE A 58 4.53 -10.24 -7.92
C PHE A 58 3.78 -9.64 -9.11
N THR A 59 2.46 -9.54 -8.98
CA THR A 59 1.62 -8.98 -10.04
C THR A 59 0.87 -7.76 -9.55
N CYS A 60 1.45 -6.59 -9.73
CA CYS A 60 0.83 -5.34 -9.30
C CYS A 60 -0.44 -5.07 -10.10
N GLN A 61 -1.48 -4.60 -9.41
CA GLN A 61 -2.76 -4.31 -10.07
C GLN A 61 -3.24 -2.92 -9.70
N ASP A 62 -4.40 -2.54 -10.21
CA ASP A 62 -4.98 -1.23 -9.93
C ASP A 62 -5.44 -1.14 -8.48
N SER A 63 -5.16 0.00 -7.85
CA SER A 63 -5.53 0.22 -6.46
C SER A 63 -5.44 -1.08 -5.67
N GLU A 64 -4.47 -1.93 -6.03
CA GLU A 64 -4.27 -3.20 -5.35
C GLU A 64 -2.97 -3.85 -5.80
N LEU A 65 -2.47 -4.77 -4.98
CA LEU A 65 -1.23 -5.47 -5.29
C LEU A 65 -1.24 -6.89 -4.72
N LEU A 66 -1.15 -7.88 -5.60
CA LEU A 66 -1.16 -9.28 -5.19
C LEU A 66 0.16 -9.95 -5.54
N CYS A 67 0.68 -10.75 -4.61
CA CYS A 67 1.93 -11.46 -4.82
C CYS A 67 1.76 -12.59 -5.82
N ASN A 68 2.88 -13.11 -6.33
CA ASN A 68 2.85 -14.19 -7.30
C ASN A 68 2.20 -15.44 -6.70
N ASP A 69 1.95 -15.41 -5.39
CA ASP A 69 1.33 -16.52 -4.70
C ASP A 69 -0.15 -16.25 -4.45
N CYS A 70 -0.59 -15.05 -4.79
CA CYS A 70 -1.98 -14.66 -4.60
C CYS A 70 -2.65 -14.35 -5.93
N TYR A 71 -2.07 -13.39 -6.66
CA TYR A 71 -2.61 -12.99 -7.96
C TYR A 71 -3.11 -14.20 -8.74
N CYS A 72 -2.35 -15.28 -8.70
CA CYS A 72 -2.72 -16.51 -9.40
C CYS A 72 -3.65 -17.36 -8.55
N SER A 73 -4.83 -16.84 -8.27
CA SER A 73 -5.82 -17.56 -7.46
C SER A 73 -7.03 -17.94 -8.29
N ALA A 74 -8.01 -18.55 -7.64
CA ALA A 74 -9.24 -18.96 -8.32
C ALA A 74 -10.47 -18.45 -7.60
N PHE A 75 -10.83 -17.19 -7.85
CA PHE A 75 -11.99 -16.57 -7.23
C PHE A 75 -13.18 -17.53 -7.23
N SER A 76 -13.17 -18.48 -8.16
CA SER A 76 -14.25 -19.45 -8.28
C SER A 76 -14.68 -19.94 -6.89
N SER A 77 -13.70 -20.24 -6.04
CA SER A 77 -13.98 -20.73 -4.70
C SER A 77 -15.21 -20.02 -4.11
N GLY A 78 -15.17 -18.70 -4.11
CA GLY A 78 -16.27 -17.92 -3.57
C GLY A 78 -17.63 -18.51 -3.95
N PRO A 79 -18.15 -18.10 -5.11
CA PRO A 79 -19.44 -18.57 -5.60
C PRO A 79 -19.40 -20.05 -6.02
N SER A 80 -20.55 -20.57 -6.46
CA SER A 80 -20.64 -21.95 -6.88
C SER A 80 -21.03 -22.05 -8.36
N SER A 81 -21.17 -23.28 -8.84
CA SER A 81 -21.54 -23.51 -10.23
C SER A 81 -23.05 -23.33 -10.44
N GLY A 82 -23.57 -22.21 -9.96
CA GLY A 82 -24.99 -21.93 -10.09
C GLY A 82 -25.55 -22.44 -11.40
ZN ZN B . 3.08 2.80 6.42
ZN ZN C . -0.28 -12.74 -1.33
N GLY A 1 -22.31 -9.65 11.96
CA GLY A 1 -22.07 -8.45 11.18
C GLY A 1 -22.07 -7.20 12.03
N SER A 2 -21.12 -6.31 11.76
CA SER A 2 -21.00 -5.07 12.50
C SER A 2 -20.85 -3.88 11.56
N SER A 3 -20.64 -2.70 12.14
CA SER A 3 -20.49 -1.48 11.34
C SER A 3 -19.04 -0.97 11.40
N GLY A 4 -18.56 -0.48 10.26
CA GLY A 4 -17.19 0.02 10.20
C GLY A 4 -17.08 1.26 9.32
N SER A 5 -16.36 2.26 9.82
CA SER A 5 -16.18 3.50 9.08
C SER A 5 -14.74 4.02 9.21
N SER A 6 -14.24 4.64 8.16
CA SER A 6 -12.88 5.17 8.15
C SER A 6 -12.75 6.32 7.15
N GLY A 7 -12.41 7.50 7.65
CA GLY A 7 -12.27 8.65 6.79
C GLY A 7 -10.81 8.94 6.47
N PRO A 8 -10.57 9.53 5.29
CA PRO A 8 -9.21 9.87 4.84
C PRO A 8 -8.62 11.02 5.64
N CYS A 9 -7.46 11.50 5.19
CA CYS A 9 -6.77 12.60 5.87
C CYS A 9 -7.53 13.91 5.68
N TYR A 10 -7.77 14.61 6.78
CA TYR A 10 -8.49 15.88 6.74
C TYR A 10 -7.55 17.03 6.40
N ASP A 11 -6.29 16.91 6.82
CA ASP A 11 -5.30 17.94 6.56
C ASP A 11 -4.35 17.50 5.44
N ASN A 12 -3.84 18.48 4.71
CA ASN A 12 -2.91 18.19 3.60
C ASN A 12 -1.50 18.63 3.95
N THR A 13 -0.56 17.71 3.84
CA THR A 13 0.84 18.00 4.14
C THR A 13 1.73 17.73 2.93
N PHE A 14 2.91 18.34 2.92
CA PHE A 14 3.85 18.17 1.83
C PHE A 14 4.96 17.20 2.21
N ALA A 15 4.57 15.98 2.59
CA ALA A 15 5.52 14.95 2.98
C ALA A 15 4.98 13.56 2.68
N ASN A 16 5.75 12.78 1.93
CA ASN A 16 5.35 11.43 1.57
C ASN A 16 4.73 10.71 2.78
N THR A 17 3.40 10.75 2.85
CA THR A 17 2.69 10.10 3.95
C THR A 17 2.12 8.76 3.51
N CYS A 18 2.71 7.68 4.02
CA CYS A 18 2.27 6.33 3.69
C CYS A 18 0.75 6.28 3.52
N ALA A 19 0.31 5.59 2.48
CA ALA A 19 -1.12 5.46 2.20
C ALA A 19 -1.71 4.26 2.92
N GLU A 20 -0.92 3.62 3.78
CA GLU A 20 -1.36 2.46 4.53
C GLU A 20 -1.55 2.79 6.00
N CYS A 21 -0.46 3.17 6.65
CA CYS A 21 -0.50 3.52 8.06
C CYS A 21 -0.80 5.01 8.26
N GLN A 22 -0.83 5.75 7.15
CA GLN A 22 -1.11 7.18 7.19
C GLN A 22 -0.11 7.90 8.08
N GLN A 23 1.18 7.62 7.86
CA GLN A 23 2.24 8.24 8.66
C GLN A 23 3.33 8.80 7.75
N LEU A 24 4.31 9.47 8.35
CA LEU A 24 5.41 10.05 7.59
C LEU A 24 6.47 9.00 7.26
N ILE A 25 7.21 9.24 6.19
CA ILE A 25 8.25 8.32 5.77
C ILE A 25 9.59 9.03 5.59
N GLY A 26 10.60 8.57 6.32
CA GLY A 26 11.92 9.18 6.23
C GLY A 26 12.51 9.07 4.84
N HIS A 27 13.70 9.62 4.66
CA HIS A 27 14.38 9.59 3.37
C HIS A 27 15.25 8.33 3.25
N ASP A 28 16.03 8.06 4.29
CA ASP A 28 16.91 6.89 4.29
C ASP A 28 16.23 5.71 4.96
N SER A 29 14.94 5.54 4.70
CA SER A 29 14.17 4.45 5.28
C SER A 29 13.79 3.42 4.22
N ARG A 30 14.60 3.35 3.16
CA ARG A 30 14.34 2.41 2.08
C ARG A 30 12.87 2.38 1.72
N GLU A 31 12.31 3.55 1.43
CA GLU A 31 10.89 3.66 1.08
C GLU A 31 10.57 2.78 -0.13
N LEU A 32 9.42 2.12 -0.10
CA LEU A 32 9.00 1.26 -1.18
C LEU A 32 7.86 1.91 -1.99
N PHE A 33 8.14 3.09 -2.54
CA PHE A 33 7.16 3.81 -3.33
C PHE A 33 6.88 3.09 -4.64
N TYR A 34 5.62 3.07 -5.05
CA TYR A 34 5.22 2.42 -6.30
C TYR A 34 4.29 3.32 -7.12
N GLU A 35 3.92 2.84 -8.30
CA GLU A 35 3.03 3.60 -9.17
C GLU A 35 1.72 3.95 -8.46
N ASP A 36 1.34 3.11 -7.51
CA ASP A 36 0.11 3.33 -6.75
C ASP A 36 0.29 4.46 -5.74
N ARG A 37 1.05 4.18 -4.68
CA ARG A 37 1.30 5.17 -3.64
C ARG A 37 2.54 4.81 -2.83
N HIS A 38 2.99 5.74 -2.01
CA HIS A 38 4.18 5.52 -1.18
C HIS A 38 3.85 4.61 -0.01
N PHE A 39 4.80 3.74 0.35
CA PHE A 39 4.62 2.81 1.46
C PHE A 39 5.95 2.48 2.11
N HIS A 40 5.92 2.24 3.42
CA HIS A 40 7.13 1.91 4.16
C HIS A 40 7.69 0.56 3.71
N GLU A 41 8.75 0.11 4.38
CA GLU A 41 9.37 -1.16 4.05
C GLU A 41 8.56 -2.33 4.60
N GLY A 42 7.59 -2.02 5.45
CA GLY A 42 6.76 -3.06 6.04
C GLY A 42 5.31 -2.95 5.58
N CYS A 43 4.83 -1.74 5.42
CA CYS A 43 3.45 -1.52 4.98
C CYS A 43 3.21 -2.10 3.59
N PHE A 44 4.26 -2.14 2.78
CA PHE A 44 4.18 -2.67 1.44
C PHE A 44 4.13 -4.20 1.45
N ARG A 45 2.91 -4.73 1.56
CA ARG A 45 2.72 -6.18 1.59
C ARG A 45 1.49 -6.59 0.78
N CYS A 46 1.23 -7.88 0.73
CA CYS A 46 0.08 -8.40 -0.02
C CYS A 46 -1.23 -8.03 0.67
N CYS A 47 -2.30 -8.00 -0.10
CA CYS A 47 -3.62 -7.65 0.43
C CYS A 47 -4.44 -8.90 0.69
N ARG A 48 -3.78 -10.04 0.76
CA ARG A 48 -4.44 -11.31 1.00
C ARG A 48 -3.74 -12.10 2.10
N CYS A 49 -2.42 -12.01 2.14
CA CYS A 49 -1.62 -12.71 3.15
C CYS A 49 -0.60 -11.78 3.78
N GLN A 50 -0.77 -10.48 3.56
CA GLN A 50 0.13 -9.48 4.11
C GLN A 50 1.56 -10.00 4.13
N ARG A 51 2.00 -10.56 3.00
CA ARG A 51 3.35 -11.10 2.90
C ARG A 51 4.37 -9.97 2.72
N SER A 52 5.59 -10.22 3.19
CA SER A 52 6.66 -9.22 3.09
C SER A 52 7.27 -9.22 1.69
N LEU A 53 6.79 -8.31 0.84
CA LEU A 53 7.28 -8.20 -0.52
C LEU A 53 8.46 -7.23 -0.60
N ALA A 54 9.05 -6.94 0.56
CA ALA A 54 10.18 -6.02 0.62
C ALA A 54 11.37 -6.56 -0.17
N ASP A 55 11.60 -7.87 -0.06
CA ASP A 55 12.71 -8.51 -0.76
C ASP A 55 12.21 -9.70 -1.57
N GLU A 56 10.91 -9.75 -1.80
CA GLU A 56 10.31 -10.84 -2.56
C GLU A 56 9.53 -10.31 -3.77
N PRO A 57 9.38 -11.16 -4.79
CA PRO A 57 8.66 -10.80 -6.02
C PRO A 57 7.15 -10.65 -5.78
N PHE A 58 6.55 -9.70 -6.47
CA PHE A 58 5.11 -9.45 -6.33
C PHE A 58 4.50 -9.07 -7.68
N THR A 59 3.17 -8.93 -7.70
CA THR A 59 2.47 -8.58 -8.92
C THR A 59 1.21 -7.76 -8.61
N CYS A 60 1.25 -6.48 -8.94
CA CYS A 60 0.11 -5.59 -8.69
C CYS A 60 -0.78 -5.50 -9.93
N GLN A 61 -2.04 -5.13 -9.71
CA GLN A 61 -2.98 -5.00 -10.81
C GLN A 61 -3.56 -3.59 -10.87
N ASP A 62 -4.05 -3.10 -9.72
CA ASP A 62 -4.63 -1.77 -9.64
C ASP A 62 -4.99 -1.42 -8.20
N SER A 63 -4.68 -0.19 -7.80
CA SER A 63 -4.97 0.27 -6.45
C SER A 63 -4.81 -0.86 -5.45
N GLU A 64 -3.86 -1.76 -5.72
CA GLU A 64 -3.60 -2.89 -4.84
C GLU A 64 -2.30 -3.59 -5.22
N LEU A 65 -1.89 -4.56 -4.42
CA LEU A 65 -0.67 -5.31 -4.68
C LEU A 65 -0.82 -6.77 -4.25
N LEU A 66 -0.82 -7.66 -5.23
CA LEU A 66 -0.95 -9.09 -4.95
C LEU A 66 0.37 -9.82 -5.20
N CYS A 67 0.71 -10.72 -4.28
CA CYS A 67 1.95 -11.49 -4.39
C CYS A 67 1.82 -12.58 -5.45
N ASN A 68 2.95 -13.14 -5.86
CA ASN A 68 2.97 -14.19 -6.87
C ASN A 68 2.16 -15.39 -6.41
N ASP A 69 1.99 -15.52 -5.10
CA ASP A 69 1.23 -16.63 -4.54
C ASP A 69 -0.26 -16.30 -4.48
N CYS A 70 -0.60 -15.09 -4.93
CA CYS A 70 -2.00 -14.65 -4.93
C CYS A 70 -2.44 -14.29 -6.34
N TYR A 71 -1.49 -13.90 -7.18
CA TYR A 71 -1.79 -13.53 -8.56
C TYR A 71 -2.15 -14.74 -9.40
N CYS A 72 -1.42 -15.83 -9.19
CA CYS A 72 -1.65 -17.07 -9.92
C CYS A 72 -2.95 -17.73 -9.47
N SER A 73 -3.63 -17.10 -8.52
CA SER A 73 -4.88 -17.63 -8.00
C SER A 73 -5.89 -16.51 -7.78
N ALA A 74 -7.14 -16.88 -7.49
CA ALA A 74 -8.20 -15.91 -7.26
C ALA A 74 -8.60 -15.20 -8.55
N PHE A 75 -8.44 -15.90 -9.67
CA PHE A 75 -8.79 -15.35 -10.97
C PHE A 75 -10.08 -15.96 -11.51
N SER A 76 -10.62 -15.35 -12.56
CA SER A 76 -11.86 -15.84 -13.15
C SER A 76 -11.64 -17.18 -13.85
N SER A 77 -12.69 -17.69 -14.49
CA SER A 77 -12.61 -18.97 -15.18
C SER A 77 -11.77 -19.96 -14.40
N GLY A 78 -11.95 -19.99 -13.08
CA GLY A 78 -11.20 -20.89 -12.24
C GLY A 78 -12.08 -21.66 -11.27
N PRO A 79 -11.48 -22.58 -10.52
CA PRO A 79 -12.21 -23.40 -9.54
C PRO A 79 -12.67 -22.59 -8.34
N SER A 80 -13.93 -22.17 -8.36
CA SER A 80 -14.50 -21.38 -7.28
C SER A 80 -15.33 -22.27 -6.34
N SER A 81 -15.64 -21.73 -5.17
CA SER A 81 -16.42 -22.46 -4.18
C SER A 81 -17.50 -23.30 -4.86
N GLY A 82 -18.55 -22.63 -5.35
CA GLY A 82 -19.63 -23.32 -6.02
C GLY A 82 -20.89 -22.49 -6.11
ZN ZN B . 3.54 3.14 6.28
ZN ZN C . -0.68 -12.90 -1.36
N GLY A 1 -13.42 32.92 16.65
CA GLY A 1 -13.90 33.72 15.54
C GLY A 1 -13.31 33.28 14.21
N SER A 2 -13.14 34.24 13.30
CA SER A 2 -12.60 33.94 11.98
C SER A 2 -11.14 34.41 11.88
N SER A 3 -10.21 33.51 12.18
CA SER A 3 -8.80 33.83 12.13
C SER A 3 -8.47 34.61 10.86
N GLY A 4 -7.38 35.39 10.92
CA GLY A 4 -6.98 36.18 9.77
C GLY A 4 -5.83 35.54 9.01
N SER A 5 -5.65 34.23 9.19
CA SER A 5 -4.59 33.50 8.52
C SER A 5 -5.16 32.39 7.65
N SER A 6 -4.31 31.83 6.79
CA SER A 6 -4.73 30.75 5.89
C SER A 6 -3.64 29.68 5.79
N GLY A 7 -3.95 28.62 5.05
CA GLY A 7 -3.00 27.54 4.89
C GLY A 7 -3.16 26.81 3.57
N PRO A 8 -2.09 26.14 3.13
CA PRO A 8 -2.09 25.39 1.87
C PRO A 8 -2.97 24.15 1.93
N CYS A 9 -2.84 23.38 3.00
CA CYS A 9 -3.62 22.17 3.19
C CYS A 9 -3.44 21.61 4.60
N TYR A 10 -4.41 20.83 5.05
CA TYR A 10 -4.35 20.22 6.38
C TYR A 10 -4.04 18.74 6.29
N ASP A 11 -5.02 17.96 5.82
CA ASP A 11 -4.85 16.52 5.69
C ASP A 11 -3.41 16.17 5.29
N ASN A 12 -2.92 16.83 4.24
CA ASN A 12 -1.56 16.60 3.77
C ASN A 12 -0.54 17.32 4.63
N THR A 13 0.72 16.94 4.49
CA THR A 13 1.79 17.56 5.26
C THR A 13 2.98 17.92 4.37
N PHE A 14 3.97 18.59 4.95
CA PHE A 14 5.15 19.01 4.21
C PHE A 14 6.17 17.87 4.15
N ALA A 15 5.71 16.66 4.41
CA ALA A 15 6.59 15.48 4.38
C ALA A 15 5.83 14.24 3.94
N ASN A 16 6.43 13.47 3.04
CA ASN A 16 5.82 12.25 2.54
C ASN A 16 5.06 11.53 3.65
N THR A 17 3.94 10.89 3.29
CA THR A 17 3.13 10.16 4.25
C THR A 17 2.64 8.84 3.66
N CYS A 18 2.90 7.75 4.36
CA CYS A 18 2.48 6.43 3.91
C CYS A 18 1.00 6.43 3.54
N ALA A 19 0.66 5.74 2.45
CA ALA A 19 -0.72 5.66 1.99
C ALA A 19 -1.41 4.42 2.55
N GLU A 20 -0.89 3.91 3.66
CA GLU A 20 -1.46 2.73 4.30
C GLU A 20 -1.73 2.98 5.77
N CYS A 21 -0.72 3.51 6.47
CA CYS A 21 -0.85 3.80 7.90
C CYS A 21 -1.06 5.29 8.13
N GLN A 22 -0.90 6.08 7.07
CA GLN A 22 -1.07 7.53 7.17
C GLN A 22 -0.12 8.12 8.20
N GLN A 23 1.17 7.82 8.04
CA GLN A 23 2.19 8.32 8.97
C GLN A 23 3.35 8.93 8.21
N LEU A 24 4.28 9.55 8.94
CA LEU A 24 5.44 10.17 8.33
C LEU A 24 6.49 9.12 7.96
N ILE A 25 7.24 9.39 6.90
CA ILE A 25 8.27 8.46 6.44
C ILE A 25 9.62 9.16 6.34
N GLY A 26 10.58 8.75 7.16
CA GLY A 26 11.89 9.35 7.15
C GLY A 26 12.74 8.83 6.00
N HIS A 27 13.91 9.44 5.81
CA HIS A 27 14.82 9.04 4.74
C HIS A 27 15.58 7.77 5.12
N ASP A 28 16.03 7.71 6.37
CA ASP A 28 16.77 6.55 6.87
C ASP A 28 15.92 5.29 6.80
N SER A 29 14.62 5.44 7.06
CA SER A 29 13.70 4.30 7.02
C SER A 29 13.34 3.93 5.59
N ARG A 30 13.78 2.74 5.17
CA ARG A 30 13.51 2.26 3.83
C ARG A 30 12.10 2.62 3.39
N GLU A 31 11.94 2.91 2.10
CA GLU A 31 10.63 3.28 1.55
C GLU A 31 10.52 2.86 0.09
N LEU A 32 9.59 1.94 -0.18
CA LEU A 32 9.38 1.46 -1.54
C LEU A 32 8.60 2.49 -2.37
N PHE A 33 9.14 3.70 -2.46
CA PHE A 33 8.50 4.76 -3.22
C PHE A 33 7.89 4.23 -4.52
N TYR A 34 6.61 4.50 -4.72
CA TYR A 34 5.91 4.03 -5.91
C TYR A 34 5.39 5.21 -6.72
N GLU A 35 4.93 4.93 -7.94
CA GLU A 35 4.40 5.97 -8.81
C GLU A 35 3.17 6.62 -8.19
N ASP A 36 2.31 5.80 -7.59
CA ASP A 36 1.10 6.30 -6.96
C ASP A 36 1.41 7.05 -5.67
N ARG A 37 1.93 6.32 -4.68
CA ARG A 37 2.29 6.92 -3.40
C ARG A 37 3.42 6.15 -2.75
N HIS A 38 3.83 6.61 -1.56
CA HIS A 38 4.91 5.96 -0.82
C HIS A 38 4.37 4.92 0.14
N PHE A 39 5.19 3.92 0.47
CA PHE A 39 4.79 2.86 1.38
C PHE A 39 5.99 2.30 2.13
N HIS A 40 5.86 2.18 3.45
CA HIS A 40 6.94 1.67 4.27
C HIS A 40 7.27 0.22 3.90
N GLU A 41 8.40 -0.27 4.39
CA GLU A 41 8.83 -1.64 4.12
C GLU A 41 7.90 -2.65 4.79
N GLY A 42 7.13 -2.17 5.76
CA GLY A 42 6.21 -3.05 6.48
C GLY A 42 4.79 -2.96 5.95
N CYS A 43 4.30 -1.74 5.79
CA CYS A 43 2.95 -1.51 5.30
C CYS A 43 2.80 -2.05 3.87
N PHE A 44 3.85 -1.88 3.07
CA PHE A 44 3.84 -2.34 1.69
C PHE A 44 3.94 -3.87 1.62
N ARG A 45 2.80 -4.53 1.61
CA ARG A 45 2.77 -5.99 1.56
C ARG A 45 1.49 -6.49 0.87
N CYS A 46 1.55 -7.69 0.31
CA CYS A 46 0.41 -8.27 -0.38
C CYS A 46 -0.87 -8.02 0.39
N CYS A 47 -1.98 -7.91 -0.33
CA CYS A 47 -3.28 -7.66 0.28
C CYS A 47 -4.00 -8.98 0.57
N ARG A 48 -3.25 -10.07 0.57
CA ARG A 48 -3.81 -11.39 0.84
C ARG A 48 -3.00 -12.12 1.90
N CYS A 49 -1.69 -12.21 1.70
CA CYS A 49 -0.81 -12.89 2.64
C CYS A 49 -0.02 -11.88 3.46
N GLN A 50 -0.26 -10.60 3.20
CA GLN A 50 0.44 -9.53 3.91
C GLN A 50 1.95 -9.76 3.90
N ARG A 51 2.45 -10.34 2.80
CA ARG A 51 3.87 -10.61 2.66
C ARG A 51 4.62 -9.38 2.19
N SER A 52 5.81 -9.17 2.74
CA SER A 52 6.64 -8.02 2.38
C SER A 52 6.81 -7.93 0.87
N LEU A 53 6.58 -6.74 0.32
CA LEU A 53 6.71 -6.52 -1.12
C LEU A 53 7.88 -5.58 -1.42
N ALA A 54 9.08 -6.00 -1.02
CA ALA A 54 10.27 -5.20 -1.25
C ALA A 54 11.06 -5.72 -2.45
N ASP A 55 10.66 -5.28 -3.65
CA ASP A 55 11.32 -5.69 -4.88
C ASP A 55 11.08 -7.18 -5.14
N GLU A 56 9.94 -7.68 -4.70
CA GLU A 56 9.58 -9.08 -4.89
C GLU A 56 8.71 -9.25 -6.13
N PRO A 57 8.78 -10.45 -6.73
CA PRO A 57 8.01 -10.78 -7.94
C PRO A 57 6.52 -10.89 -7.66
N PHE A 58 5.74 -9.99 -8.24
CA PHE A 58 4.29 -9.99 -8.05
C PHE A 58 3.57 -9.47 -9.29
N THR A 59 2.26 -9.34 -9.21
CA THR A 59 1.46 -8.86 -10.33
C THR A 59 0.48 -7.79 -9.87
N CYS A 60 0.72 -6.54 -10.29
CA CYS A 60 -0.15 -5.43 -9.92
C CYS A 60 -1.49 -5.53 -10.63
N GLN A 61 -2.57 -5.48 -9.86
CA GLN A 61 -3.92 -5.57 -10.41
C GLN A 61 -4.64 -4.24 -10.28
N ASP A 62 -5.88 -4.19 -10.78
CA ASP A 62 -6.69 -2.98 -10.71
C ASP A 62 -6.78 -2.47 -9.28
N SER A 63 -6.27 -1.27 -9.04
CA SER A 63 -6.29 -0.67 -7.71
C SER A 63 -6.15 -1.73 -6.64
N GLU A 64 -5.12 -2.57 -6.78
CA GLU A 64 -4.86 -3.64 -5.82
C GLU A 64 -3.55 -4.36 -6.13
N LEU A 65 -2.73 -4.58 -5.11
CA LEU A 65 -1.46 -5.27 -5.28
C LEU A 65 -1.55 -6.71 -4.80
N LEU A 66 -1.35 -7.64 -5.72
CA LEU A 66 -1.40 -9.07 -5.38
C LEU A 66 -0.10 -9.76 -5.76
N CYS A 67 0.43 -10.56 -4.84
CA CYS A 67 1.67 -11.29 -5.09
C CYS A 67 1.44 -12.47 -6.03
N ASN A 68 2.52 -13.19 -6.34
CA ASN A 68 2.43 -14.34 -7.23
C ASN A 68 1.84 -15.55 -6.50
N ASP A 69 2.11 -15.65 -5.21
CA ASP A 69 1.60 -16.75 -4.40
C ASP A 69 0.11 -16.61 -4.17
N CYS A 70 -0.42 -15.43 -4.48
CA CYS A 70 -1.85 -15.17 -4.31
C CYS A 70 -2.53 -14.93 -5.65
N TYR A 71 -1.79 -14.33 -6.58
CA TYR A 71 -2.33 -14.06 -7.91
C TYR A 71 -2.56 -15.34 -8.69
N CYS A 72 -1.66 -16.30 -8.52
CA CYS A 72 -1.77 -17.58 -9.20
C CYS A 72 -2.48 -18.61 -8.34
N SER A 73 -3.54 -18.17 -7.65
CA SER A 73 -4.30 -19.06 -6.78
C SER A 73 -5.52 -19.61 -7.51
N ALA A 74 -6.32 -20.40 -6.79
CA ALA A 74 -7.51 -21.00 -7.36
C ALA A 74 -8.76 -20.21 -6.98
N PHE A 75 -8.67 -19.48 -5.88
CA PHE A 75 -9.79 -18.67 -5.39
C PHE A 75 -9.70 -17.25 -5.93
N SER A 76 -10.86 -16.64 -6.15
CA SER A 76 -10.91 -15.27 -6.66
C SER A 76 -11.70 -14.37 -5.72
N SER A 77 -10.98 -13.63 -4.88
CA SER A 77 -11.61 -12.73 -3.91
C SER A 77 -10.57 -11.79 -3.30
N GLY A 78 -11.04 -10.91 -2.40
CA GLY A 78 -10.14 -9.98 -1.77
C GLY A 78 -10.89 -8.85 -1.07
N PRO A 79 -10.16 -8.03 -0.30
CA PRO A 79 -10.73 -6.90 0.43
C PRO A 79 -11.18 -5.78 -0.49
N SER A 80 -12.07 -4.93 0.01
CA SER A 80 -12.58 -3.81 -0.79
C SER A 80 -11.74 -2.55 -0.55
N SER A 81 -10.85 -2.27 -1.47
CA SER A 81 -9.97 -1.10 -1.37
C SER A 81 -9.86 -0.38 -2.71
N GLY A 82 -10.28 0.88 -2.74
CA GLY A 82 -10.22 1.67 -3.96
C GLY A 82 -11.33 2.67 -4.06
ZN ZN B . 3.31 3.08 6.49
ZN ZN C . 0.03 -12.71 -1.49
N GLY A 1 -12.68 2.63 -1.96
CA GLY A 1 -11.55 3.09 -2.75
C GLY A 1 -11.55 4.59 -2.93
N SER A 2 -11.67 5.32 -1.84
CA SER A 2 -11.68 6.78 -1.88
C SER A 2 -10.99 7.38 -0.67
N SER A 3 -10.22 8.44 -0.88
CA SER A 3 -9.50 9.10 0.20
C SER A 3 -9.83 10.59 0.24
N GLY A 4 -10.45 11.01 1.34
CA GLY A 4 -10.81 12.41 1.49
C GLY A 4 -10.76 12.88 2.93
N SER A 5 -10.69 14.19 3.13
CA SER A 5 -10.63 14.76 4.46
C SER A 5 -11.24 16.16 4.48
N SER A 6 -12.28 16.33 5.30
CA SER A 6 -12.96 17.61 5.42
C SER A 6 -12.03 18.68 6.00
N GLY A 7 -12.32 19.93 5.69
CA GLY A 7 -11.50 21.02 6.20
C GLY A 7 -10.03 20.64 6.29
N PRO A 8 -9.32 20.76 5.17
CA PRO A 8 -7.89 20.43 5.10
C PRO A 8 -7.02 21.43 5.86
N CYS A 9 -6.29 20.94 6.85
CA CYS A 9 -5.42 21.79 7.66
C CYS A 9 -4.18 22.21 6.86
N TYR A 10 -3.53 23.27 7.32
CA TYR A 10 -2.34 23.78 6.65
C TYR A 10 -1.26 22.69 6.57
N ASP A 11 -1.15 22.07 5.40
CA ASP A 11 -0.17 21.02 5.19
C ASP A 11 1.16 21.60 4.73
N ASN A 12 1.90 22.17 5.68
CA ASN A 12 3.20 22.77 5.37
C ASN A 12 4.29 21.70 5.29
N THR A 13 4.46 20.96 6.38
CA THR A 13 5.47 19.90 6.43
C THR A 13 5.49 19.10 5.14
N PHE A 14 6.55 19.28 4.36
CA PHE A 14 6.71 18.58 3.09
C PHE A 14 7.44 17.25 3.29
N ALA A 15 6.71 16.24 3.74
CA ALA A 15 7.30 14.92 3.98
C ALA A 15 6.34 13.81 3.54
N ASN A 16 6.78 13.00 2.60
CA ASN A 16 5.97 11.89 2.10
C ASN A 16 5.19 11.23 3.23
N THR A 17 3.96 10.80 2.92
CA THR A 17 3.12 10.16 3.92
C THR A 17 2.60 8.82 3.41
N CYS A 18 2.80 7.77 4.20
CA CYS A 18 2.35 6.43 3.82
C CYS A 18 0.85 6.44 3.46
N ALA A 19 0.48 5.59 2.51
CA ALA A 19 -0.91 5.50 2.08
C ALA A 19 -1.64 4.36 2.81
N GLU A 20 -0.97 3.76 3.78
CA GLU A 20 -1.54 2.66 4.55
C GLU A 20 -1.85 3.10 5.98
N CYS A 21 -0.81 3.43 6.72
CA CYS A 21 -0.96 3.87 8.11
C CYS A 21 -1.08 5.38 8.20
N GLN A 22 -0.98 6.05 7.05
CA GLN A 22 -1.07 7.49 6.99
C GLN A 22 -0.05 8.14 7.91
N GLN A 23 1.06 7.45 8.14
CA GLN A 23 2.12 7.95 9.00
C GLN A 23 3.24 8.59 8.17
N LEU A 24 4.15 9.28 8.85
CA LEU A 24 5.26 9.94 8.18
C LEU A 24 6.28 8.92 7.70
N ILE A 25 7.09 9.31 6.72
CA ILE A 25 8.12 8.43 6.17
C ILE A 25 9.49 9.10 6.20
N GLY A 26 10.23 8.88 7.29
CA GLY A 26 11.55 9.46 7.41
C GLY A 26 12.34 9.38 6.12
N HIS A 27 13.35 10.25 5.99
CA HIS A 27 14.19 10.28 4.80
C HIS A 27 15.22 9.16 4.85
N ASP A 28 15.53 8.69 6.05
CA ASP A 28 16.50 7.62 6.22
C ASP A 28 15.83 6.25 6.13
N SER A 29 14.51 6.25 6.02
CA SER A 29 13.75 5.01 5.93
C SER A 29 13.71 4.50 4.49
N ARG A 30 13.89 3.20 4.32
CA ARG A 30 13.87 2.59 3.00
C ARG A 30 12.44 2.37 2.51
N GLU A 31 11.65 3.44 2.53
CA GLU A 31 10.25 3.37 2.09
C GLU A 31 10.17 3.15 0.58
N LEU A 32 9.27 2.27 0.17
CA LEU A 32 9.08 1.97 -1.24
C LEU A 32 8.15 2.99 -1.90
N PHE A 33 8.58 3.53 -3.04
CA PHE A 33 7.79 4.51 -3.76
C PHE A 33 7.40 3.99 -5.15
N TYR A 34 6.10 3.95 -5.43
CA TYR A 34 5.60 3.48 -6.70
C TYR A 34 4.81 4.56 -7.42
N GLU A 35 4.78 4.49 -8.75
CA GLU A 35 4.05 5.46 -9.55
C GLU A 35 2.65 5.69 -9.00
N ASP A 36 2.12 4.69 -8.30
CA ASP A 36 0.79 4.77 -7.72
C ASP A 36 0.84 5.52 -6.38
N ARG A 37 1.35 4.85 -5.35
CA ARG A 37 1.44 5.45 -4.02
C ARG A 37 2.69 4.96 -3.30
N HIS A 38 2.99 5.58 -2.16
CA HIS A 38 4.16 5.20 -1.37
C HIS A 38 3.75 4.35 -0.17
N PHE A 39 4.70 3.56 0.33
CA PHE A 39 4.44 2.69 1.48
C PHE A 39 5.74 2.32 2.18
N HIS A 40 5.67 2.15 3.50
CA HIS A 40 6.84 1.79 4.28
C HIS A 40 7.36 0.42 3.88
N GLU A 41 8.50 0.03 4.46
CA GLU A 41 9.10 -1.26 4.16
C GLU A 41 8.26 -2.41 4.71
N GLY A 42 7.36 -2.08 5.63
CA GLY A 42 6.51 -3.08 6.22
C GLY A 42 5.09 -3.05 5.67
N CYS A 43 4.60 -1.85 5.38
CA CYS A 43 3.25 -1.68 4.84
C CYS A 43 3.16 -2.24 3.42
N PHE A 44 4.25 -2.10 2.67
CA PHE A 44 4.29 -2.58 1.30
C PHE A 44 4.28 -4.11 1.26
N ARG A 45 3.11 -4.70 1.49
CA ARG A 45 2.98 -6.16 1.49
C ARG A 45 1.62 -6.56 0.91
N CYS A 46 1.56 -7.78 0.38
CA CYS A 46 0.33 -8.29 -0.21
C CYS A 46 -0.87 -7.95 0.66
N CYS A 47 -2.04 -7.82 0.03
CA CYS A 47 -3.26 -7.49 0.74
C CYS A 47 -4.11 -8.73 0.97
N ARG A 48 -3.49 -9.90 0.85
CA ARG A 48 -4.19 -11.16 1.05
C ARG A 48 -3.49 -12.02 2.11
N CYS A 49 -2.17 -12.12 2.00
CA CYS A 49 -1.38 -12.90 2.95
C CYS A 49 -0.48 -12.00 3.77
N GLN A 50 -0.54 -10.70 3.51
CA GLN A 50 0.28 -9.73 4.22
C GLN A 50 1.75 -10.11 4.15
N ARG A 51 2.15 -10.69 3.03
CA ARG A 51 3.54 -11.10 2.83
C ARG A 51 4.38 -9.93 2.31
N SER A 52 5.60 -9.82 2.83
CA SER A 52 6.50 -8.74 2.44
C SER A 52 6.89 -8.88 0.97
N LEU A 53 7.01 -7.74 0.29
CA LEU A 53 7.38 -7.73 -1.12
C LEU A 53 8.58 -6.82 -1.36
N ALA A 54 9.35 -6.57 -0.30
CA ALA A 54 10.53 -5.73 -0.40
C ALA A 54 11.58 -6.35 -1.31
N ASP A 55 11.85 -7.63 -1.09
CA ASP A 55 12.84 -8.36 -1.88
C ASP A 55 12.17 -9.45 -2.71
N GLU A 56 10.85 -9.39 -2.81
CA GLU A 56 10.10 -10.38 -3.57
C GLU A 56 9.29 -9.71 -4.68
N PRO A 57 9.09 -10.43 -5.79
CA PRO A 57 8.34 -9.93 -6.94
C PRO A 57 6.85 -9.79 -6.64
N PHE A 58 6.22 -8.79 -7.25
CA PHE A 58 4.79 -8.56 -7.06
C PHE A 58 4.10 -8.27 -8.38
N THR A 59 2.77 -8.21 -8.34
CA THR A 59 1.99 -7.95 -9.54
C THR A 59 0.65 -7.30 -9.19
N CYS A 60 0.40 -6.12 -9.76
CA CYS A 60 -0.84 -5.40 -9.51
C CYS A 60 -1.79 -5.54 -10.69
N GLN A 61 -3.09 -5.61 -10.40
CA GLN A 61 -4.11 -5.75 -11.43
C GLN A 61 -5.01 -4.52 -11.46
N ASP A 62 -5.37 -4.03 -10.28
CA ASP A 62 -6.24 -2.86 -10.17
C ASP A 62 -6.24 -2.32 -8.76
N SER A 63 -5.64 -1.15 -8.57
CA SER A 63 -5.56 -0.52 -7.25
C SER A 63 -5.41 -1.56 -6.16
N GLU A 64 -4.60 -2.58 -6.44
CA GLU A 64 -4.36 -3.65 -5.47
C GLU A 64 -3.11 -4.45 -5.83
N LEU A 65 -2.20 -4.58 -4.87
CA LEU A 65 -0.96 -5.31 -5.09
C LEU A 65 -1.10 -6.76 -4.64
N LEU A 66 -1.00 -7.68 -5.59
CA LEU A 66 -1.11 -9.11 -5.29
C LEU A 66 0.19 -9.84 -5.61
N CYS A 67 0.70 -10.59 -4.64
CA CYS A 67 1.94 -11.34 -4.82
C CYS A 67 1.74 -12.45 -5.85
N ASN A 68 2.82 -13.17 -6.14
CA ASN A 68 2.78 -14.27 -7.11
C ASN A 68 2.11 -15.50 -6.50
N ASP A 69 1.98 -15.50 -5.17
CA ASP A 69 1.35 -16.61 -4.47
C ASP A 69 -0.14 -16.39 -4.32
N CYS A 70 -0.60 -15.21 -4.72
CA CYS A 70 -2.02 -14.87 -4.64
C CYS A 70 -2.58 -14.52 -6.01
N TYR A 71 -1.70 -14.13 -6.92
CA TYR A 71 -2.10 -13.76 -8.27
C TYR A 71 -2.37 -15.00 -9.12
N CYS A 72 -1.69 -16.10 -8.78
CA CYS A 72 -1.85 -17.35 -9.51
C CYS A 72 -3.04 -18.15 -8.95
N SER A 73 -4.10 -17.45 -8.59
CA SER A 73 -5.30 -18.09 -8.05
C SER A 73 -5.66 -19.34 -8.85
N ALA A 74 -6.45 -20.21 -8.25
CA ALA A 74 -6.88 -21.43 -8.92
C ALA A 74 -5.75 -22.45 -8.97
N PHE A 75 -4.90 -22.44 -7.94
CA PHE A 75 -3.77 -23.36 -7.86
C PHE A 75 -4.18 -24.75 -8.36
N SER A 76 -3.48 -25.22 -9.38
CA SER A 76 -3.77 -26.53 -9.95
C SER A 76 -2.76 -27.57 -9.47
N SER A 77 -3.06 -28.17 -8.32
CA SER A 77 -2.18 -29.18 -7.74
C SER A 77 -2.43 -30.54 -8.37
N GLY A 78 -1.80 -30.78 -9.52
CA GLY A 78 -1.96 -32.05 -10.21
C GLY A 78 -3.31 -32.17 -10.89
N PRO A 79 -3.69 -33.41 -11.22
CA PRO A 79 -4.97 -33.69 -11.89
C PRO A 79 -6.17 -33.45 -10.97
N SER A 80 -7.22 -32.86 -11.51
CA SER A 80 -8.43 -32.58 -10.74
C SER A 80 -9.35 -33.78 -10.71
N SER A 81 -8.79 -34.94 -10.37
CA SER A 81 -9.56 -36.18 -10.32
C SER A 81 -10.23 -36.35 -8.95
N GLY A 82 -11.27 -35.55 -8.71
CA GLY A 82 -11.98 -35.62 -7.45
C GLY A 82 -12.60 -36.98 -7.21
ZN ZN B . 3.31 2.96 6.46
ZN ZN C . -0.43 -12.77 -1.25
N GLY A 1 -24.71 -2.01 5.26
CA GLY A 1 -24.40 -0.85 6.08
C GLY A 1 -22.93 -0.50 6.07
N SER A 2 -22.63 0.79 6.16
CA SER A 2 -21.26 1.27 6.14
C SER A 2 -21.03 2.34 7.19
N SER A 3 -19.77 2.65 7.45
CA SER A 3 -19.42 3.66 8.45
C SER A 3 -19.48 5.07 7.85
N GLY A 4 -18.78 5.25 6.73
CA GLY A 4 -18.76 6.54 6.07
C GLY A 4 -17.36 7.00 5.73
N SER A 5 -17.24 7.78 4.66
CA SER A 5 -15.94 8.29 4.23
C SER A 5 -15.63 9.63 4.90
N SER A 6 -14.37 9.84 5.22
CA SER A 6 -13.94 11.08 5.87
C SER A 6 -12.42 11.12 6.01
N GLY A 7 -11.91 12.21 6.60
CA GLY A 7 -10.49 12.35 6.80
C GLY A 7 -10.07 13.78 7.02
N PRO A 8 -10.39 14.32 8.21
CA PRO A 8 -10.05 15.71 8.57
C PRO A 8 -8.56 15.90 8.77
N CYS A 9 -7.84 16.11 7.67
CA CYS A 9 -6.39 16.31 7.72
C CYS A 9 -6.06 17.80 7.76
N TYR A 10 -5.38 18.22 8.82
CA TYR A 10 -5.00 19.62 8.97
C TYR A 10 -3.50 19.75 9.18
N ASP A 11 -2.77 18.68 8.91
CA ASP A 11 -1.32 18.68 9.06
C ASP A 11 -0.63 18.86 7.71
N ASN A 12 -0.92 19.97 7.05
CA ASN A 12 -0.34 20.28 5.75
C ASN A 12 1.18 20.47 5.87
N THR A 13 1.93 19.52 5.35
CA THR A 13 3.39 19.58 5.39
C THR A 13 4.01 18.78 4.26
N PHE A 14 5.15 19.25 3.76
CA PHE A 14 5.85 18.59 2.66
C PHE A 14 6.67 17.42 3.19
N ALA A 15 6.01 16.30 3.46
CA ALA A 15 6.68 15.10 3.96
C ALA A 15 5.99 13.84 3.48
N ASN A 16 6.79 12.83 3.14
CA ASN A 16 6.25 11.56 2.66
C ASN A 16 5.40 10.88 3.73
N THR A 17 4.08 10.98 3.56
CA THR A 17 3.15 10.38 4.51
C THR A 17 2.56 9.08 3.97
N CYS A 18 3.03 7.96 4.51
CA CYS A 18 2.55 6.65 4.09
C CYS A 18 1.06 6.69 3.79
N ALA A 19 0.69 6.23 2.59
CA ALA A 19 -0.71 6.22 2.19
C ALA A 19 -1.44 5.02 2.79
N GLU A 20 -0.78 4.33 3.70
CA GLU A 20 -1.37 3.16 4.35
C GLU A 20 -1.77 3.49 5.79
N CYS A 21 -0.80 3.93 6.58
CA CYS A 21 -1.06 4.27 7.98
C CYS A 21 -1.11 5.79 8.16
N GLN A 22 -1.03 6.52 7.05
CA GLN A 22 -1.08 7.97 7.10
C GLN A 22 -0.04 8.52 8.07
N GLN A 23 1.10 7.83 8.16
CA GLN A 23 2.17 8.25 9.06
C GLN A 23 3.35 8.79 8.26
N LEU A 24 4.24 9.52 8.94
CA LEU A 24 5.42 10.09 8.31
C LEU A 24 6.47 9.01 8.03
N ILE A 25 7.29 9.24 7.02
CA ILE A 25 8.34 8.29 6.65
C ILE A 25 9.73 8.90 6.85
N GLY A 26 10.39 8.49 7.92
CA GLY A 26 11.73 9.00 8.20
C GLY A 26 12.74 8.59 7.15
N HIS A 27 13.89 9.26 7.14
CA HIS A 27 14.95 8.96 6.19
C HIS A 27 15.68 7.67 6.57
N ASP A 28 15.44 7.21 7.79
CA ASP A 28 16.07 5.99 8.29
C ASP A 28 15.19 4.78 8.04
N SER A 29 14.07 5.00 7.34
CA SER A 29 13.14 3.93 7.04
C SER A 29 13.11 3.63 5.54
N ARG A 30 13.40 2.39 5.18
CA ARG A 30 13.41 1.99 3.78
C ARG A 30 12.00 1.98 3.20
N GLU A 31 11.54 3.15 2.74
CA GLU A 31 10.20 3.27 2.17
C GLU A 31 10.15 2.66 0.78
N LEU A 32 9.14 1.82 0.54
CA LEU A 32 8.97 1.17 -0.75
C LEU A 32 8.19 2.06 -1.71
N PHE A 33 8.74 3.22 -2.02
CA PHE A 33 8.10 4.16 -2.93
C PHE A 33 7.56 3.45 -4.17
N TYR A 34 6.42 3.91 -4.67
CA TYR A 34 5.80 3.31 -5.84
C TYR A 34 5.14 4.38 -6.71
N GLU A 35 4.93 4.05 -7.98
CA GLU A 35 4.32 4.98 -8.92
C GLU A 35 3.05 5.58 -8.33
N ASP A 36 2.29 4.76 -7.63
CA ASP A 36 1.04 5.21 -7.00
C ASP A 36 1.33 6.09 -5.78
N ARG A 37 1.81 5.46 -4.71
CA ARG A 37 2.13 6.17 -3.48
C ARG A 37 3.34 5.56 -2.79
N HIS A 38 3.80 6.22 -1.73
CA HIS A 38 4.96 5.74 -0.98
C HIS A 38 4.53 5.12 0.34
N PHE A 39 4.91 3.86 0.56
CA PHE A 39 4.56 3.15 1.77
C PHE A 39 5.81 2.63 2.48
N HIS A 40 5.69 2.41 3.79
CA HIS A 40 6.82 1.91 4.58
C HIS A 40 7.21 0.51 4.12
N GLU A 41 8.20 -0.07 4.82
CA GLU A 41 8.68 -1.41 4.48
C GLU A 41 7.74 -2.48 5.05
N GLY A 42 6.92 -2.07 6.02
CA GLY A 42 5.99 -3.00 6.63
C GLY A 42 4.55 -2.77 6.20
N CYS A 43 4.36 -1.80 5.32
CA CYS A 43 3.03 -1.47 4.82
C CYS A 43 2.87 -1.88 3.37
N PHE A 44 4.00 -2.14 2.71
CA PHE A 44 3.99 -2.54 1.30
C PHE A 44 4.12 -4.06 1.16
N ARG A 45 3.03 -4.76 1.44
CA ARG A 45 3.02 -6.22 1.35
C ARG A 45 1.75 -6.71 0.67
N CYS A 46 1.71 -8.00 0.34
CA CYS A 46 0.56 -8.59 -0.32
C CYS A 46 -0.72 -8.28 0.44
N CYS A 47 -1.79 -8.02 -0.30
CA CYS A 47 -3.08 -7.69 0.30
C CYS A 47 -3.84 -8.95 0.68
N ARG A 48 -3.11 -10.05 0.81
CA ARG A 48 -3.72 -11.34 1.16
C ARG A 48 -2.95 -12.01 2.30
N CYS A 49 -1.64 -12.15 2.11
CA CYS A 49 -0.80 -12.78 3.12
C CYS A 49 0.25 -11.79 3.64
N GLN A 50 0.02 -10.51 3.41
CA GLN A 50 0.94 -9.47 3.85
C GLN A 50 2.39 -9.94 3.74
N ARG A 51 2.67 -10.75 2.72
CA ARG A 51 4.01 -11.27 2.52
C ARG A 51 5.00 -10.14 2.22
N SER A 52 6.26 -10.37 2.57
CA SER A 52 7.29 -9.37 2.34
C SER A 52 7.57 -9.19 0.85
N LEU A 53 6.85 -8.26 0.23
CA LEU A 53 7.01 -7.99 -1.19
C LEU A 53 8.08 -6.94 -1.43
N ALA A 54 8.74 -6.52 -0.37
CA ALA A 54 9.80 -5.52 -0.45
C ALA A 54 10.88 -5.96 -1.43
N ASP A 55 11.40 -7.16 -1.24
CA ASP A 55 12.44 -7.69 -2.11
C ASP A 55 11.89 -8.80 -3.01
N GLU A 56 10.57 -8.79 -3.19
CA GLU A 56 9.92 -9.80 -4.04
C GLU A 56 8.96 -9.13 -5.02
N PRO A 57 8.76 -9.78 -6.18
CA PRO A 57 7.87 -9.29 -7.23
C PRO A 57 6.40 -9.35 -6.83
N PHE A 58 5.54 -8.80 -7.66
CA PHE A 58 4.10 -8.80 -7.39
C PHE A 58 3.32 -8.37 -8.64
N THR A 59 2.00 -8.50 -8.56
CA THR A 59 1.13 -8.13 -9.67
C THR A 59 0.19 -7.01 -9.29
N CYS A 60 0.03 -6.03 -10.19
CA CYS A 60 -0.85 -4.90 -9.95
C CYS A 60 -2.13 -5.02 -10.74
N GLN A 61 -2.94 -6.03 -10.42
CA GLN A 61 -4.21 -6.26 -11.12
C GLN A 61 -5.38 -5.74 -10.28
N ASP A 62 -6.23 -4.94 -10.91
CA ASP A 62 -7.39 -4.38 -10.23
C ASP A 62 -6.97 -3.45 -9.10
N SER A 63 -5.67 -3.17 -9.03
CA SER A 63 -5.14 -2.30 -8.00
C SER A 63 -4.91 -3.06 -6.70
N GLU A 64 -4.59 -4.35 -6.82
CA GLU A 64 -4.36 -5.19 -5.65
C GLU A 64 -3.03 -5.93 -5.79
N LEU A 65 -2.00 -5.39 -5.12
CA LEU A 65 -0.67 -6.00 -5.15
C LEU A 65 -0.71 -7.44 -4.64
N LEU A 66 -1.14 -8.34 -5.51
CA LEU A 66 -1.23 -9.76 -5.15
C LEU A 66 0.05 -10.50 -5.54
N CYS A 67 0.59 -11.28 -4.61
CA CYS A 67 1.79 -12.04 -4.85
C CYS A 67 1.54 -13.17 -5.84
N ASN A 68 2.55 -13.50 -6.64
CA ASN A 68 2.43 -14.56 -7.63
C ASN A 68 1.65 -15.74 -7.06
N ASP A 69 1.76 -15.96 -5.76
CA ASP A 69 1.06 -17.04 -5.10
C ASP A 69 -0.44 -16.80 -5.09
N CYS A 70 -0.84 -15.57 -4.80
CA CYS A 70 -2.25 -15.21 -4.77
C CYS A 70 -2.77 -14.92 -6.17
N TYR A 71 -1.86 -14.76 -7.12
CA TYR A 71 -2.23 -14.47 -8.50
C TYR A 71 -2.89 -15.68 -9.14
N CYS A 72 -2.26 -16.84 -9.00
CA CYS A 72 -2.79 -18.07 -9.57
C CYS A 72 -3.75 -18.75 -8.60
N SER A 73 -4.68 -17.97 -8.06
CA SER A 73 -5.65 -18.51 -7.11
C SER A 73 -6.89 -19.03 -7.83
N ALA A 74 -7.67 -19.85 -7.14
CA ALA A 74 -8.88 -20.42 -7.72
C ALA A 74 -8.62 -20.98 -9.12
N PHE A 75 -7.41 -21.47 -9.32
CA PHE A 75 -7.03 -22.04 -10.62
C PHE A 75 -7.67 -21.27 -11.76
N SER A 76 -7.60 -19.94 -11.69
CA SER A 76 -8.18 -19.09 -12.71
C SER A 76 -7.63 -19.45 -14.09
N SER A 77 -8.53 -19.84 -14.99
CA SER A 77 -8.13 -20.22 -16.34
C SER A 77 -9.26 -19.93 -17.34
N GLY A 78 -8.91 -19.89 -18.62
CA GLY A 78 -9.90 -19.63 -19.65
C GLY A 78 -10.97 -20.70 -19.72
N PRO A 79 -11.98 -20.47 -20.57
CA PRO A 79 -13.09 -21.41 -20.76
C PRO A 79 -12.65 -22.69 -21.44
N SER A 80 -11.38 -22.75 -21.84
CA SER A 80 -10.84 -23.92 -22.52
C SER A 80 -10.37 -24.97 -21.52
N SER A 81 -11.31 -25.73 -20.97
CA SER A 81 -11.00 -26.75 -19.99
C SER A 81 -9.78 -27.57 -20.43
N GLY A 82 -9.18 -28.28 -19.48
CA GLY A 82 -8.01 -29.09 -19.79
C GLY A 82 -6.76 -28.60 -19.08
ZN ZN B . 3.32 2.98 6.63
ZN ZN C . -0.33 -13.27 -1.34
N GLY A 1 -24.73 25.55 14.10
CA GLY A 1 -23.40 24.98 14.06
C GLY A 1 -22.48 25.62 15.08
N SER A 2 -21.54 24.84 15.60
CA SER A 2 -20.59 25.33 16.60
C SER A 2 -19.57 26.26 15.96
N SER A 3 -18.97 27.12 16.78
CA SER A 3 -17.96 28.06 16.28
C SER A 3 -16.67 27.34 15.91
N GLY A 4 -16.51 26.13 16.43
CA GLY A 4 -15.31 25.36 16.14
C GLY A 4 -14.05 26.21 16.14
N SER A 5 -13.12 25.87 15.27
CA SER A 5 -11.86 26.61 15.16
C SER A 5 -11.17 26.32 13.84
N SER A 6 -10.42 27.30 13.35
CA SER A 6 -9.70 27.15 12.09
C SER A 6 -8.74 25.97 12.14
N GLY A 7 -7.83 25.99 13.11
CA GLY A 7 -6.87 24.93 13.25
C GLY A 7 -5.47 25.33 12.81
N PRO A 8 -4.53 24.37 12.84
CA PRO A 8 -3.15 24.61 12.43
C PRO A 8 -3.00 24.85 10.94
N CYS A 9 -2.39 25.98 10.58
CA CYS A 9 -2.20 26.32 9.18
C CYS A 9 -0.71 26.36 8.83
N TYR A 10 0.13 26.12 9.83
CA TYR A 10 1.58 26.12 9.64
C TYR A 10 2.16 24.72 9.81
N ASP A 11 2.86 24.24 8.78
CA ASP A 11 3.47 22.92 8.83
C ASP A 11 4.95 22.99 8.46
N ASN A 12 5.79 23.20 9.45
CA ASN A 12 7.23 23.30 9.23
C ASN A 12 7.78 21.98 8.70
N THR A 13 7.41 20.89 9.34
CA THR A 13 7.87 19.56 8.93
C THR A 13 7.11 19.08 7.70
N PHE A 14 7.83 18.41 6.80
CA PHE A 14 7.23 17.89 5.57
C PHE A 14 7.39 16.38 5.48
N ALA A 15 7.31 15.71 6.62
CA ALA A 15 7.45 14.26 6.67
C ALA A 15 6.34 13.58 5.86
N ASN A 16 6.67 13.18 4.63
CA ASN A 16 5.71 12.51 3.77
C ASN A 16 4.79 11.59 4.57
N THR A 17 3.60 11.35 4.05
CA THR A 17 2.63 10.49 4.71
C THR A 17 2.49 9.16 3.98
N CYS A 18 2.81 8.07 4.66
CA CYS A 18 2.71 6.74 4.08
C CYS A 18 1.42 6.58 3.28
N ALA A 19 1.38 5.57 2.43
CA ALA A 19 0.21 5.31 1.60
C ALA A 19 -0.65 4.20 2.20
N GLU A 20 -0.01 3.26 2.88
CA GLU A 20 -0.72 2.14 3.50
C GLU A 20 -1.37 2.57 4.80
N CYS A 21 -0.54 2.82 5.81
CA CYS A 21 -1.04 3.24 7.12
C CYS A 21 -1.40 4.72 7.12
N GLN A 22 -0.63 5.51 6.37
CA GLN A 22 -0.87 6.95 6.29
C GLN A 22 -0.51 7.64 7.60
N GLN A 23 0.63 7.27 8.16
CA GLN A 23 1.09 7.86 9.42
C GLN A 23 2.19 8.87 9.17
N LEU A 24 3.40 8.38 8.92
CA LEU A 24 4.54 9.25 8.68
C LEU A 24 5.65 8.50 7.94
N ILE A 25 6.55 9.24 7.31
CA ILE A 25 7.65 8.64 6.56
C ILE A 25 8.94 9.43 6.79
N GLY A 26 9.88 8.82 7.52
CA GLY A 26 11.14 9.47 7.78
C GLY A 26 12.29 8.87 6.99
N HIS A 27 13.52 9.20 7.36
CA HIS A 27 14.70 8.70 6.67
C HIS A 27 14.96 7.24 7.04
N ASP A 28 16.06 6.70 6.54
CA ASP A 28 16.42 5.31 6.82
C ASP A 28 15.18 4.43 6.92
N SER A 29 14.20 4.69 6.06
CA SER A 29 12.96 3.92 6.05
C SER A 29 12.76 3.24 4.69
N ARG A 30 13.81 3.17 3.90
CA ARG A 30 13.75 2.54 2.59
C ARG A 30 12.43 2.88 1.90
N GLU A 31 12.20 4.16 1.66
CA GLU A 31 10.97 4.61 1.00
C GLU A 31 10.82 3.96 -0.37
N LEU A 32 9.88 3.03 -0.48
CA LEU A 32 9.64 2.34 -1.74
C LEU A 32 8.71 3.14 -2.64
N PHE A 33 8.95 4.45 -2.71
CA PHE A 33 8.13 5.34 -3.53
C PHE A 33 7.77 4.67 -4.86
N TYR A 34 6.61 4.03 -4.89
CA TYR A 34 6.15 3.35 -6.11
C TYR A 34 5.52 4.33 -7.08
N GLU A 35 5.11 3.83 -8.24
CA GLU A 35 4.49 4.67 -9.26
C GLU A 35 3.11 5.13 -8.80
N ASP A 36 2.69 4.66 -7.64
CA ASP A 36 1.39 5.03 -7.09
C ASP A 36 1.54 6.03 -5.96
N ARG A 37 2.16 5.58 -4.86
CA ARG A 37 2.36 6.44 -3.70
C ARG A 37 3.54 5.96 -2.86
N HIS A 38 3.77 6.61 -1.73
CA HIS A 38 4.86 6.24 -0.84
C HIS A 38 4.38 5.29 0.25
N PHE A 39 5.11 4.20 0.46
CA PHE A 39 4.75 3.22 1.48
C PHE A 39 5.98 2.82 2.30
N HIS A 40 5.75 2.58 3.59
CA HIS A 40 6.83 2.20 4.50
C HIS A 40 7.59 0.99 3.94
N GLU A 41 8.61 0.55 4.68
CA GLU A 41 9.41 -0.59 4.26
C GLU A 41 8.72 -1.90 4.61
N GLY A 42 7.74 -1.83 5.50
CA GLY A 42 7.01 -3.01 5.91
C GLY A 42 5.55 -2.96 5.50
N CYS A 43 5.01 -1.75 5.37
CA CYS A 43 3.62 -1.56 4.99
C CYS A 43 3.31 -2.26 3.67
N PHE A 44 4.28 -2.23 2.75
CA PHE A 44 4.12 -2.86 1.46
C PHE A 44 4.02 -4.38 1.59
N ARG A 45 2.80 -4.89 1.59
CA ARG A 45 2.56 -6.32 1.72
C ARG A 45 1.33 -6.75 0.91
N CYS A 46 1.21 -8.05 0.68
CA CYS A 46 0.08 -8.59 -0.07
C CYS A 46 -1.24 -8.24 0.61
N CYS A 47 -2.33 -8.33 -0.15
CA CYS A 47 -3.65 -8.03 0.38
C CYS A 47 -4.36 -9.30 0.83
N ARG A 48 -3.61 -10.39 0.96
CA ARG A 48 -4.16 -11.66 1.38
C ARG A 48 -3.34 -12.27 2.52
N CYS A 49 -2.04 -12.41 2.30
CA CYS A 49 -1.15 -12.97 3.31
C CYS A 49 -0.30 -11.88 3.95
N GLN A 50 -0.62 -10.62 3.65
CA GLN A 50 0.11 -9.49 4.20
C GLN A 50 1.60 -9.80 4.30
N ARG A 51 2.08 -10.66 3.40
CA ARG A 51 3.48 -11.05 3.39
C ARG A 51 4.36 -9.88 2.96
N SER A 52 5.61 -9.87 3.43
CA SER A 52 6.54 -8.81 3.10
C SER A 52 6.75 -8.70 1.59
N LEU A 53 6.62 -7.49 1.07
CA LEU A 53 6.79 -7.25 -0.36
C LEU A 53 7.80 -6.14 -0.62
N ALA A 54 8.47 -5.70 0.44
CA ALA A 54 9.47 -4.65 0.33
C ALA A 54 10.49 -4.96 -0.76
N ASP A 55 11.04 -6.17 -0.71
CA ASP A 55 12.03 -6.60 -1.69
C ASP A 55 11.60 -7.91 -2.34
N GLU A 56 10.32 -8.02 -2.68
CA GLU A 56 9.78 -9.22 -3.31
C GLU A 56 8.89 -8.85 -4.50
N PRO A 57 8.86 -9.74 -5.50
CA PRO A 57 8.06 -9.54 -6.71
C PRO A 57 6.56 -9.65 -6.43
N PHE A 58 5.80 -8.68 -6.93
CA PHE A 58 4.35 -8.67 -6.73
C PHE A 58 3.64 -8.27 -8.02
N THR A 59 2.31 -8.21 -7.96
CA THR A 59 1.50 -7.85 -9.11
C THR A 59 0.43 -6.82 -8.74
N CYS A 60 0.42 -5.70 -9.46
CA CYS A 60 -0.56 -4.65 -9.20
C CYS A 60 -1.88 -4.95 -9.88
N GLN A 61 -2.82 -5.52 -9.14
CA GLN A 61 -4.13 -5.86 -9.67
C GLN A 61 -5.10 -4.70 -9.52
N ASP A 62 -6.23 -4.79 -10.21
CA ASP A 62 -7.25 -3.75 -10.15
C ASP A 62 -7.52 -3.33 -8.70
N SER A 63 -7.16 -2.09 -8.37
CA SER A 63 -7.36 -1.58 -7.02
C SER A 63 -7.16 -2.67 -5.99
N GLU A 64 -6.18 -3.54 -6.22
CA GLU A 64 -5.90 -4.64 -5.32
C GLU A 64 -4.45 -5.09 -5.45
N LEU A 65 -3.73 -5.14 -4.32
CA LEU A 65 -2.33 -5.55 -4.31
C LEU A 65 -2.21 -7.02 -3.93
N LEU A 66 -1.80 -7.84 -4.89
CA LEU A 66 -1.63 -9.27 -4.64
C LEU A 66 -0.23 -9.73 -5.03
N CYS A 67 0.29 -10.71 -4.30
CA CYS A 67 1.63 -11.24 -4.57
C CYS A 67 1.58 -12.28 -5.67
N ASN A 68 2.76 -12.78 -6.06
CA ASN A 68 2.84 -13.79 -7.10
C ASN A 68 2.33 -15.14 -6.62
N ASP A 69 1.88 -15.17 -5.37
CA ASP A 69 1.35 -16.40 -4.78
C ASP A 69 -0.17 -16.32 -4.63
N CYS A 70 -0.72 -15.14 -4.88
CA CYS A 70 -2.17 -14.93 -4.78
C CYS A 70 -2.76 -14.53 -6.12
N TYR A 71 -1.93 -13.91 -6.97
CA TYR A 71 -2.38 -13.47 -8.28
C TYR A 71 -2.76 -14.67 -9.15
N CYS A 72 -1.97 -15.72 -9.07
CA CYS A 72 -2.22 -16.93 -9.85
C CYS A 72 -3.35 -17.75 -9.24
N SER A 73 -4.51 -17.11 -9.06
CA SER A 73 -5.67 -17.78 -8.48
C SER A 73 -6.78 -17.91 -9.50
N ALA A 74 -6.45 -18.35 -10.71
CA ALA A 74 -7.42 -18.52 -11.78
C ALA A 74 -8.53 -19.47 -11.36
N PHE A 75 -8.15 -20.54 -10.67
CA PHE A 75 -9.12 -21.53 -10.21
C PHE A 75 -9.53 -21.26 -8.75
N SER A 76 -10.82 -21.40 -8.47
CA SER A 76 -11.33 -21.18 -7.12
C SER A 76 -12.65 -21.93 -6.91
N SER A 77 -13.13 -21.92 -5.67
CA SER A 77 -14.37 -22.60 -5.33
C SER A 77 -15.58 -21.77 -5.73
N GLY A 78 -16.61 -22.44 -6.25
CA GLY A 78 -17.81 -21.74 -6.67
C GLY A 78 -18.85 -22.68 -7.26
N PRO A 79 -19.96 -22.10 -7.74
CA PRO A 79 -21.05 -22.88 -8.34
C PRO A 79 -20.66 -23.50 -9.68
N SER A 80 -21.56 -24.30 -10.24
CA SER A 80 -21.31 -24.96 -11.52
C SER A 80 -22.05 -24.25 -12.65
N SER A 81 -21.66 -24.54 -13.88
CA SER A 81 -22.28 -23.94 -15.04
C SER A 81 -23.53 -24.71 -15.45
N GLY A 82 -24.70 -24.11 -15.20
CA GLY A 82 -25.95 -24.76 -15.54
C GLY A 82 -26.94 -23.79 -16.16
ZN ZN B . 3.16 3.01 6.62
ZN ZN C . -0.45 -13.08 -1.16
N GLY A 1 -23.49 20.23 17.17
CA GLY A 1 -22.09 20.26 17.52
C GLY A 1 -21.18 20.29 16.29
N SER A 2 -20.99 21.49 15.74
CA SER A 2 -20.16 21.66 14.55
C SER A 2 -19.14 22.77 14.76
N SER A 3 -19.53 23.79 15.52
CA SER A 3 -18.66 24.92 15.80
C SER A 3 -17.53 24.53 16.73
N GLY A 4 -16.30 24.75 16.29
CA GLY A 4 -15.13 24.41 17.09
C GLY A 4 -14.65 23.00 16.83
N SER A 5 -15.15 22.39 15.76
CA SER A 5 -14.76 21.04 15.41
C SER A 5 -14.22 20.97 13.98
N SER A 6 -12.98 20.55 13.84
CA SER A 6 -12.35 20.45 12.52
C SER A 6 -12.45 19.03 11.98
N GLY A 7 -12.37 18.90 10.66
CA GLY A 7 -12.46 17.60 10.03
C GLY A 7 -11.37 16.64 10.51
N PRO A 8 -11.20 15.53 9.80
CA PRO A 8 -10.19 14.52 10.14
C PRO A 8 -8.77 15.01 9.90
N CYS A 9 -8.61 15.89 8.92
CA CYS A 9 -7.30 16.44 8.59
C CYS A 9 -6.62 17.01 9.83
N TYR A 10 -5.71 16.23 10.42
CA TYR A 10 -5.00 16.67 11.61
C TYR A 10 -3.64 17.27 11.24
N ASP A 11 -2.86 16.53 10.45
CA ASP A 11 -1.55 16.98 10.03
C ASP A 11 -1.55 17.38 8.56
N ASN A 12 -1.33 18.66 8.29
CA ASN A 12 -1.32 19.17 6.92
C ASN A 12 0.04 18.94 6.27
N THR A 13 1.08 18.85 7.10
CA THR A 13 2.43 18.63 6.61
C THR A 13 2.50 17.41 5.72
N PHE A 14 3.09 17.58 4.53
CA PHE A 14 3.24 16.49 3.58
C PHE A 14 4.69 16.04 3.46
N ALA A 15 5.08 15.09 4.31
CA ALA A 15 6.44 14.58 4.30
C ALA A 15 6.47 13.13 3.84
N ASN A 16 5.93 12.88 2.65
CA ASN A 16 5.90 11.53 2.09
C ASN A 16 5.05 10.60 2.96
N THR A 17 4.19 11.19 3.79
CA THR A 17 3.33 10.42 4.67
C THR A 17 2.80 9.17 3.97
N CYS A 18 2.98 8.02 4.61
CA CYS A 18 2.52 6.75 4.04
C CYS A 18 1.09 6.88 3.53
N ALA A 19 0.70 5.95 2.66
CA ALA A 19 -0.64 5.94 2.09
C ALA A 19 -1.49 4.82 2.68
N GLU A 20 -0.90 4.05 3.60
CA GLU A 20 -1.59 2.94 4.22
C GLU A 20 -1.94 3.26 5.67
N CYS A 21 -0.92 3.65 6.44
CA CYS A 21 -1.11 3.98 7.84
C CYS A 21 -1.17 5.49 8.04
N GLN A 22 -0.90 6.23 6.97
CA GLN A 22 -0.93 7.69 7.03
C GLN A 22 0.02 8.21 8.10
N GLN A 23 1.24 7.69 8.11
CA GLN A 23 2.23 8.11 9.08
C GLN A 23 3.50 8.63 8.39
N LEU A 24 4.17 9.57 9.02
CA LEU A 24 5.39 10.16 8.47
C LEU A 24 6.42 9.08 8.19
N ILE A 25 7.19 9.25 7.11
CA ILE A 25 8.22 8.30 6.74
C ILE A 25 9.61 8.91 6.86
N GLY A 26 10.42 8.35 7.76
CA GLY A 26 11.76 8.85 7.96
C GLY A 26 12.42 8.28 9.21
N HIS A 27 11.59 7.85 10.14
CA HIS A 27 12.10 7.28 11.39
C HIS A 27 12.93 6.03 11.13
N ASP A 28 14.17 6.23 10.70
CA ASP A 28 15.07 5.11 10.41
C ASP A 28 14.34 4.03 9.62
N SER A 29 13.33 4.42 8.87
CA SER A 29 12.55 3.48 8.08
C SER A 29 12.83 3.66 6.59
N ARG A 30 12.67 2.59 5.83
CA ARG A 30 12.90 2.62 4.39
C ARG A 30 11.70 3.20 3.65
N GLU A 31 11.90 3.55 2.38
CA GLU A 31 10.84 4.12 1.57
C GLU A 31 10.70 3.37 0.25
N LEU A 32 9.56 2.71 0.06
CA LEU A 32 9.30 1.95 -1.16
C LEU A 32 8.51 2.79 -2.16
N PHE A 33 8.85 4.07 -2.25
CA PHE A 33 8.16 4.98 -3.17
C PHE A 33 7.75 4.24 -4.45
N TYR A 34 6.49 4.42 -4.84
CA TYR A 34 5.98 3.78 -6.05
C TYR A 34 5.50 4.82 -7.05
N GLU A 35 5.03 4.34 -8.20
CA GLU A 35 4.53 5.23 -9.25
C GLU A 35 3.20 5.85 -8.86
N ASP A 36 2.38 5.08 -8.17
CA ASP A 36 1.06 5.54 -7.73
C ASP A 36 1.17 6.26 -6.39
N ARG A 37 1.75 5.59 -5.41
CA ARG A 37 1.90 6.16 -4.08
C ARG A 37 3.11 5.58 -3.37
N HIS A 38 3.43 6.13 -2.19
CA HIS A 38 4.57 5.66 -1.42
C HIS A 38 4.11 4.90 -0.18
N PHE A 39 4.90 3.91 0.23
CA PHE A 39 4.58 3.10 1.40
C PHE A 39 5.84 2.69 2.15
N HIS A 40 5.67 2.21 3.37
CA HIS A 40 6.80 1.78 4.19
C HIS A 40 7.37 0.46 3.69
N GLU A 41 8.33 -0.08 4.42
CA GLU A 41 8.96 -1.34 4.05
C GLU A 41 8.04 -2.52 4.34
N GLY A 42 7.10 -2.31 5.25
CA GLY A 42 6.16 -3.36 5.61
C GLY A 42 4.80 -3.17 4.97
N CYS A 43 4.21 -2.00 5.17
CA CYS A 43 2.91 -1.69 4.61
C CYS A 43 2.76 -2.28 3.20
N PHE A 44 3.79 -2.10 2.38
CA PHE A 44 3.78 -2.61 1.02
C PHE A 44 3.88 -4.13 1.01
N ARG A 45 2.79 -4.79 1.40
CA ARG A 45 2.75 -6.24 1.43
C ARG A 45 1.52 -6.78 0.71
N CYS A 46 1.56 -8.04 0.32
CA CYS A 46 0.45 -8.68 -0.37
C CYS A 46 -0.87 -8.35 0.31
N CYS A 47 -1.96 -8.42 -0.46
CA CYS A 47 -3.29 -8.13 0.08
C CYS A 47 -4.08 -9.42 0.27
N ARG A 48 -3.37 -10.53 0.42
CA ARG A 48 -4.01 -11.83 0.61
C ARG A 48 -3.37 -12.58 1.77
N CYS A 49 -2.03 -12.60 1.80
CA CYS A 49 -1.30 -13.29 2.86
C CYS A 49 -0.59 -12.28 3.76
N GLN A 50 -0.60 -11.02 3.35
CA GLN A 50 0.04 -9.97 4.13
C GLN A 50 1.55 -10.19 4.23
N ARG A 51 2.14 -10.71 3.16
CA ARG A 51 3.56 -10.99 3.12
C ARG A 51 4.34 -9.78 2.61
N SER A 52 5.58 -9.65 3.04
CA SER A 52 6.43 -8.53 2.64
C SER A 52 6.90 -8.71 1.19
N LEU A 53 6.88 -7.61 0.43
CA LEU A 53 7.31 -7.65 -0.95
C LEU A 53 8.50 -6.74 -1.19
N ALA A 54 9.28 -6.50 -0.12
CA ALA A 54 10.45 -5.64 -0.20
C ALA A 54 11.36 -6.08 -1.35
N ASP A 55 11.99 -7.24 -1.20
CA ASP A 55 12.89 -7.76 -2.22
C ASP A 55 12.38 -9.09 -2.76
N GLU A 56 11.06 -9.19 -2.93
CA GLU A 56 10.45 -10.41 -3.44
C GLU A 56 9.57 -10.11 -4.64
N PRO A 57 9.45 -11.10 -5.55
CA PRO A 57 8.62 -10.97 -6.76
C PRO A 57 7.13 -10.93 -6.45
N PHE A 58 6.55 -9.75 -6.53
CA PHE A 58 5.12 -9.58 -6.26
C PHE A 58 4.36 -9.24 -7.54
N THR A 59 3.03 -9.23 -7.45
CA THR A 59 2.19 -8.93 -8.60
C THR A 59 0.89 -8.26 -8.16
N CYS A 60 0.65 -7.05 -8.67
CA CYS A 60 -0.55 -6.31 -8.34
C CYS A 60 -1.61 -6.47 -9.43
N GLN A 61 -2.79 -5.92 -9.18
CA GLN A 61 -3.89 -6.00 -10.13
C GLN A 61 -4.56 -4.64 -10.31
N ASP A 62 -5.14 -4.13 -9.24
CA ASP A 62 -5.81 -2.83 -9.27
C ASP A 62 -6.08 -2.32 -7.87
N SER A 63 -5.88 -1.02 -7.67
CA SER A 63 -6.10 -0.40 -6.36
C SER A 63 -5.67 -1.34 -5.24
N GLU A 64 -4.65 -2.15 -5.51
CA GLU A 64 -4.14 -3.09 -4.52
C GLU A 64 -2.79 -3.67 -4.95
N LEU A 65 -2.17 -4.45 -4.07
CA LEU A 65 -0.89 -5.05 -4.37
C LEU A 65 -0.80 -6.46 -3.77
N LEU A 66 -0.73 -7.47 -4.62
CA LEU A 66 -0.64 -8.85 -4.19
C LEU A 66 0.68 -9.48 -4.61
N CYS A 67 0.86 -10.75 -4.28
CA CYS A 67 2.09 -11.46 -4.64
C CYS A 67 1.79 -12.59 -5.62
N ASN A 68 2.84 -13.10 -6.26
CA ASN A 68 2.69 -14.18 -7.23
C ASN A 68 2.19 -15.45 -6.55
N ASP A 69 2.20 -15.45 -5.23
CA ASP A 69 1.75 -16.60 -4.46
C ASP A 69 0.24 -16.53 -4.20
N CYS A 70 -0.35 -15.39 -4.52
CA CYS A 70 -1.79 -15.19 -4.32
C CYS A 70 -2.46 -14.77 -5.62
N TYR A 71 -2.04 -13.63 -6.16
CA TYR A 71 -2.61 -13.12 -7.40
C TYR A 71 -2.98 -14.26 -8.34
N CYS A 72 -2.14 -15.28 -8.39
CA CYS A 72 -2.38 -16.44 -9.24
C CYS A 72 -3.18 -17.51 -8.50
N SER A 73 -4.25 -17.09 -7.86
CA SER A 73 -5.10 -18.01 -7.10
C SER A 73 -6.27 -18.49 -7.95
N ALA A 74 -6.87 -19.61 -7.54
CA ALA A 74 -8.00 -20.18 -8.27
C ALA A 74 -7.73 -20.20 -9.77
N PHE A 75 -7.09 -21.26 -10.23
CA PHE A 75 -6.77 -21.41 -11.66
C PHE A 75 -7.88 -20.80 -12.52
N SER A 76 -7.63 -19.59 -13.01
CA SER A 76 -8.60 -18.90 -13.85
C SER A 76 -9.20 -19.84 -14.89
N SER A 77 -10.51 -19.73 -15.10
CA SER A 77 -11.19 -20.58 -16.06
C SER A 77 -12.54 -19.99 -16.46
N GLY A 78 -13.29 -20.71 -17.28
CA GLY A 78 -14.58 -20.23 -17.71
C GLY A 78 -15.66 -21.31 -17.64
N PRO A 79 -16.90 -20.92 -17.96
CA PRO A 79 -18.04 -21.84 -17.93
C PRO A 79 -17.97 -22.90 -19.04
N SER A 80 -17.47 -22.49 -20.20
CA SER A 80 -17.35 -23.39 -21.34
C SER A 80 -16.41 -24.55 -21.01
N SER A 81 -16.75 -25.73 -21.52
CA SER A 81 -15.93 -26.93 -21.27
C SER A 81 -14.73 -26.96 -22.20
N GLY A 82 -14.98 -27.07 -23.50
CA GLY A 82 -13.90 -27.11 -24.47
C GLY A 82 -13.08 -28.38 -24.37
ZN ZN B . 3.11 2.86 6.40
ZN ZN C . 0.15 -13.19 -1.06
N GLY A 1 -35.36 15.82 12.02
CA GLY A 1 -34.22 15.00 11.66
C GLY A 1 -33.23 15.74 10.79
N SER A 2 -31.94 15.49 11.01
CA SER A 2 -30.89 16.15 10.24
C SER A 2 -29.55 15.46 10.46
N SER A 3 -28.94 15.00 9.37
CA SER A 3 -27.65 14.31 9.44
C SER A 3 -26.80 14.62 8.21
N GLY A 4 -25.65 13.97 8.12
CA GLY A 4 -24.76 14.19 6.99
C GLY A 4 -23.48 14.89 7.38
N SER A 5 -22.43 14.11 7.60
CA SER A 5 -21.13 14.66 7.99
C SER A 5 -20.01 13.98 7.23
N SER A 6 -18.82 14.58 7.28
CA SER A 6 -17.65 14.04 6.59
C SER A 6 -16.39 14.22 7.43
N GLY A 7 -15.32 13.53 7.03
CA GLY A 7 -14.06 13.63 7.76
C GLY A 7 -12.88 13.78 6.84
N PRO A 8 -12.65 15.01 6.34
CA PRO A 8 -11.53 15.30 5.44
C PRO A 8 -10.18 15.23 6.13
N CYS A 9 -9.13 15.53 5.40
CA CYS A 9 -7.77 15.50 5.95
C CYS A 9 -7.12 16.88 5.88
N TYR A 10 -6.03 17.04 6.61
CA TYR A 10 -5.32 18.31 6.65
C TYR A 10 -3.83 18.11 6.36
N ASP A 11 -3.30 18.90 5.44
CA ASP A 11 -1.89 18.80 5.07
C ASP A 11 -1.34 20.18 4.72
N ASN A 12 -0.38 20.65 5.52
CA ASN A 12 0.24 21.96 5.30
C ASN A 12 1.75 21.82 5.14
N THR A 13 2.30 20.73 5.67
CA THR A 13 3.73 20.49 5.60
C THR A 13 4.12 19.87 4.26
N PHE A 14 5.41 19.56 4.10
CA PHE A 14 5.89 18.96 2.87
C PHE A 14 6.70 17.70 3.15
N ALA A 15 6.20 16.89 4.09
CA ALA A 15 6.87 15.64 4.44
C ALA A 15 6.07 14.44 3.98
N ASN A 16 6.69 13.61 3.13
CA ASN A 16 6.05 12.42 2.61
C ASN A 16 5.27 11.69 3.70
N THR A 17 4.20 11.01 3.31
CA THR A 17 3.38 10.26 4.26
C THR A 17 2.85 8.97 3.64
N CYS A 18 3.08 7.86 4.32
CA CYS A 18 2.63 6.57 3.84
C CYS A 18 1.17 6.62 3.40
N ALA A 19 0.77 5.65 2.58
CA ALA A 19 -0.61 5.59 2.09
C ALA A 19 -1.35 4.39 2.68
N GLU A 20 -0.69 3.69 3.61
CA GLU A 20 -1.29 2.53 4.24
C GLU A 20 -1.67 2.84 5.69
N CYS A 21 -0.74 3.44 6.41
CA CYS A 21 -0.97 3.79 7.81
C CYS A 21 -1.17 5.30 7.96
N GLN A 22 -0.96 6.04 6.88
CA GLN A 22 -1.12 7.49 6.91
C GLN A 22 -0.15 8.13 7.89
N GLN A 23 1.03 7.53 8.03
CA GLN A 23 2.04 8.05 8.94
C GLN A 23 3.22 8.64 8.17
N LEU A 24 3.75 9.74 8.68
CA LEU A 24 4.88 10.41 8.04
C LEU A 24 6.02 9.42 7.77
N ILE A 25 6.79 9.69 6.72
CA ILE A 25 7.91 8.82 6.36
C ILE A 25 9.23 9.58 6.45
N GLY A 26 9.91 9.42 7.58
CA GLY A 26 11.19 10.10 7.77
C GLY A 26 12.14 9.88 6.60
N HIS A 27 13.26 10.59 6.61
CA HIS A 27 14.25 10.49 5.55
C HIS A 27 15.13 9.26 5.75
N ASP A 28 15.60 9.07 6.98
CA ASP A 28 16.46 7.94 7.30
C ASP A 28 15.70 6.62 7.17
N SER A 29 14.37 6.70 7.25
CA SER A 29 13.53 5.52 7.13
C SER A 29 13.21 5.21 5.67
N ARG A 30 13.93 4.25 5.12
CA ARG A 30 13.74 3.85 3.73
C ARG A 30 12.26 3.77 3.39
N GLU A 31 11.93 3.88 2.10
CA GLU A 31 10.56 3.82 1.65
C GLU A 31 10.47 3.32 0.22
N LEU A 32 9.56 2.38 -0.04
CA LEU A 32 9.39 1.81 -1.37
C LEU A 32 8.48 2.70 -2.22
N PHE A 33 8.81 3.98 -2.30
CA PHE A 33 8.03 4.93 -3.08
C PHE A 33 7.58 4.31 -4.40
N TYR A 34 6.31 4.50 -4.73
CA TYR A 34 5.77 3.96 -5.97
C TYR A 34 5.04 5.04 -6.77
N GLU A 35 4.66 4.70 -8.00
CA GLU A 35 3.97 5.65 -8.86
C GLU A 35 2.66 6.11 -8.24
N ASP A 36 1.82 5.14 -7.86
CA ASP A 36 0.54 5.44 -7.24
C ASP A 36 0.72 6.28 -5.98
N ARG A 37 1.45 5.73 -5.01
CA ARG A 37 1.69 6.43 -3.75
C ARG A 37 2.94 5.88 -3.06
N HIS A 38 3.25 6.42 -1.89
CA HIS A 38 4.41 5.98 -1.13
C HIS A 38 4.00 5.01 -0.02
N PHE A 39 4.87 4.02 0.23
CA PHE A 39 4.59 3.03 1.26
C PHE A 39 5.87 2.66 2.01
N HIS A 40 5.71 2.23 3.25
CA HIS A 40 6.86 1.84 4.08
C HIS A 40 7.41 0.49 3.64
N GLU A 41 8.49 0.07 4.28
CA GLU A 41 9.12 -1.21 3.95
C GLU A 41 8.32 -2.37 4.53
N GLY A 42 7.35 -2.06 5.38
CA GLY A 42 6.53 -3.08 5.99
C GLY A 42 5.12 -3.10 5.44
N CYS A 43 4.51 -1.93 5.33
CA CYS A 43 3.16 -1.82 4.82
C CYS A 43 3.03 -2.51 3.47
N PHE A 44 3.57 -1.87 2.43
CA PHE A 44 3.51 -2.43 1.09
C PHE A 44 3.68 -3.94 1.11
N ARG A 45 2.56 -4.66 1.15
CA ARG A 45 2.60 -6.12 1.18
C ARG A 45 1.25 -6.70 0.75
N CYS A 46 1.26 -7.96 0.33
CA CYS A 46 0.05 -8.63 -0.09
C CYS A 46 -1.04 -8.56 0.98
N CYS A 47 -2.05 -7.75 0.72
CA CYS A 47 -3.15 -7.59 1.67
C CYS A 47 -3.98 -8.86 1.77
N ARG A 48 -3.68 -9.82 0.90
CA ARG A 48 -4.40 -11.09 0.88
C ARG A 48 -3.86 -12.04 1.94
N CYS A 49 -2.58 -12.36 1.84
CA CYS A 49 -1.93 -13.27 2.78
C CYS A 49 -1.15 -12.49 3.84
N GLN A 50 -0.76 -11.27 3.49
CA GLN A 50 -0.01 -10.41 4.40
C GLN A 50 1.42 -10.91 4.56
N ARG A 51 2.07 -11.20 3.43
CA ARG A 51 3.45 -11.69 3.44
C ARG A 51 4.41 -10.61 2.95
N SER A 52 5.67 -10.70 3.38
CA SER A 52 6.68 -9.73 2.99
C SER A 52 6.94 -9.80 1.48
N LEU A 53 7.02 -8.63 0.86
CA LEU A 53 7.26 -8.55 -0.58
C LEU A 53 8.56 -7.80 -0.87
N ALA A 54 9.07 -7.11 0.14
CA ALA A 54 10.31 -6.35 -0.01
C ALA A 54 11.27 -7.05 -0.95
N ASP A 55 11.87 -8.14 -0.48
CA ASP A 55 12.82 -8.90 -1.29
C ASP A 55 12.11 -10.04 -2.02
N GLU A 56 10.91 -9.76 -2.50
CA GLU A 56 10.13 -10.77 -3.22
C GLU A 56 9.29 -10.12 -4.31
N PRO A 57 9.02 -10.88 -5.38
CA PRO A 57 8.23 -10.40 -6.53
C PRO A 57 6.76 -10.23 -6.16
N PHE A 58 6.10 -9.26 -6.79
CA PHE A 58 4.70 -8.99 -6.54
C PHE A 58 4.00 -8.52 -7.81
N THR A 59 2.68 -8.34 -7.72
CA THR A 59 1.90 -7.88 -8.86
C THR A 59 0.60 -7.22 -8.41
N CYS A 60 0.52 -5.90 -8.56
CA CYS A 60 -0.66 -5.16 -8.16
C CYS A 60 -1.74 -5.25 -9.23
N GLN A 61 -3.00 -5.04 -8.82
CA GLN A 61 -4.12 -5.11 -9.75
C GLN A 61 -4.98 -3.85 -9.64
N ASP A 62 -5.59 -3.64 -8.48
CA ASP A 62 -6.44 -2.48 -8.27
C ASP A 62 -6.86 -2.38 -6.80
N SER A 63 -6.82 -1.16 -6.26
CA SER A 63 -7.20 -0.94 -4.87
C SER A 63 -6.73 -2.10 -3.98
N GLU A 64 -5.64 -2.74 -4.39
CA GLU A 64 -5.09 -3.87 -3.64
C GLU A 64 -3.76 -4.31 -4.22
N LEU A 65 -3.02 -5.12 -3.47
CA LEU A 65 -1.73 -5.62 -3.90
C LEU A 65 -1.62 -7.13 -3.69
N LEU A 66 -1.39 -7.85 -4.78
CA LEU A 66 -1.27 -9.30 -4.73
C LEU A 66 0.15 -9.74 -5.05
N CYS A 67 0.58 -10.84 -4.44
CA CYS A 67 1.92 -11.36 -4.67
C CYS A 67 1.88 -12.56 -5.62
N ASN A 68 2.93 -12.70 -6.43
CA ASN A 68 3.01 -13.80 -7.39
C ASN A 68 2.36 -15.06 -6.84
N ASP A 69 2.58 -15.30 -5.55
CA ASP A 69 2.00 -16.48 -4.89
C ASP A 69 0.48 -16.43 -4.93
N CYS A 70 -0.10 -15.30 -4.53
CA CYS A 70 -1.55 -15.14 -4.53
C CYS A 70 -2.05 -14.73 -5.90
N TYR A 71 -1.52 -13.63 -6.41
CA TYR A 71 -1.92 -13.12 -7.72
C TYR A 71 -2.23 -14.27 -8.68
N CYS A 72 -1.43 -15.34 -8.59
CA CYS A 72 -1.62 -16.50 -9.45
C CYS A 72 -3.10 -16.84 -9.59
N SER A 73 -3.79 -16.97 -8.47
CA SER A 73 -5.20 -17.30 -8.47
C SER A 73 -6.05 -16.05 -8.28
N ALA A 74 -7.36 -16.19 -8.45
CA ALA A 74 -8.28 -15.07 -8.30
C ALA A 74 -8.13 -14.08 -9.45
N PHE A 75 -7.78 -14.59 -10.62
CA PHE A 75 -7.59 -13.74 -11.80
C PHE A 75 -8.69 -14.00 -12.83
N SER A 76 -8.60 -13.32 -13.97
CA SER A 76 -9.58 -13.46 -15.02
C SER A 76 -9.05 -14.35 -16.15
N SER A 77 -9.86 -15.33 -16.56
CA SER A 77 -9.46 -16.24 -17.62
C SER A 77 -9.37 -15.53 -18.96
N GLY A 78 -10.53 -15.14 -19.49
CA GLY A 78 -10.57 -14.44 -20.76
C GLY A 78 -11.82 -14.76 -21.56
N PRO A 79 -11.97 -16.03 -21.96
CA PRO A 79 -13.12 -16.48 -22.73
C PRO A 79 -14.41 -16.48 -21.91
N SER A 80 -15.29 -15.54 -22.20
CA SER A 80 -16.56 -15.42 -21.49
C SER A 80 -17.67 -16.13 -22.25
N SER A 81 -18.90 -16.04 -21.72
CA SER A 81 -20.05 -16.67 -22.34
C SER A 81 -21.04 -15.62 -22.83
N GLY A 82 -20.69 -14.94 -23.92
CA GLY A 82 -21.56 -13.91 -24.46
C GLY A 82 -21.16 -12.51 -24.03
ZN ZN B . 3.28 2.91 6.43
ZN ZN C . -0.15 -13.02 -1.22
N GLY A 1 -7.33 2.40 -14.80
CA GLY A 1 -6.15 3.23 -14.65
C GLY A 1 -6.46 4.58 -14.03
N SER A 2 -5.49 5.49 -14.09
CA SER A 2 -5.67 6.82 -13.52
C SER A 2 -6.77 7.58 -14.26
N SER A 3 -8.01 7.29 -13.89
CA SER A 3 -9.16 7.94 -14.52
C SER A 3 -9.47 9.28 -13.84
N GLY A 4 -8.53 10.22 -13.96
CA GLY A 4 -8.71 11.52 -13.36
C GLY A 4 -8.08 11.62 -11.98
N SER A 5 -7.10 12.50 -11.84
CA SER A 5 -6.41 12.67 -10.56
C SER A 5 -6.03 14.14 -10.35
N SER A 6 -5.82 14.52 -9.09
CA SER A 6 -5.45 15.89 -8.77
C SER A 6 -3.93 16.03 -8.69
N GLY A 7 -3.45 17.26 -8.94
CA GLY A 7 -2.03 17.51 -8.89
C GLY A 7 -1.44 17.30 -7.51
N PRO A 8 -0.12 17.08 -7.45
CA PRO A 8 0.59 16.86 -6.18
C PRO A 8 0.66 18.12 -5.33
N CYS A 9 -0.48 18.53 -4.79
CA CYS A 9 -0.55 19.72 -3.95
C CYS A 9 0.55 19.71 -2.89
N TYR A 10 0.90 20.90 -2.40
CA TYR A 10 1.95 21.02 -1.40
C TYR A 10 1.47 21.85 -0.21
N ASP A 11 0.19 22.25 -0.26
CA ASP A 11 -0.39 23.04 0.81
C ASP A 11 -1.05 22.16 1.86
N ASN A 12 -1.30 20.90 1.49
CA ASN A 12 -1.93 19.95 2.40
C ASN A 12 -0.96 19.52 3.49
N THR A 13 0.21 19.04 3.08
CA THR A 13 1.22 18.59 4.03
C THR A 13 2.62 19.05 3.61
N PHE A 14 3.60 18.84 4.47
CA PHE A 14 4.97 19.24 4.19
C PHE A 14 5.90 18.03 4.22
N ALA A 15 5.32 16.84 4.36
CA ALA A 15 6.10 15.61 4.40
C ALA A 15 5.36 14.47 3.70
N ASN A 16 6.05 13.36 3.51
CA ASN A 16 5.47 12.19 2.85
C ASN A 16 4.66 11.36 3.84
N THR A 17 3.44 11.00 3.44
CA THR A 17 2.56 10.20 4.29
C THR A 17 2.26 8.85 3.65
N CYS A 18 2.75 7.78 4.28
CA CYS A 18 2.53 6.43 3.77
C CYS A 18 1.11 6.28 3.22
N ALA A 19 0.98 5.51 2.14
CA ALA A 19 -0.31 5.29 1.52
C ALA A 19 -0.87 3.92 1.90
N GLU A 20 -0.45 3.42 3.06
CA GLU A 20 -0.91 2.12 3.53
C GLU A 20 -1.43 2.22 4.97
N CYS A 21 -0.63 2.84 5.84
CA CYS A 21 -1.01 3.00 7.24
C CYS A 21 -1.39 4.45 7.53
N GLN A 22 -1.32 5.29 6.51
CA GLN A 22 -1.65 6.70 6.66
C GLN A 22 -0.86 7.33 7.80
N GLN A 23 0.46 7.17 7.76
CA GLN A 23 1.33 7.72 8.79
C GLN A 23 2.38 8.65 8.18
N LEU A 24 3.22 9.21 9.03
CA LEU A 24 4.27 10.12 8.56
C LEU A 24 5.63 9.41 8.52
N ILE A 25 6.38 9.67 7.46
CA ILE A 25 7.69 9.06 7.29
C ILE A 25 8.81 10.04 7.65
N GLY A 26 10.03 9.54 7.71
CA GLY A 26 11.16 10.38 8.03
C GLY A 26 12.40 9.58 8.42
N HIS A 27 12.26 8.75 9.44
CA HIS A 27 13.37 7.93 9.90
C HIS A 27 13.99 7.15 8.75
N ASP A 28 14.93 6.26 9.07
CA ASP A 28 15.60 5.46 8.06
C ASP A 28 14.69 4.35 7.56
N SER A 29 13.54 4.73 7.00
CA SER A 29 12.58 3.76 6.48
C SER A 29 12.63 3.69 4.97
N ARG A 30 12.86 2.48 4.45
CA ARG A 30 12.94 2.27 3.01
C ARG A 30 11.63 2.65 2.33
N GLU A 31 11.41 3.96 2.17
CA GLU A 31 10.19 4.45 1.53
C GLU A 31 10.07 3.92 0.11
N LEU A 32 9.21 2.93 -0.07
CA LEU A 32 9.00 2.33 -1.39
C LEU A 32 8.08 3.20 -2.24
N PHE A 33 8.59 4.37 -2.63
CA PHE A 33 7.82 5.29 -3.46
C PHE A 33 7.39 4.64 -4.76
N TYR A 34 6.09 4.69 -5.04
CA TYR A 34 5.55 4.09 -6.26
C TYR A 34 4.75 5.12 -7.05
N GLU A 35 4.80 5.00 -8.38
CA GLU A 35 4.08 5.92 -9.25
C GLU A 35 2.73 6.30 -8.64
N ASP A 36 2.15 5.38 -7.87
CA ASP A 36 0.86 5.62 -7.23
C ASP A 36 1.03 6.53 -6.01
N ARG A 37 1.65 6.00 -4.97
CA ARG A 37 1.87 6.76 -3.74
C ARG A 37 3.05 6.19 -2.96
N HIS A 38 3.48 6.93 -1.94
CA HIS A 38 4.61 6.52 -1.11
C HIS A 38 4.17 5.46 -0.10
N PHE A 39 5.12 4.64 0.34
CA PHE A 39 4.84 3.59 1.31
C PHE A 39 6.07 3.29 2.16
N HIS A 40 5.84 2.64 3.30
CA HIS A 40 6.93 2.29 4.20
C HIS A 40 7.63 1.00 3.73
N GLU A 41 8.59 0.55 4.53
CA GLU A 41 9.33 -0.67 4.20
C GLU A 41 8.53 -1.91 4.55
N GLY A 42 7.87 -1.88 5.70
CA GLY A 42 7.07 -3.02 6.13
C GLY A 42 5.68 -3.01 5.54
N CYS A 43 4.98 -1.90 5.72
CA CYS A 43 3.62 -1.76 5.19
C CYS A 43 3.47 -2.51 3.86
N PHE A 44 4.45 -2.32 2.98
CA PHE A 44 4.43 -2.98 1.68
C PHE A 44 4.36 -4.50 1.83
N ARG A 45 3.16 -5.01 2.04
CA ARG A 45 2.96 -6.45 2.20
C ARG A 45 1.61 -6.87 1.62
N CYS A 46 1.59 -7.99 0.91
CA CYS A 46 0.37 -8.51 0.31
C CYS A 46 -0.83 -8.28 1.23
N CYS A 47 -1.86 -7.64 0.70
CA CYS A 47 -3.07 -7.36 1.46
C CYS A 47 -4.00 -8.55 1.47
N ARG A 48 -3.46 -9.74 1.20
CA ARG A 48 -4.25 -10.96 1.17
C ARG A 48 -3.66 -12.02 2.10
N CYS A 49 -2.34 -12.06 2.16
CA CYS A 49 -1.65 -13.02 3.02
C CYS A 49 -0.54 -12.35 3.83
N GLN A 50 -0.58 -11.02 3.89
CA GLN A 50 0.41 -10.25 4.63
C GLN A 50 1.82 -10.75 4.32
N ARG A 51 2.15 -10.83 3.03
CA ARG A 51 3.46 -11.29 2.60
C ARG A 51 4.37 -10.12 2.27
N SER A 52 5.63 -10.20 2.69
CA SER A 52 6.59 -9.14 2.44
C SER A 52 6.76 -8.90 0.93
N LEU A 53 6.63 -7.64 0.53
CA LEU A 53 6.75 -7.27 -0.88
C LEU A 53 7.91 -6.30 -1.09
N ALA A 54 8.39 -5.72 0.01
CA ALA A 54 9.49 -4.77 -0.04
C ALA A 54 10.68 -5.35 -0.82
N ASP A 55 11.11 -6.54 -0.41
CA ASP A 55 12.24 -7.19 -1.06
C ASP A 55 11.76 -8.36 -1.93
N GLU A 56 10.50 -8.28 -2.36
CA GLU A 56 9.92 -9.34 -3.19
C GLU A 56 9.08 -8.74 -4.32
N PRO A 57 9.06 -9.43 -5.47
CA PRO A 57 8.30 -8.98 -6.64
C PRO A 57 6.80 -9.08 -6.43
N PHE A 58 6.09 -8.00 -6.74
CA PHE A 58 4.64 -7.96 -6.58
C PHE A 58 3.95 -7.94 -7.94
N THR A 59 2.62 -7.85 -7.92
CA THR A 59 1.84 -7.82 -9.15
C THR A 59 0.44 -7.25 -8.91
N CYS A 60 0.21 -6.05 -9.43
CA CYS A 60 -1.07 -5.38 -9.27
C CYS A 60 -2.02 -5.74 -10.41
N GLN A 61 -3.31 -5.81 -10.11
CA GLN A 61 -4.32 -6.15 -11.11
C GLN A 61 -5.01 -4.89 -11.63
N ASP A 62 -5.31 -3.97 -10.72
CA ASP A 62 -5.98 -2.72 -11.09
C ASP A 62 -5.30 -1.53 -10.41
N SER A 63 -5.53 -1.38 -9.12
CA SER A 63 -4.96 -0.29 -8.35
C SER A 63 -4.35 -0.78 -7.04
N GLU A 64 -4.31 -2.11 -6.88
CA GLU A 64 -3.77 -2.71 -5.68
C GLU A 64 -2.69 -3.74 -6.03
N LEU A 65 -1.66 -3.82 -5.19
CA LEU A 65 -0.58 -4.77 -5.41
C LEU A 65 -0.92 -6.15 -4.86
N LEU A 66 -0.43 -7.19 -5.52
CA LEU A 66 -0.70 -8.56 -5.10
C LEU A 66 0.50 -9.47 -5.41
N CYS A 67 0.75 -10.43 -4.53
CA CYS A 67 1.86 -11.35 -4.70
C CYS A 67 1.49 -12.46 -5.69
N ASN A 68 2.51 -13.07 -6.29
CA ASN A 68 2.30 -14.15 -7.25
C ASN A 68 1.49 -15.29 -6.62
N ASP A 69 1.58 -15.41 -5.30
CA ASP A 69 0.85 -16.45 -4.59
C ASP A 69 -0.62 -16.11 -4.47
N CYS A 70 -0.99 -14.92 -4.91
CA CYS A 70 -2.37 -14.46 -4.86
C CYS A 70 -2.88 -14.07 -6.25
N TYR A 71 -1.96 -13.61 -7.09
CA TYR A 71 -2.30 -13.21 -8.44
C TYR A 71 -2.75 -14.41 -9.28
N CYS A 72 -2.07 -15.53 -9.09
CA CYS A 72 -2.39 -16.75 -9.82
C CYS A 72 -3.64 -17.42 -9.26
N SER A 73 -3.73 -17.47 -7.93
CA SER A 73 -4.88 -18.08 -7.27
C SER A 73 -6.18 -17.46 -7.75
N ALA A 74 -7.12 -18.31 -8.17
CA ALA A 74 -8.41 -17.85 -8.66
C ALA A 74 -8.24 -16.82 -9.77
N PHE A 75 -7.17 -16.96 -10.55
CA PHE A 75 -6.89 -16.05 -11.65
C PHE A 75 -8.18 -15.65 -12.36
N SER A 76 -8.35 -14.35 -12.58
CA SER A 76 -9.54 -13.84 -13.25
C SER A 76 -9.76 -14.54 -14.60
N SER A 77 -10.92 -14.33 -15.19
CA SER A 77 -11.25 -14.94 -16.47
C SER A 77 -11.01 -16.45 -16.42
N GLY A 78 -11.33 -17.07 -15.29
CA GLY A 78 -11.16 -18.50 -15.14
C GLY A 78 -12.39 -19.28 -15.54
N PRO A 79 -12.34 -20.60 -15.34
CA PRO A 79 -13.45 -21.50 -15.66
C PRO A 79 -14.64 -21.31 -14.73
N SER A 80 -15.39 -20.22 -14.93
CA SER A 80 -16.55 -19.93 -14.10
C SER A 80 -17.41 -18.84 -14.74
N SER A 81 -18.70 -19.11 -14.83
CA SER A 81 -19.64 -18.16 -15.43
C SER A 81 -20.62 -17.63 -14.39
N GLY A 82 -20.17 -16.65 -13.60
CA GLY A 82 -21.02 -16.08 -12.58
C GLY A 82 -21.31 -14.60 -12.82
ZN ZN B . 3.14 2.92 6.39
ZN ZN C . -0.49 -12.86 -1.46
N GLY A 1 -25.25 13.41 13.33
CA GLY A 1 -24.06 12.59 13.43
C GLY A 1 -22.79 13.43 13.56
N SER A 2 -22.21 13.79 12.42
CA SER A 2 -20.98 14.58 12.41
C SER A 2 -20.04 14.13 13.53
N SER A 3 -19.95 12.83 13.74
CA SER A 3 -19.10 12.27 14.79
C SER A 3 -17.62 12.49 14.44
N GLY A 4 -17.09 13.63 14.88
CA GLY A 4 -15.70 13.94 14.62
C GLY A 4 -14.75 13.20 15.53
N SER A 5 -13.78 12.51 14.95
CA SER A 5 -12.81 11.75 15.72
C SER A 5 -11.38 12.15 15.35
N SER A 6 -10.96 11.76 14.15
CA SER A 6 -9.62 12.08 13.67
C SER A 6 -9.43 13.59 13.52
N GLY A 7 -8.18 14.00 13.37
CA GLY A 7 -7.89 15.42 13.22
C GLY A 7 -7.67 15.82 11.77
N PRO A 8 -7.24 17.07 11.56
CA PRO A 8 -6.99 17.60 10.22
C PRO A 8 -5.77 16.97 9.56
N CYS A 9 -6.01 15.99 8.70
CA CYS A 9 -4.92 15.30 8.00
C CYS A 9 -3.90 16.30 7.46
N TYR A 10 -4.39 17.47 7.06
CA TYR A 10 -3.52 18.51 6.52
C TYR A 10 -2.51 18.97 7.56
N ASP A 11 -1.41 18.24 7.66
CA ASP A 11 -0.36 18.58 8.62
C ASP A 11 0.72 19.43 7.96
N ASN A 12 1.36 20.29 8.76
CA ASN A 12 2.40 21.16 8.26
C ASN A 12 3.77 20.47 8.30
N THR A 13 4.04 19.65 7.29
CA THR A 13 5.31 18.92 7.23
C THR A 13 5.58 18.44 5.81
N PHE A 14 6.69 18.90 5.24
CA PHE A 14 7.07 18.51 3.88
C PHE A 14 7.71 17.13 3.88
N ALA A 15 6.99 16.14 4.38
CA ALA A 15 7.49 14.76 4.43
C ALA A 15 6.43 13.78 3.95
N ASN A 16 6.83 12.87 3.07
CA ASN A 16 5.92 11.86 2.53
C ASN A 16 5.08 11.25 3.65
N THR A 17 4.04 10.52 3.26
CA THR A 17 3.15 9.88 4.22
C THR A 17 2.60 8.57 3.67
N CYS A 18 3.06 7.46 4.23
CA CYS A 18 2.61 6.13 3.79
C CYS A 18 1.10 6.13 3.54
N ALA A 19 0.73 5.89 2.28
CA ALA A 19 -0.67 5.86 1.90
C ALA A 19 -1.38 4.66 2.51
N GLU A 20 -0.61 3.77 3.14
CA GLU A 20 -1.16 2.58 3.76
C GLU A 20 -1.63 2.87 5.19
N CYS A 21 -0.69 3.20 6.06
CA CYS A 21 -1.01 3.51 7.45
C CYS A 21 -1.29 4.99 7.63
N GLN A 22 -1.07 5.77 6.56
CA GLN A 22 -1.31 7.20 6.61
C GLN A 22 -0.42 7.87 7.66
N GLN A 23 0.87 7.53 7.63
CA GLN A 23 1.82 8.10 8.57
C GLN A 23 3.11 8.50 7.87
N LEU A 24 3.81 9.47 8.45
CA LEU A 24 5.07 9.95 7.88
C LEU A 24 6.07 8.81 7.72
N ILE A 25 7.12 9.05 6.93
CA ILE A 25 8.14 8.04 6.70
C ILE A 25 9.51 8.53 7.17
N GLY A 26 10.21 7.70 7.93
CA GLY A 26 11.53 8.07 8.42
C GLY A 26 12.34 8.82 7.38
N HIS A 27 13.20 9.72 7.84
CA HIS A 27 14.04 10.50 6.94
C HIS A 27 14.55 9.65 5.78
N ASP A 28 14.04 9.92 4.59
CA ASP A 28 14.44 9.17 3.40
C ASP A 28 14.59 7.69 3.72
N SER A 29 13.57 7.12 4.36
CA SER A 29 13.59 5.71 4.72
C SER A 29 13.65 4.83 3.48
N ARG A 30 13.59 3.52 3.68
CA ARG A 30 13.64 2.57 2.59
C ARG A 30 12.26 2.35 1.98
N GLU A 31 11.40 3.36 2.11
CA GLU A 31 10.04 3.27 1.58
C GLU A 31 10.05 2.83 0.12
N LEU A 32 9.26 1.80 -0.18
CA LEU A 32 9.18 1.27 -1.53
C LEU A 32 8.38 2.21 -2.44
N PHE A 33 9.01 3.32 -2.82
CA PHE A 33 8.36 4.30 -3.68
C PHE A 33 7.75 3.63 -4.91
N TYR A 34 6.45 3.82 -5.10
CA TYR A 34 5.75 3.23 -6.23
C TYR A 34 5.15 4.31 -7.12
N GLU A 35 5.12 4.05 -8.42
CA GLU A 35 4.57 4.99 -9.38
C GLU A 35 3.21 5.52 -8.92
N ASP A 36 2.49 4.68 -8.18
CA ASP A 36 1.17 5.05 -7.68
C ASP A 36 1.30 5.86 -6.39
N ARG A 37 1.69 5.18 -5.32
CA ARG A 37 1.85 5.83 -4.01
C ARG A 37 3.08 5.32 -3.29
N HIS A 38 3.32 5.83 -2.08
CA HIS A 38 4.48 5.42 -1.30
C HIS A 38 4.04 4.60 -0.09
N PHE A 39 4.96 3.80 0.44
CA PHE A 39 4.67 2.96 1.59
C PHE A 39 5.96 2.54 2.30
N HIS A 40 5.83 2.05 3.52
CA HIS A 40 6.98 1.60 4.30
C HIS A 40 7.44 0.22 3.86
N GLU A 41 8.50 -0.27 4.48
CA GLU A 41 9.04 -1.59 4.15
C GLU A 41 8.09 -2.70 4.59
N GLY A 42 7.28 -2.39 5.60
CA GLY A 42 6.33 -3.37 6.10
C GLY A 42 4.94 -3.21 5.50
N CYS A 43 4.42 -1.99 5.55
CA CYS A 43 3.10 -1.71 5.00
C CYS A 43 2.97 -2.22 3.57
N PHE A 44 4.08 -2.20 2.84
CA PHE A 44 4.09 -2.66 1.46
C PHE A 44 4.02 -4.19 1.41
N ARG A 45 2.90 -4.75 1.85
CA ARG A 45 2.72 -6.19 1.85
C ARG A 45 1.48 -6.58 1.05
N CYS A 46 1.32 -7.88 0.80
CA CYS A 46 0.18 -8.38 0.04
C CYS A 46 -1.12 -8.15 0.80
N CYS A 47 -2.23 -8.14 0.07
CA CYS A 47 -3.54 -7.93 0.67
C CYS A 47 -4.22 -9.26 0.98
N ARG A 48 -3.42 -10.33 1.02
CA ARG A 48 -3.94 -11.66 1.31
C ARG A 48 -3.13 -12.34 2.40
N CYS A 49 -1.80 -12.37 2.23
CA CYS A 49 -0.91 -12.98 3.20
C CYS A 49 -0.09 -11.93 3.93
N GLN A 50 -0.36 -10.67 3.63
CA GLN A 50 0.36 -9.56 4.26
C GLN A 50 1.83 -9.91 4.44
N ARG A 51 2.38 -10.64 3.48
CA ARG A 51 3.79 -11.04 3.53
C ARG A 51 4.69 -9.92 3.04
N SER A 52 5.99 -10.09 3.20
CA SER A 52 6.96 -9.09 2.77
C SER A 52 7.28 -9.23 1.29
N LEU A 53 7.10 -8.15 0.55
CA LEU A 53 7.36 -8.15 -0.88
C LEU A 53 8.51 -7.21 -1.23
N ALA A 54 9.32 -6.87 -0.23
CA ALA A 54 10.45 -5.98 -0.43
C ALA A 54 11.46 -6.59 -1.39
N ASP A 55 11.57 -7.92 -1.39
CA ASP A 55 12.49 -8.62 -2.25
C ASP A 55 11.76 -9.65 -3.11
N GLU A 56 10.48 -9.85 -2.83
CA GLU A 56 9.67 -10.81 -3.56
C GLU A 56 8.86 -10.11 -4.65
N PRO A 57 8.71 -10.80 -5.80
CA PRO A 57 7.95 -10.27 -6.94
C PRO A 57 6.45 -10.19 -6.66
N PHE A 58 5.77 -9.29 -7.35
CA PHE A 58 4.33 -9.13 -7.18
C PHE A 58 3.70 -8.51 -8.44
N THR A 59 2.37 -8.47 -8.46
CA THR A 59 1.64 -7.91 -9.60
C THR A 59 0.47 -7.06 -9.14
N CYS A 60 0.29 -5.91 -9.78
CA CYS A 60 -0.80 -5.01 -9.43
C CYS A 60 -1.87 -5.01 -10.52
N GLN A 61 -3.12 -4.81 -10.10
CA GLN A 61 -4.24 -4.79 -11.04
C GLN A 61 -4.84 -3.39 -11.13
N ASP A 62 -5.34 -2.89 -10.01
CA ASP A 62 -5.95 -1.56 -9.97
C ASP A 62 -6.02 -1.04 -8.54
N SER A 63 -5.31 0.06 -8.28
CA SER A 63 -5.29 0.65 -6.95
C SER A 63 -5.13 -0.43 -5.88
N GLU A 64 -4.43 -1.49 -6.22
CA GLU A 64 -4.20 -2.59 -5.28
C GLU A 64 -2.83 -3.22 -5.51
N LEU A 65 -2.47 -4.16 -4.63
CA LEU A 65 -1.17 -4.83 -4.73
C LEU A 65 -1.29 -6.28 -4.29
N LEU A 66 -1.17 -7.20 -5.24
CA LEU A 66 -1.25 -8.62 -4.96
C LEU A 66 0.05 -9.33 -5.31
N CYS A 67 0.54 -10.16 -4.39
CA CYS A 67 1.77 -10.90 -4.61
C CYS A 67 1.56 -12.05 -5.59
N ASN A 68 2.60 -12.41 -6.32
CA ASN A 68 2.53 -13.49 -7.29
C ASN A 68 2.06 -14.78 -6.62
N ASP A 69 2.32 -14.91 -5.33
CA ASP A 69 1.93 -16.09 -4.57
C ASP A 69 0.43 -16.09 -4.31
N CYS A 70 -0.26 -15.06 -4.81
CA CYS A 70 -1.70 -14.94 -4.63
C CYS A 70 -2.40 -14.76 -5.98
N TYR A 71 -2.11 -13.64 -6.64
CA TYR A 71 -2.72 -13.34 -7.93
C TYR A 71 -2.94 -14.61 -8.73
N CYS A 72 -1.93 -15.48 -8.76
CA CYS A 72 -2.01 -16.73 -9.49
C CYS A 72 -2.99 -17.69 -8.83
N SER A 73 -2.88 -17.83 -7.50
CA SER A 73 -3.76 -18.71 -6.76
C SER A 73 -5.22 -18.30 -6.91
N ALA A 74 -6.06 -19.25 -7.30
CA ALA A 74 -7.48 -18.99 -7.49
C ALA A 74 -8.23 -20.27 -7.79
N PHE A 75 -8.98 -20.77 -6.81
CA PHE A 75 -9.74 -21.99 -6.96
C PHE A 75 -10.32 -22.09 -8.37
N SER A 76 -10.73 -20.95 -8.92
CA SER A 76 -11.32 -20.90 -10.25
C SER A 76 -10.22 -20.97 -11.31
N SER A 77 -9.72 -22.18 -11.54
CA SER A 77 -8.67 -22.40 -12.54
C SER A 77 -9.26 -22.53 -13.94
N GLY A 78 -9.38 -21.40 -14.63
CA GLY A 78 -9.93 -21.41 -15.98
C GLY A 78 -9.26 -20.42 -16.90
N PRO A 79 -9.88 -20.16 -18.05
CA PRO A 79 -9.35 -19.21 -19.05
C PRO A 79 -9.42 -17.77 -18.56
N SER A 80 -8.95 -16.84 -19.40
CA SER A 80 -8.96 -15.43 -19.06
C SER A 80 -10.39 -14.89 -18.98
N SER A 81 -10.57 -13.85 -18.18
CA SER A 81 -11.89 -13.25 -18.01
C SER A 81 -12.06 -12.05 -18.94
N GLY A 82 -10.95 -11.38 -19.24
CA GLY A 82 -11.00 -10.22 -20.12
C GLY A 82 -9.90 -10.24 -21.16
ZN ZN B . 3.12 2.69 6.45
ZN ZN C . -0.29 -12.76 -1.21
N GLY A 1 -15.83 29.06 8.33
CA GLY A 1 -15.99 27.62 8.51
C GLY A 1 -15.20 26.83 7.49
N SER A 2 -13.89 26.77 7.67
CA SER A 2 -13.02 26.04 6.76
C SER A 2 -12.43 24.80 7.43
N SER A 3 -12.69 23.64 6.85
CA SER A 3 -12.20 22.38 7.39
C SER A 3 -10.67 22.34 7.38
N GLY A 4 -10.09 21.74 8.41
CA GLY A 4 -8.64 21.65 8.49
C GLY A 4 -8.01 22.96 8.88
N SER A 5 -6.67 22.99 8.88
CA SER A 5 -5.93 24.20 9.24
C SER A 5 -5.21 24.77 8.03
N SER A 6 -4.53 25.90 8.24
CA SER A 6 -3.81 26.56 7.16
C SER A 6 -2.82 25.59 6.50
N GLY A 7 -3.16 25.13 5.31
CA GLY A 7 -2.30 24.20 4.60
C GLY A 7 -0.85 24.67 4.56
N PRO A 8 0.07 23.72 4.39
CA PRO A 8 1.51 24.02 4.33
C PRO A 8 1.90 24.78 3.07
N CYS A 9 1.66 26.08 3.08
CA CYS A 9 1.99 26.93 1.93
C CYS A 9 3.26 26.44 1.24
N TYR A 10 4.38 26.45 1.97
CA TYR A 10 5.64 26.01 1.42
C TYR A 10 6.22 24.85 2.24
N ASP A 11 6.96 23.98 1.56
CA ASP A 11 7.57 22.83 2.22
C ASP A 11 8.98 22.58 1.70
N ASN A 12 9.97 22.72 2.57
CA ASN A 12 11.36 22.52 2.20
C ASN A 12 11.57 21.12 1.61
N THR A 13 11.43 20.10 2.47
CA THR A 13 11.60 18.72 2.04
C THR A 13 10.26 18.03 1.88
N PHE A 14 9.90 17.69 0.65
CA PHE A 14 8.64 17.02 0.36
C PHE A 14 8.55 15.70 1.11
N ALA A 15 8.24 15.77 2.40
CA ALA A 15 8.11 14.58 3.23
C ALA A 15 7.12 13.60 2.63
N ASN A 16 7.48 12.31 2.63
CA ASN A 16 6.62 11.27 2.09
C ASN A 16 5.69 10.71 3.17
N THR A 17 4.55 10.19 2.74
CA THR A 17 3.58 9.62 3.68
C THR A 17 3.05 8.28 3.17
N CYS A 18 3.09 7.27 4.04
CA CYS A 18 2.62 5.94 3.68
C CYS A 18 1.13 5.97 3.34
N ALA A 19 0.79 5.53 2.13
CA ALA A 19 -0.60 5.50 1.69
C ALA A 19 -1.36 4.36 2.35
N GLU A 20 -0.67 3.61 3.20
CA GLU A 20 -1.28 2.47 3.89
C GLU A 20 -1.80 2.89 5.26
N CYS A 21 -0.93 3.50 6.06
CA CYS A 21 -1.30 3.95 7.40
C CYS A 21 -1.44 5.46 7.45
N GLN A 22 -1.16 6.11 6.32
CA GLN A 22 -1.25 7.57 6.24
C GLN A 22 -0.29 8.23 7.22
N GLN A 23 0.78 7.52 7.56
CA GLN A 23 1.78 8.04 8.50
C GLN A 23 2.97 8.61 7.75
N LEU A 24 3.73 9.47 8.42
CA LEU A 24 4.91 10.07 7.82
C LEU A 24 6.00 9.04 7.59
N ILE A 25 6.85 9.30 6.60
CA ILE A 25 7.94 8.38 6.28
C ILE A 25 9.30 9.02 6.55
N GLY A 26 10.09 8.37 7.41
CA GLY A 26 11.40 8.89 7.75
C GLY A 26 12.47 8.46 6.76
N HIS A 27 13.36 9.38 6.43
CA HIS A 27 14.44 9.10 5.49
C HIS A 27 15.17 7.81 5.86
N ASP A 28 15.65 7.75 7.09
CA ASP A 28 16.37 6.57 7.59
C ASP A 28 15.52 5.32 7.42
N SER A 29 14.22 5.51 7.27
CA SER A 29 13.30 4.38 7.10
C SER A 29 13.23 3.94 5.65
N ARG A 30 13.93 2.85 5.33
CA ARG A 30 13.95 2.32 3.98
C ARG A 30 12.58 2.45 3.32
N GLU A 31 12.50 3.28 2.29
CA GLU A 31 11.25 3.49 1.57
C GLU A 31 11.28 2.83 0.20
N LEU A 32 10.15 2.26 -0.21
CA LEU A 32 10.04 1.59 -1.50
C LEU A 32 9.06 2.32 -2.41
N PHE A 33 9.04 3.64 -2.31
CA PHE A 33 8.15 4.46 -3.14
C PHE A 33 8.01 3.86 -4.54
N TYR A 34 6.77 3.64 -4.96
CA TYR A 34 6.50 3.07 -6.27
C TYR A 34 5.85 4.10 -7.18
N GLU A 35 5.68 3.74 -8.45
CA GLU A 35 5.07 4.64 -9.43
C GLU A 35 3.63 4.95 -9.05
N ASP A 36 3.10 4.22 -8.07
CA ASP A 36 1.74 4.43 -7.61
C ASP A 36 1.70 5.38 -6.42
N ARG A 37 2.13 4.88 -5.26
CA ARG A 37 2.14 5.69 -4.04
C ARG A 37 3.27 5.25 -3.12
N HIS A 38 3.59 6.09 -2.13
CA HIS A 38 4.64 5.79 -1.18
C HIS A 38 4.15 4.82 -0.12
N PHE A 39 5.08 4.06 0.45
CA PHE A 39 4.74 3.07 1.47
C PHE A 39 5.95 2.78 2.37
N HIS A 40 5.70 2.12 3.50
CA HIS A 40 6.77 1.77 4.42
C HIS A 40 7.40 0.43 4.06
N GLU A 41 8.50 0.10 4.72
CA GLU A 41 9.20 -1.15 4.47
C GLU A 41 8.45 -2.34 5.08
N GLY A 42 7.34 -2.04 5.75
CA GLY A 42 6.54 -3.09 6.37
C GLY A 42 5.14 -3.16 5.80
N CYS A 43 4.46 -2.01 5.77
CA CYS A 43 3.09 -1.95 5.25
C CYS A 43 3.00 -2.57 3.87
N PHE A 44 3.57 -1.89 2.88
CA PHE A 44 3.56 -2.37 1.50
C PHE A 44 3.76 -3.89 1.46
N ARG A 45 2.65 -4.62 1.39
CA ARG A 45 2.71 -6.08 1.34
C ARG A 45 1.37 -6.66 0.88
N CYS A 46 1.37 -7.95 0.58
CA CYS A 46 0.15 -8.63 0.13
C CYS A 46 -0.88 -8.69 1.25
N CYS A 47 -1.93 -7.90 1.12
CA CYS A 47 -3.00 -7.87 2.12
C CYS A 47 -3.75 -9.19 2.14
N ARG A 48 -3.40 -10.08 1.24
CA ARG A 48 -4.05 -11.39 1.16
C ARG A 48 -3.36 -12.40 2.05
N CYS A 49 -2.07 -12.62 1.81
CA CYS A 49 -1.29 -13.57 2.59
C CYS A 49 -0.42 -12.84 3.62
N GLN A 50 -0.47 -11.51 3.59
CA GLN A 50 0.32 -10.71 4.51
C GLN A 50 1.73 -11.25 4.66
N ARG A 51 2.42 -11.42 3.53
CA ARG A 51 3.78 -11.93 3.52
C ARG A 51 4.78 -10.82 3.24
N SER A 52 6.06 -11.09 3.53
CA SER A 52 7.12 -10.10 3.31
C SER A 52 7.34 -9.89 1.81
N LEU A 53 7.02 -8.69 1.34
CA LEU A 53 7.18 -8.36 -0.08
C LEU A 53 8.50 -7.62 -0.30
N ALA A 54 9.04 -7.04 0.77
CA ALA A 54 10.29 -6.30 0.69
C ALA A 54 11.38 -7.16 0.05
N ASP A 55 11.21 -8.47 0.11
CA ASP A 55 12.19 -9.39 -0.46
C ASP A 55 11.53 -10.33 -1.47
N GLU A 56 10.43 -9.88 -2.06
CA GLU A 56 9.70 -10.69 -3.04
C GLU A 56 8.92 -9.80 -4.00
N PRO A 57 8.71 -10.30 -5.23
CA PRO A 57 7.97 -9.57 -6.26
C PRO A 57 6.49 -9.43 -5.94
N PHE A 58 5.83 -8.48 -6.58
CA PHE A 58 4.41 -8.24 -6.37
C PHE A 58 3.74 -7.75 -7.65
N THR A 59 2.43 -7.54 -7.58
CA THR A 59 1.67 -7.07 -8.73
C THR A 59 0.55 -6.13 -8.30
N CYS A 60 0.64 -4.87 -8.72
CA CYS A 60 -0.36 -3.88 -8.38
C CYS A 60 -1.70 -4.19 -9.03
N GLN A 61 -2.58 -4.83 -8.28
CA GLN A 61 -3.90 -5.20 -8.80
C GLN A 61 -4.75 -3.96 -9.04
N ASP A 62 -5.96 -4.17 -9.57
CA ASP A 62 -6.87 -3.08 -9.86
C ASP A 62 -6.80 -2.01 -8.78
N SER A 63 -7.37 -2.31 -7.61
CA SER A 63 -7.38 -1.38 -6.49
C SER A 63 -6.90 -2.06 -5.21
N GLU A 64 -5.84 -2.86 -5.32
CA GLU A 64 -5.29 -3.57 -4.18
C GLU A 64 -3.89 -4.11 -4.50
N LEU A 65 -3.03 -4.13 -3.48
CA LEU A 65 -1.67 -4.61 -3.65
C LEU A 65 -1.57 -6.08 -3.24
N LEU A 66 -1.22 -6.93 -4.21
CA LEU A 66 -1.10 -8.36 -3.96
C LEU A 66 0.25 -8.88 -4.48
N CYS A 67 0.47 -10.18 -4.33
CA CYS A 67 1.71 -10.80 -4.78
C CYS A 67 1.43 -11.88 -5.82
N ASN A 68 2.43 -12.19 -6.62
CA ASN A 68 2.30 -13.21 -7.66
C ASN A 68 1.79 -14.53 -7.07
N ASP A 69 2.41 -14.95 -5.97
CA ASP A 69 2.03 -16.19 -5.30
C ASP A 69 0.51 -16.27 -5.15
N CYS A 70 -0.11 -15.13 -4.89
CA CYS A 70 -1.56 -15.07 -4.72
C CYS A 70 -2.26 -14.74 -6.03
N TYR A 71 -2.00 -13.54 -6.54
CA TYR A 71 -2.61 -13.10 -7.79
C TYR A 71 -2.77 -14.26 -8.76
N CYS A 72 -1.76 -15.13 -8.81
CA CYS A 72 -1.79 -16.29 -9.69
C CYS A 72 -2.02 -17.57 -8.91
N SER A 73 -3.06 -17.56 -8.07
CA SER A 73 -3.39 -18.72 -7.25
C SER A 73 -4.76 -19.26 -7.62
N ALA A 74 -5.08 -19.25 -8.91
CA ALA A 74 -6.37 -19.73 -9.37
C ALA A 74 -6.19 -20.65 -10.59
N PHE A 75 -5.88 -21.91 -10.33
CA PHE A 75 -5.68 -22.88 -11.40
C PHE A 75 -6.84 -22.86 -12.39
N SER A 76 -6.54 -22.58 -13.65
CA SER A 76 -7.56 -22.51 -14.68
C SER A 76 -7.29 -23.53 -15.78
N SER A 77 -8.35 -24.09 -16.35
CA SER A 77 -8.23 -25.09 -17.40
C SER A 77 -9.16 -24.76 -18.57
N GLY A 78 -9.61 -23.51 -18.62
CA GLY A 78 -10.49 -23.09 -19.70
C GLY A 78 -9.81 -22.15 -20.67
N PRO A 79 -10.49 -21.89 -21.80
CA PRO A 79 -9.96 -21.00 -22.85
C PRO A 79 -9.93 -19.54 -22.41
N SER A 80 -8.73 -19.06 -22.07
CA SER A 80 -8.57 -17.68 -21.63
C SER A 80 -8.66 -16.72 -22.81
N SER A 81 -9.68 -15.85 -22.76
CA SER A 81 -9.89 -14.88 -23.83
C SER A 81 -9.02 -13.65 -23.63
N GLY A 82 -8.32 -13.60 -22.49
CA GLY A 82 -7.46 -12.48 -22.19
C GLY A 82 -6.72 -12.65 -20.88
ZN ZN B . 3.10 2.69 6.57
ZN ZN C . 0.09 -12.92 -1.35
N GLY A 1 -16.70 38.38 -3.21
CA GLY A 1 -15.77 37.63 -2.38
C GLY A 1 -16.33 37.31 -1.01
N SER A 2 -15.58 37.66 0.03
CA SER A 2 -16.01 37.40 1.40
C SER A 2 -16.48 35.96 1.56
N SER A 3 -15.69 35.03 1.06
CA SER A 3 -16.03 33.61 1.14
C SER A 3 -15.76 33.07 2.54
N GLY A 4 -14.62 33.46 3.11
CA GLY A 4 -14.27 33.00 4.44
C GLY A 4 -12.78 33.07 4.70
N SER A 5 -12.40 33.69 5.82
CA SER A 5 -11.00 33.83 6.18
C SER A 5 -10.61 32.81 7.25
N SER A 6 -11.59 32.34 8.00
CA SER A 6 -11.35 31.36 9.06
C SER A 6 -11.02 29.99 8.47
N GLY A 7 -9.72 29.74 8.29
CA GLY A 7 -9.29 28.47 7.73
C GLY A 7 -7.95 28.03 8.30
N PRO A 8 -7.77 26.70 8.42
CA PRO A 8 -6.54 26.11 8.95
C PRO A 8 -5.36 26.28 7.99
N CYS A 9 -4.21 25.75 8.37
CA CYS A 9 -3.01 25.84 7.55
C CYS A 9 -2.55 24.45 7.12
N TYR A 10 -1.59 24.41 6.21
CA TYR A 10 -1.06 23.15 5.71
C TYR A 10 0.45 23.25 5.45
N ASP A 11 1.04 22.16 4.99
CA ASP A 11 2.47 22.12 4.70
C ASP A 11 3.29 22.40 5.96
N ASN A 12 2.82 21.88 7.09
CA ASN A 12 3.50 22.07 8.36
C ASN A 12 4.34 20.84 8.72
N THR A 13 4.21 19.80 7.92
CA THR A 13 4.94 18.56 8.16
C THR A 13 6.14 18.44 7.23
N PHE A 14 7.29 18.09 7.79
CA PHE A 14 8.51 17.94 6.99
C PHE A 14 8.79 16.48 6.70
N ALA A 15 7.79 15.62 6.95
CA ALA A 15 7.94 14.20 6.71
C ALA A 15 6.73 13.65 5.94
N ASN A 16 6.99 13.10 4.75
CA ASN A 16 5.92 12.54 3.92
C ASN A 16 4.97 11.68 4.75
N THR A 17 3.86 11.31 4.16
CA THR A 17 2.86 10.49 4.84
C THR A 17 2.62 9.18 4.10
N CYS A 18 2.88 8.06 4.78
CA CYS A 18 2.69 6.74 4.18
C CYS A 18 1.41 6.70 3.37
N ALA A 19 1.30 5.68 2.51
CA ALA A 19 0.12 5.52 1.67
C ALA A 19 -0.87 4.55 2.30
N GLU A 20 -0.35 3.61 3.08
CA GLU A 20 -1.19 2.61 3.75
C GLU A 20 -1.64 3.10 5.12
N CYS A 21 -0.70 3.13 6.07
CA CYS A 21 -1.00 3.57 7.42
C CYS A 21 -1.05 5.09 7.50
N GLN A 22 -0.50 5.74 6.47
CA GLN A 22 -0.49 7.21 6.43
C GLN A 22 -0.08 7.79 7.78
N GLN A 23 1.05 7.35 8.30
CA GLN A 23 1.54 7.82 9.58
C GLN A 23 2.69 8.81 9.39
N LEU A 24 3.86 8.29 9.05
CA LEU A 24 5.03 9.13 8.83
C LEU A 24 6.08 8.40 7.98
N ILE A 25 6.86 9.17 7.22
CA ILE A 25 7.88 8.60 6.36
C ILE A 25 9.20 9.35 6.52
N GLY A 26 9.95 9.00 7.56
CA GLY A 26 11.23 9.65 7.80
C GLY A 26 12.38 8.98 7.05
N HIS A 27 13.59 9.41 7.35
CA HIS A 27 14.77 8.84 6.70
C HIS A 27 15.11 7.46 7.26
N ASP A 28 16.06 6.78 6.64
CA ASP A 28 16.47 5.46 7.08
C ASP A 28 15.30 4.49 7.05
N SER A 29 14.33 4.75 6.17
CA SER A 29 13.16 3.90 6.03
C SER A 29 13.05 3.33 4.63
N ARG A 30 14.13 3.46 3.87
CA ARG A 30 14.16 2.95 2.49
C ARG A 30 12.79 3.11 1.83
N GLU A 31 12.27 4.34 1.83
CA GLU A 31 10.98 4.62 1.23
C GLU A 31 10.87 4.00 -0.16
N LEU A 32 10.01 3.01 -0.30
CA LEU A 32 9.82 2.34 -1.59
C LEU A 32 8.91 3.16 -2.51
N PHE A 33 9.24 4.44 -2.66
CA PHE A 33 8.46 5.33 -3.51
C PHE A 33 8.20 4.69 -4.87
N TYR A 34 6.94 4.74 -5.29
CA TYR A 34 6.55 4.17 -6.58
C TYR A 34 5.82 5.20 -7.43
N GLU A 35 5.55 4.83 -8.69
CA GLU A 35 4.87 5.72 -9.62
C GLU A 35 3.49 6.11 -9.08
N ASP A 36 3.05 5.41 -8.04
CA ASP A 36 1.74 5.68 -7.43
C ASP A 36 1.90 6.57 -6.20
N ARG A 37 2.43 6.00 -5.13
CA ARG A 37 2.63 6.74 -3.89
C ARG A 37 3.76 6.13 -3.07
N HIS A 38 4.02 6.73 -1.90
CA HIS A 38 5.08 6.25 -1.03
C HIS A 38 4.52 5.30 0.03
N PHE A 39 5.25 4.22 0.29
CA PHE A 39 4.82 3.22 1.27
C PHE A 39 6.01 2.74 2.11
N HIS A 40 5.75 2.48 3.39
CA HIS A 40 6.79 2.01 4.29
C HIS A 40 7.44 0.74 3.75
N GLU A 41 8.46 0.24 4.47
CA GLU A 41 9.16 -0.96 4.06
C GLU A 41 8.37 -2.21 4.46
N GLY A 42 7.40 -2.03 5.33
CA GLY A 42 6.58 -3.15 5.78
C GLY A 42 5.15 -3.05 5.31
N CYS A 43 4.56 -1.87 5.42
CA CYS A 43 3.18 -1.64 5.01
C CYS A 43 2.92 -2.27 3.64
N PHE A 44 3.62 -1.78 2.62
CA PHE A 44 3.46 -2.29 1.27
C PHE A 44 3.60 -3.81 1.24
N ARG A 45 2.47 -4.50 1.40
CA ARG A 45 2.47 -5.95 1.40
C ARG A 45 1.24 -6.49 0.65
N CYS A 46 1.15 -7.82 0.56
CA CYS A 46 0.04 -8.45 -0.13
C CYS A 46 -1.26 -8.30 0.67
N CYS A 47 -2.38 -8.20 -0.03
CA CYS A 47 -3.68 -8.05 0.60
C CYS A 47 -4.36 -9.40 0.78
N ARG A 48 -3.56 -10.47 0.74
CA ARG A 48 -4.09 -11.82 0.88
C ARG A 48 -3.33 -12.58 1.97
N CYS A 49 -1.99 -12.55 1.89
CA CYS A 49 -1.16 -13.24 2.87
C CYS A 49 -0.43 -12.23 3.75
N GLN A 50 -0.53 -10.96 3.40
CA GLN A 50 0.12 -9.91 4.16
C GLN A 50 1.63 -10.05 4.11
N ARG A 51 2.15 -10.49 2.97
CA ARG A 51 3.58 -10.67 2.79
C ARG A 51 4.24 -9.39 2.29
N SER A 52 5.36 -9.03 2.91
CA SER A 52 6.08 -7.82 2.54
C SER A 52 6.45 -7.84 1.06
N LEU A 53 6.24 -6.72 0.39
CA LEU A 53 6.54 -6.60 -1.03
C LEU A 53 7.74 -5.68 -1.26
N ALA A 54 8.88 -6.04 -0.69
CA ALA A 54 10.09 -5.25 -0.83
C ALA A 54 11.03 -5.86 -1.88
N ASP A 55 10.80 -5.52 -3.13
CA ASP A 55 11.62 -6.03 -4.22
C ASP A 55 11.32 -7.50 -4.50
N GLU A 56 10.04 -7.85 -4.44
CA GLU A 56 9.60 -9.22 -4.69
C GLU A 56 8.62 -9.29 -5.85
N PRO A 57 8.54 -10.47 -6.48
CA PRO A 57 7.63 -10.70 -7.62
C PRO A 57 6.16 -10.69 -7.21
N PHE A 58 5.40 -9.79 -7.82
CA PHE A 58 3.98 -9.68 -7.51
C PHE A 58 3.20 -9.21 -8.74
N THR A 59 1.87 -9.15 -8.61
CA THR A 59 1.02 -8.71 -9.70
C THR A 59 -0.20 -7.96 -9.18
N CYS A 60 -0.76 -7.09 -10.02
CA CYS A 60 -1.93 -6.30 -9.64
C CYS A 60 -3.07 -6.50 -10.63
N GLN A 61 -4.30 -6.44 -10.13
CA GLN A 61 -5.48 -6.62 -10.98
C GLN A 61 -6.64 -5.77 -10.49
N ASP A 62 -7.32 -6.24 -9.45
CA ASP A 62 -8.45 -5.53 -8.88
C ASP A 62 -7.99 -4.25 -8.18
N SER A 63 -8.73 -3.85 -7.16
CA SER A 63 -8.40 -2.64 -6.41
C SER A 63 -7.45 -2.96 -5.25
N GLU A 64 -6.57 -3.93 -5.47
CA GLU A 64 -5.61 -4.34 -4.45
C GLU A 64 -4.34 -4.87 -5.08
N LEU A 65 -3.38 -5.26 -4.24
CA LEU A 65 -2.11 -5.79 -4.73
C LEU A 65 -1.89 -7.22 -4.23
N LEU A 66 -1.63 -8.13 -5.16
CA LEU A 66 -1.40 -9.53 -4.81
C LEU A 66 0.00 -9.97 -5.21
N CYS A 67 0.57 -10.89 -4.45
CA CYS A 67 1.92 -11.39 -4.71
C CYS A 67 1.88 -12.48 -5.79
N ASN A 68 3.04 -13.04 -6.08
CA ASN A 68 3.15 -14.10 -7.09
C ASN A 68 2.63 -15.43 -6.55
N ASP A 69 2.14 -15.40 -5.31
CA ASP A 69 1.62 -16.61 -4.68
C ASP A 69 0.13 -16.44 -4.34
N CYS A 70 -0.41 -15.26 -4.63
CA CYS A 70 -1.81 -14.98 -4.35
C CYS A 70 -2.53 -14.52 -5.61
N TYR A 71 -1.84 -13.74 -6.44
CA TYR A 71 -2.41 -13.23 -7.68
C TYR A 71 -3.30 -14.28 -8.33
N CYS A 72 -2.71 -15.39 -8.72
CA CYS A 72 -3.45 -16.47 -9.37
C CYS A 72 -4.74 -16.76 -8.62
N SER A 73 -4.63 -17.01 -7.32
CA SER A 73 -5.80 -17.30 -6.50
C SER A 73 -6.40 -16.01 -5.94
N ALA A 74 -7.46 -15.54 -6.58
CA ALA A 74 -8.14 -14.32 -6.14
C ALA A 74 -9.51 -14.62 -5.58
N PHE A 75 -9.94 -15.88 -5.71
CA PHE A 75 -11.24 -16.31 -5.21
C PHE A 75 -11.55 -15.65 -3.87
N SER A 76 -12.60 -14.83 -3.84
CA SER A 76 -13.00 -14.13 -2.62
C SER A 76 -14.33 -14.66 -2.11
N SER A 77 -14.76 -14.16 -0.95
CA SER A 77 -16.02 -14.58 -0.34
C SER A 77 -17.10 -13.53 -0.57
N GLY A 78 -18.32 -13.85 -0.16
CA GLY A 78 -19.43 -12.94 -0.33
C GLY A 78 -19.64 -12.53 -1.78
N PRO A 79 -19.73 -13.52 -2.66
CA PRO A 79 -19.93 -13.29 -4.10
C PRO A 79 -21.33 -12.76 -4.41
N SER A 80 -22.28 -13.07 -3.54
CA SER A 80 -23.66 -12.63 -3.72
C SER A 80 -23.72 -11.12 -3.91
N SER A 81 -24.72 -10.67 -4.66
CA SER A 81 -24.90 -9.25 -4.92
C SER A 81 -26.37 -8.86 -4.87
N GLY A 82 -26.64 -7.56 -4.95
CA GLY A 82 -28.00 -7.07 -4.90
C GLY A 82 -28.22 -6.04 -3.83
ZN ZN B . 3.15 2.91 6.66
ZN ZN C . -0.02 -12.95 -1.12
N GLY A 1 -2.49 53.37 13.40
CA GLY A 1 -2.08 51.98 13.47
C GLY A 1 -1.70 51.42 12.11
N SER A 2 -1.41 50.13 12.06
CA SER A 2 -1.02 49.48 10.82
C SER A 2 -1.11 47.96 10.95
N SER A 3 -1.96 47.34 10.14
CA SER A 3 -2.14 45.90 10.16
C SER A 3 -0.81 45.19 10.32
N GLY A 4 -0.76 44.24 11.26
CA GLY A 4 0.47 43.50 11.49
C GLY A 4 0.39 42.07 11.00
N SER A 5 1.54 41.46 10.75
CA SER A 5 1.59 40.09 10.27
C SER A 5 2.01 39.14 11.38
N SER A 6 1.21 38.10 11.59
CA SER A 6 1.50 37.11 12.63
C SER A 6 2.13 35.86 12.03
N GLY A 7 1.87 35.62 10.74
CA GLY A 7 2.42 34.46 10.08
C GLY A 7 1.76 34.20 8.74
N PRO A 8 2.09 33.05 8.14
CA PRO A 8 1.53 32.65 6.83
C PRO A 8 0.06 32.30 6.92
N CYS A 9 -0.56 32.10 5.76
CA CYS A 9 -1.98 31.76 5.70
C CYS A 9 -2.18 30.26 5.93
N TYR A 10 -1.76 29.46 4.96
CA TYR A 10 -1.91 28.01 5.04
C TYR A 10 -0.69 27.38 5.72
N ASP A 11 -0.82 26.11 6.09
CA ASP A 11 0.27 25.39 6.75
C ASP A 11 1.35 25.01 5.75
N ASN A 12 2.56 24.75 6.25
CA ASN A 12 3.67 24.36 5.40
C ASN A 12 4.28 23.04 5.85
N THR A 13 3.45 22.00 5.89
CA THR A 13 3.89 20.68 6.31
C THR A 13 4.14 19.78 5.10
N PHE A 14 5.42 19.61 4.73
CA PHE A 14 5.77 18.77 3.60
C PHE A 14 6.59 17.56 4.06
N ALA A 15 5.91 16.44 4.25
CA ALA A 15 6.56 15.21 4.69
C ALA A 15 5.88 13.98 4.09
N ASN A 16 6.65 13.18 3.36
CA ASN A 16 6.12 11.97 2.73
C ASN A 16 5.42 11.09 3.75
N THR A 17 4.10 11.26 3.86
CA THR A 17 3.31 10.47 4.80
C THR A 17 2.71 9.25 4.12
N CYS A 18 3.05 8.06 4.64
CA CYS A 18 2.54 6.82 4.09
C CYS A 18 1.08 6.97 3.65
N ALA A 19 0.72 6.29 2.57
CA ALA A 19 -0.64 6.34 2.06
C ALA A 19 -1.43 5.10 2.46
N GLU A 20 -0.79 4.21 3.20
CA GLU A 20 -1.43 2.98 3.65
C GLU A 20 -1.87 3.09 5.11
N CYS A 21 -0.94 3.49 5.97
CA CYS A 21 -1.23 3.65 7.39
C CYS A 21 -1.32 5.12 7.78
N GLN A 22 -1.14 6.00 6.78
CA GLN A 22 -1.20 7.43 7.02
C GLN A 22 -0.22 7.85 8.11
N GLN A 23 0.94 7.21 8.13
CA GLN A 23 1.95 7.52 9.12
C GLN A 23 3.17 8.17 8.47
N LEU A 24 3.88 8.99 9.25
CA LEU A 24 5.06 9.68 8.75
C LEU A 24 6.18 8.69 8.44
N ILE A 25 7.14 9.12 7.63
CA ILE A 25 8.27 8.27 7.27
C ILE A 25 9.54 9.10 7.11
N GLY A 26 10.65 8.42 6.84
CA GLY A 26 11.92 9.10 6.67
C GLY A 26 12.81 8.99 7.90
N HIS A 27 12.22 8.58 9.02
CA HIS A 27 12.96 8.43 10.26
C HIS A 27 14.12 7.45 10.09
N ASP A 28 15.21 7.92 9.50
CA ASP A 28 16.38 7.08 9.28
C ASP A 28 15.97 5.68 8.82
N SER A 29 14.81 5.60 8.18
CA SER A 29 14.29 4.32 7.70
C SER A 29 14.22 4.30 6.18
N ARG A 30 14.82 3.28 5.56
CA ARG A 30 14.81 3.15 4.12
C ARG A 30 13.46 2.68 3.61
N GLU A 31 12.41 3.39 4.00
CA GLU A 31 11.05 3.03 3.59
C GLU A 31 11.02 2.64 2.11
N LEU A 32 9.94 1.98 1.71
CA LEU A 32 9.77 1.54 0.33
C LEU A 32 8.70 2.36 -0.38
N PHE A 33 9.05 3.58 -0.77
CA PHE A 33 8.10 4.46 -1.46
C PHE A 33 7.74 3.90 -2.83
N TYR A 34 6.55 4.25 -3.30
CA TYR A 34 6.08 3.78 -4.61
C TYR A 34 5.98 4.94 -5.59
N GLU A 35 5.31 4.69 -6.72
CA GLU A 35 5.14 5.70 -7.74
C GLU A 35 3.80 6.42 -7.58
N ASP A 36 3.86 7.71 -7.31
CA ASP A 36 2.66 8.51 -7.12
C ASP A 36 2.05 8.30 -5.74
N ARG A 37 2.86 7.78 -4.83
CA ARG A 37 2.41 7.51 -3.47
C ARG A 37 3.57 7.12 -2.57
N HIS A 38 3.35 7.17 -1.26
CA HIS A 38 4.38 6.81 -0.29
C HIS A 38 3.98 5.57 0.49
N PHE A 39 4.96 4.70 0.75
CA PHE A 39 4.71 3.47 1.49
C PHE A 39 5.94 3.07 2.30
N HIS A 40 5.70 2.43 3.44
CA HIS A 40 6.80 1.98 4.30
C HIS A 40 7.47 0.73 3.73
N GLU A 41 8.56 0.32 4.35
CA GLU A 41 9.30 -0.87 3.92
C GLU A 41 8.51 -2.13 4.21
N GLY A 42 7.49 -2.01 5.05
CA GLY A 42 6.67 -3.16 5.40
C GLY A 42 5.25 -3.05 4.86
N CYS A 43 4.67 -1.85 4.96
CA CYS A 43 3.32 -1.61 4.47
C CYS A 43 3.12 -2.24 3.10
N PHE A 44 4.21 -2.46 2.38
CA PHE A 44 4.15 -3.05 1.05
C PHE A 44 4.06 -4.57 1.13
N ARG A 45 2.97 -5.06 1.72
CA ARG A 45 2.75 -6.50 1.86
C ARG A 45 1.41 -6.91 1.27
N CYS A 46 1.35 -8.13 0.75
CA CYS A 46 0.13 -8.64 0.15
C CYS A 46 -1.07 -8.37 1.05
N CYS A 47 -2.14 -7.83 0.46
CA CYS A 47 -3.35 -7.50 1.21
C CYS A 47 -4.22 -8.74 1.37
N ARG A 48 -3.63 -9.92 1.16
CA ARG A 48 -4.36 -11.17 1.27
C ARG A 48 -3.73 -12.07 2.33
N CYS A 49 -2.45 -12.37 2.16
CA CYS A 49 -1.72 -13.22 3.09
C CYS A 49 -0.66 -12.42 3.84
N GLN A 50 -0.77 -11.10 3.79
CA GLN A 50 0.19 -10.22 4.45
C GLN A 50 1.62 -10.67 4.18
N ARG A 51 1.86 -11.17 2.97
CA ARG A 51 3.19 -11.63 2.59
C ARG A 51 4.09 -10.46 2.21
N SER A 52 5.34 -10.51 2.65
CA SER A 52 6.30 -9.46 2.36
C SER A 52 6.60 -9.38 0.86
N LEU A 53 6.83 -8.17 0.37
CA LEU A 53 7.14 -7.96 -1.04
C LEU A 53 8.42 -7.15 -1.21
N ALA A 54 8.98 -6.69 -0.09
CA ALA A 54 10.20 -5.91 -0.12
C ALA A 54 11.25 -6.55 -1.01
N ASP A 55 11.42 -7.86 -0.86
CA ASP A 55 12.38 -8.61 -1.66
C ASP A 55 11.72 -9.75 -2.42
N GLU A 56 10.47 -9.51 -2.85
CA GLU A 56 9.72 -10.52 -3.59
C GLU A 56 8.89 -9.87 -4.68
N PRO A 57 8.65 -10.63 -5.77
CA PRO A 57 7.86 -10.15 -6.91
C PRO A 57 6.38 -10.00 -6.57
N PHE A 58 5.71 -9.10 -7.28
CA PHE A 58 4.29 -8.84 -7.05
C PHE A 58 3.56 -8.58 -8.37
N THR A 59 2.26 -8.31 -8.28
CA THR A 59 1.46 -8.03 -9.47
C THR A 59 0.33 -7.08 -9.14
N CYS A 60 0.09 -6.12 -10.03
CA CYS A 60 -0.97 -5.13 -9.84
C CYS A 60 -2.23 -5.54 -10.58
N GLN A 61 -3.19 -6.10 -9.85
CA GLN A 61 -4.45 -6.53 -10.45
C GLN A 61 -5.64 -6.02 -9.65
N ASP A 62 -6.51 -5.26 -10.31
CA ASP A 62 -7.69 -4.70 -9.66
C ASP A 62 -7.30 -3.72 -8.57
N SER A 63 -6.02 -3.31 -8.57
CA SER A 63 -5.52 -2.38 -7.58
C SER A 63 -5.39 -3.06 -6.21
N GLU A 64 -4.96 -4.31 -6.24
CA GLU A 64 -4.78 -5.08 -5.00
C GLU A 64 -3.39 -5.73 -4.95
N LEU A 65 -2.37 -4.91 -4.73
CA LEU A 65 -1.01 -5.41 -4.66
C LEU A 65 -0.96 -6.80 -4.05
N LEU A 66 -0.94 -7.82 -4.91
CA LEU A 66 -0.89 -9.21 -4.45
C LEU A 66 0.47 -9.84 -4.76
N CYS A 67 0.73 -10.99 -4.15
CA CYS A 67 1.98 -11.70 -4.37
C CYS A 67 1.84 -12.74 -5.48
N ASN A 68 2.94 -13.00 -6.18
CA ASN A 68 2.93 -13.97 -7.26
C ASN A 68 2.04 -15.16 -6.92
N ASP A 69 2.15 -15.64 -5.69
CA ASP A 69 1.35 -16.77 -5.23
C ASP A 69 -0.14 -16.51 -5.45
N CYS A 70 -0.69 -15.56 -4.69
CA CYS A 70 -2.10 -15.22 -4.80
C CYS A 70 -2.49 -14.96 -6.26
N TYR A 71 -1.76 -14.07 -6.91
CA TYR A 71 -2.02 -13.74 -8.30
C TYR A 71 -2.14 -15.00 -9.15
N CYS A 72 -1.22 -15.93 -8.94
CA CYS A 72 -1.23 -17.18 -9.69
C CYS A 72 -1.75 -18.32 -8.84
N SER A 73 -2.92 -18.11 -8.23
CA SER A 73 -3.52 -19.12 -7.38
C SER A 73 -4.88 -19.56 -7.94
N ALA A 74 -5.38 -20.69 -7.44
CA ALA A 74 -6.66 -21.21 -7.89
C ALA A 74 -7.61 -21.43 -6.71
N PHE A 75 -7.08 -21.98 -5.63
CA PHE A 75 -7.89 -22.25 -4.44
C PHE A 75 -7.14 -21.81 -3.18
N SER A 76 -7.61 -20.75 -2.55
CA SER A 76 -6.98 -20.23 -1.34
C SER A 76 -8.02 -19.59 -0.42
N SER A 77 -7.63 -19.35 0.83
CA SER A 77 -8.53 -18.75 1.80
C SER A 77 -8.76 -17.28 1.50
N GLY A 78 -9.84 -16.73 2.04
CA GLY A 78 -10.17 -15.33 1.81
C GLY A 78 -9.12 -14.39 2.38
N PRO A 79 -9.44 -13.09 2.41
CA PRO A 79 -8.54 -12.07 2.94
C PRO A 79 -8.37 -12.16 4.45
N SER A 80 -7.13 -12.31 4.91
CA SER A 80 -6.84 -12.41 6.33
C SER A 80 -5.80 -11.37 6.75
N SER A 81 -6.07 -10.11 6.42
CA SER A 81 -5.16 -9.02 6.77
C SER A 81 -5.93 -7.80 7.27
N GLY A 82 -5.20 -6.79 7.72
CA GLY A 82 -5.83 -5.58 8.22
C GLY A 82 -4.85 -4.42 8.34
ZN ZN B . 3.12 2.92 6.37
ZN ZN C . -0.58 -13.11 -1.36
N GLY A 1 -20.20 25.71 8.92
CA GLY A 1 -19.23 24.86 8.25
C GLY A 1 -19.54 23.38 8.42
N SER A 2 -19.10 22.57 7.46
CA SER A 2 -19.33 21.13 7.51
C SER A 2 -18.63 20.51 8.71
N SER A 3 -17.72 21.25 9.32
CA SER A 3 -16.97 20.77 10.48
C SER A 3 -17.90 20.55 11.66
N GLY A 4 -17.36 19.95 12.72
CA GLY A 4 -18.16 19.69 13.91
C GLY A 4 -17.51 18.68 14.83
N SER A 5 -16.89 17.66 14.24
CA SER A 5 -16.22 16.62 15.01
C SER A 5 -14.73 16.58 14.72
N SER A 6 -14.37 16.80 13.45
CA SER A 6 -12.98 16.79 13.03
C SER A 6 -12.43 18.20 12.96
N GLY A 7 -11.37 18.47 13.74
CA GLY A 7 -10.77 19.78 13.74
C GLY A 7 -10.41 20.26 12.35
N PRO A 8 -10.37 21.60 12.18
CA PRO A 8 -10.05 22.22 10.89
C PRO A 8 -8.58 22.02 10.51
N CYS A 9 -8.32 21.06 9.61
CA CYS A 9 -6.96 20.78 9.18
C CYS A 9 -6.49 21.83 8.18
N TYR A 10 -6.27 23.05 8.67
CA TYR A 10 -5.82 24.14 7.82
C TYR A 10 -4.50 23.79 7.12
N ASP A 11 -3.43 23.71 7.91
CA ASP A 11 -2.12 23.38 7.38
C ASP A 11 -2.18 22.12 6.52
N ASN A 12 -2.29 22.29 5.21
CA ASN A 12 -2.37 21.16 4.29
C ASN A 12 -1.21 20.19 4.52
N THR A 13 -1.48 18.91 4.36
CA THR A 13 -0.47 17.88 4.55
C THR A 13 -0.04 17.27 3.23
N PHE A 14 1.03 17.80 2.64
CA PHE A 14 1.53 17.31 1.37
C PHE A 14 2.68 16.33 1.59
N ALA A 15 2.66 15.63 2.72
CA ALA A 15 3.70 14.65 3.04
C ALA A 15 3.40 13.31 2.40
N ASN A 16 4.43 12.46 2.33
CA ASN A 16 4.28 11.13 1.74
C ASN A 16 3.80 10.12 2.78
N THR A 17 3.17 10.63 3.83
CA THR A 17 2.66 9.77 4.90
C THR A 17 2.18 8.44 4.34
N CYS A 18 2.71 7.35 4.88
CA CYS A 18 2.34 6.01 4.44
C CYS A 18 0.82 5.91 4.26
N ALA A 19 0.39 5.79 3.01
CA ALA A 19 -1.03 5.68 2.70
C ALA A 19 -1.63 4.41 3.32
N GLU A 20 -0.77 3.57 3.87
CA GLU A 20 -1.21 2.33 4.50
C GLU A 20 -1.60 2.55 5.96
N CYS A 21 -0.61 2.86 6.78
CA CYS A 21 -0.85 3.10 8.19
C CYS A 21 -1.17 4.58 8.46
N GLN A 22 -1.04 5.40 7.41
CA GLN A 22 -1.32 6.82 7.52
C GLN A 22 -0.36 7.48 8.52
N GLN A 23 0.92 7.15 8.41
CA GLN A 23 1.93 7.72 9.30
C GLN A 23 3.02 8.42 8.50
N LEU A 24 3.64 9.43 9.13
CA LEU A 24 4.70 10.19 8.47
C LEU A 24 5.88 9.28 8.11
N ILE A 25 6.57 9.63 7.04
CA ILE A 25 7.72 8.85 6.59
C ILE A 25 8.95 9.73 6.44
N GLY A 26 10.12 9.10 6.35
CA GLY A 26 11.36 9.84 6.20
C GLY A 26 12.30 9.62 7.36
N HIS A 27 11.90 8.77 8.30
CA HIS A 27 12.72 8.48 9.47
C HIS A 27 13.43 7.14 9.32
N ASP A 28 14.71 7.20 8.92
CA ASP A 28 15.50 5.99 8.74
C ASP A 28 14.64 4.84 8.20
N SER A 29 13.80 5.16 7.21
CA SER A 29 12.93 4.17 6.61
C SER A 29 12.88 4.33 5.09
N ARG A 30 13.06 3.22 4.38
CA ARG A 30 13.05 3.23 2.93
C ARG A 30 11.62 3.41 2.40
N GLU A 31 11.44 4.42 1.55
CA GLU A 31 10.12 4.70 0.97
C GLU A 31 9.99 4.08 -0.40
N LEU A 32 9.17 3.04 -0.51
CA LEU A 32 8.96 2.35 -1.78
C LEU A 32 7.86 3.03 -2.59
N PHE A 33 7.80 4.36 -2.49
CA PHE A 33 6.80 5.14 -3.21
C PHE A 33 6.52 4.51 -4.58
N TYR A 34 5.26 4.15 -4.80
CA TYR A 34 4.86 3.55 -6.07
C TYR A 34 3.88 4.45 -6.82
N GLU A 35 3.85 4.31 -8.13
CA GLU A 35 2.96 5.12 -8.97
C GLU A 35 1.58 5.26 -8.31
N ASP A 36 1.14 4.20 -7.65
CA ASP A 36 -0.16 4.20 -6.97
C ASP A 36 -0.15 5.18 -5.80
N ARG A 37 0.53 4.81 -4.73
CA ARG A 37 0.61 5.66 -3.54
C ARG A 37 1.91 5.43 -2.79
N HIS A 38 2.10 6.16 -1.70
CA HIS A 38 3.31 6.05 -0.90
C HIS A 38 3.15 4.98 0.18
N PHE A 39 4.24 4.32 0.52
CA PHE A 39 4.22 3.27 1.53
C PHE A 39 5.55 3.22 2.30
N HIS A 40 5.63 2.32 3.27
CA HIS A 40 6.83 2.17 4.07
C HIS A 40 7.67 0.98 3.60
N GLU A 41 8.83 0.79 4.21
CA GLU A 41 9.71 -0.32 3.85
C GLU A 41 9.08 -1.66 4.21
N GLY A 42 7.91 -1.61 4.85
CA GLY A 42 7.23 -2.83 5.24
C GLY A 42 5.75 -2.80 4.89
N CYS A 43 5.03 -1.83 5.45
CA CYS A 43 3.61 -1.69 5.19
C CYS A 43 3.28 -2.02 3.74
N PHE A 44 4.25 -1.81 2.86
CA PHE A 44 4.07 -2.08 1.44
C PHE A 44 4.13 -3.58 1.16
N ARG A 45 3.13 -4.31 1.64
CA ARG A 45 3.08 -5.75 1.44
C ARG A 45 1.91 -6.14 0.55
N CYS A 46 1.85 -7.40 0.15
CA CYS A 46 0.78 -7.90 -0.70
C CYS A 46 -0.55 -7.22 -0.37
N CYS A 47 -1.41 -7.10 -1.36
CA CYS A 47 -2.71 -6.47 -1.18
C CYS A 47 -3.80 -7.51 -0.97
N ARG A 48 -3.42 -8.64 -0.36
CA ARG A 48 -4.36 -9.72 -0.10
C ARG A 48 -4.12 -10.34 1.27
N CYS A 49 -2.86 -10.64 1.55
CA CYS A 49 -2.49 -11.25 2.82
C CYS A 49 -1.38 -10.45 3.51
N GLN A 50 -0.14 -10.68 3.08
CA GLN A 50 1.01 -9.97 3.65
C GLN A 50 2.31 -10.57 3.15
N ARG A 51 2.99 -9.83 2.28
CA ARG A 51 4.26 -10.29 1.72
C ARG A 51 5.30 -9.16 1.72
N SER A 52 6.49 -9.45 2.23
CA SER A 52 7.55 -8.46 2.29
C SER A 52 8.21 -8.27 0.93
N LEU A 53 7.37 -8.01 -0.08
CA LEU A 53 7.87 -7.80 -1.44
C LEU A 53 9.14 -6.96 -1.44
N ALA A 54 9.24 -6.04 -0.48
CA ALA A 54 10.40 -5.17 -0.37
C ALA A 54 11.68 -5.94 -0.68
N ASP A 55 11.65 -7.25 -0.46
CA ASP A 55 12.81 -8.10 -0.71
C ASP A 55 12.45 -9.23 -1.67
N GLU A 56 11.16 -9.36 -1.98
CA GLU A 56 10.70 -10.41 -2.88
C GLU A 56 9.83 -9.82 -3.99
N PRO A 57 9.87 -10.45 -5.17
CA PRO A 57 9.10 -10.01 -6.33
C PRO A 57 7.60 -10.26 -6.16
N PHE A 58 6.83 -9.99 -7.21
CA PHE A 58 5.38 -10.18 -7.16
C PHE A 58 4.77 -9.96 -8.54
N THR A 59 3.50 -10.35 -8.68
CA THR A 59 2.79 -10.20 -9.95
C THR A 59 2.00 -8.91 -9.98
N CYS A 60 2.70 -7.79 -10.21
CA CYS A 60 2.06 -6.49 -10.26
C CYS A 60 1.10 -6.40 -11.45
N GLN A 61 -0.19 -6.56 -11.17
CA GLN A 61 -1.21 -6.49 -12.22
C GLN A 61 -1.55 -5.05 -12.56
N ASP A 62 -2.53 -4.87 -13.45
CA ASP A 62 -2.96 -3.54 -13.86
C ASP A 62 -3.90 -2.93 -12.83
N SER A 63 -3.96 -3.54 -11.65
CA SER A 63 -4.82 -3.05 -10.58
C SER A 63 -4.03 -2.82 -9.30
N GLU A 64 -3.64 -3.92 -8.65
CA GLU A 64 -2.88 -3.83 -7.41
C GLU A 64 -1.74 -4.85 -7.40
N LEU A 65 -1.04 -4.94 -6.28
CA LEU A 65 0.07 -5.87 -6.14
C LEU A 65 -0.38 -7.17 -5.49
N LEU A 66 -0.14 -8.29 -6.17
CA LEU A 66 -0.52 -9.60 -5.66
C LEU A 66 0.66 -10.56 -5.68
N CYS A 67 0.84 -11.28 -4.58
CA CYS A 67 1.94 -12.25 -4.47
C CYS A 67 1.58 -13.55 -5.18
N ASN A 68 2.60 -14.37 -5.46
CA ASN A 68 2.40 -15.64 -6.13
C ASN A 68 1.30 -16.44 -5.45
N ASP A 69 1.45 -16.66 -4.15
CA ASP A 69 0.47 -17.41 -3.37
C ASP A 69 -0.94 -16.91 -3.64
N CYS A 70 -1.04 -15.69 -4.16
CA CYS A 70 -2.33 -15.08 -4.47
C CYS A 70 -2.66 -15.25 -5.95
N TYR A 71 -1.87 -14.62 -6.81
CA TYR A 71 -2.08 -14.70 -8.25
C TYR A 71 -2.30 -16.14 -8.69
N CYS A 72 -1.72 -17.08 -7.95
CA CYS A 72 -1.84 -18.50 -8.26
C CYS A 72 -3.26 -18.83 -8.71
N SER A 73 -4.24 -18.46 -7.87
CA SER A 73 -5.64 -18.73 -8.16
C SER A 73 -5.95 -18.45 -9.64
N ALA A 74 -6.68 -19.36 -10.26
CA ALA A 74 -7.04 -19.21 -11.66
C ALA A 74 -8.55 -19.00 -11.82
N PHE A 75 -9.24 -18.85 -10.69
CA PHE A 75 -10.68 -18.63 -10.71
C PHE A 75 -11.07 -17.48 -9.78
N SER A 76 -12.37 -17.19 -9.73
CA SER A 76 -12.87 -16.11 -8.89
C SER A 76 -13.93 -16.63 -7.92
N SER A 77 -13.82 -16.23 -6.66
CA SER A 77 -14.77 -16.65 -5.63
C SER A 77 -16.20 -16.61 -6.17
N GLY A 78 -17.11 -17.28 -5.47
CA GLY A 78 -18.50 -17.31 -5.89
C GLY A 78 -19.12 -18.68 -5.78
N PRO A 79 -19.58 -19.03 -4.57
CA PRO A 79 -20.20 -20.33 -4.31
C PRO A 79 -21.56 -20.47 -4.97
N SER A 80 -22.03 -19.39 -5.59
CA SER A 80 -23.31 -19.39 -6.27
C SER A 80 -23.16 -19.71 -7.75
N SER A 81 -23.76 -20.82 -8.17
CA SER A 81 -23.68 -21.25 -9.57
C SER A 81 -24.10 -20.13 -10.50
N GLY A 82 -23.50 -20.08 -11.69
CA GLY A 82 -23.83 -19.06 -12.65
C GLY A 82 -23.36 -17.68 -12.22
ZN ZN B . 3.55 2.64 6.96
ZN ZN C . -0.96 -12.42 -1.18
N GLY A 1 -25.17 21.08 11.82
CA GLY A 1 -24.61 22.36 11.46
C GLY A 1 -23.11 22.31 11.27
N SER A 2 -22.48 23.48 11.15
CA SER A 2 -21.05 23.57 10.95
C SER A 2 -20.38 24.30 12.11
N SER A 3 -19.23 23.80 12.54
CA SER A 3 -18.50 24.42 13.65
C SER A 3 -17.15 24.96 13.17
N GLY A 4 -16.56 24.29 12.19
CA GLY A 4 -15.28 24.71 11.67
C GLY A 4 -14.11 24.04 12.35
N SER A 5 -13.12 23.64 11.56
CA SER A 5 -11.94 22.96 12.10
C SER A 5 -10.73 23.19 11.21
N SER A 6 -9.72 23.87 11.74
CA SER A 6 -8.51 24.16 10.99
C SER A 6 -7.78 22.87 10.62
N GLY A 7 -7.40 22.76 9.35
CA GLY A 7 -6.70 21.57 8.89
C GLY A 7 -5.39 21.35 9.62
N PRO A 8 -4.74 20.21 9.34
CA PRO A 8 -3.46 19.86 9.97
C PRO A 8 -2.32 20.74 9.49
N CYS A 9 -1.25 20.79 10.26
CA CYS A 9 -0.08 21.59 9.91
C CYS A 9 1.01 20.73 9.28
N TYR A 10 0.83 20.37 8.02
CA TYR A 10 1.79 19.54 7.32
C TYR A 10 2.40 20.30 6.13
N ASP A 11 2.13 21.59 6.07
CA ASP A 11 2.65 22.44 5.00
C ASP A 11 3.97 23.08 5.41
N ASN A 12 4.46 22.71 6.59
CA ASN A 12 5.73 23.25 7.09
C ASN A 12 6.86 22.25 6.89
N THR A 13 6.82 21.16 7.65
CA THR A 13 7.85 20.13 7.56
C THR A 13 7.87 19.50 6.17
N PHE A 14 9.04 18.98 5.79
CA PHE A 14 9.20 18.35 4.49
C PHE A 14 9.34 16.83 4.63
N ALA A 15 8.59 16.27 5.56
CA ALA A 15 8.63 14.83 5.80
C ALA A 15 7.42 14.14 5.15
N ASN A 16 7.71 13.27 4.18
CA ASN A 16 6.65 12.55 3.49
C ASN A 16 5.78 11.76 4.47
N THR A 17 4.60 11.35 4.02
CA THR A 17 3.68 10.60 4.86
C THR A 17 3.08 9.42 4.10
N CYS A 18 3.22 8.22 4.67
CA CYS A 18 2.69 7.02 4.03
C CYS A 18 1.24 7.22 3.60
N ALA A 19 0.83 6.49 2.57
CA ALA A 19 -0.53 6.58 2.06
C ALA A 19 -1.40 5.46 2.61
N GLU A 20 -0.80 4.59 3.42
CA GLU A 20 -1.52 3.47 4.01
C GLU A 20 -1.76 3.71 5.50
N CYS A 21 -0.67 3.82 6.26
CA CYS A 21 -0.77 4.04 7.70
C CYS A 21 -0.98 5.51 8.01
N GLN A 22 -0.61 6.38 7.07
CA GLN A 22 -0.76 7.82 7.24
C GLN A 22 0.19 8.34 8.32
N GLN A 23 1.37 7.73 8.41
CA GLN A 23 2.37 8.13 9.40
C GLN A 23 3.57 8.78 8.73
N LEU A 24 4.47 9.32 9.55
CA LEU A 24 5.68 9.97 9.03
C LEU A 24 6.72 8.94 8.62
N ILE A 25 7.47 9.25 7.56
CA ILE A 25 8.50 8.35 7.07
C ILE A 25 9.87 9.03 7.09
N GLY A 26 10.91 8.22 7.28
CA GLY A 26 12.27 8.77 7.32
C GLY A 26 13.20 7.92 8.14
N HIS A 27 12.67 7.30 9.20
CA HIS A 27 13.48 6.46 10.07
C HIS A 27 14.12 5.33 9.29
N ASP A 28 14.85 4.46 10.00
CA ASP A 28 15.52 3.32 9.37
C ASP A 28 14.62 2.67 8.33
N SER A 29 13.30 2.81 8.52
CA SER A 29 12.33 2.23 7.59
C SER A 29 12.81 2.37 6.14
N ARG A 30 12.71 1.28 5.39
CA ARG A 30 13.14 1.28 3.99
C ARG A 30 11.96 1.60 3.07
N GLU A 31 11.34 2.75 3.31
CA GLU A 31 10.20 3.18 2.50
C GLU A 31 10.42 2.85 1.02
N LEU A 32 9.38 2.37 0.36
CA LEU A 32 9.46 2.03 -1.05
C LEU A 32 8.68 3.01 -1.91
N PHE A 33 9.14 4.26 -1.94
CA PHE A 33 8.47 5.30 -2.71
C PHE A 33 8.10 4.78 -4.10
N TYR A 34 6.84 4.42 -4.27
CA TYR A 34 6.35 3.90 -5.54
C TYR A 34 5.84 5.04 -6.42
N GLU A 35 5.81 4.80 -7.73
CA GLU A 35 5.35 5.80 -8.69
C GLU A 35 4.01 6.37 -8.26
N ASP A 36 3.12 5.50 -7.80
CA ASP A 36 1.79 5.93 -7.36
C ASP A 36 1.88 6.66 -6.02
N ARG A 37 2.31 5.94 -5.00
CA ARG A 37 2.43 6.52 -3.66
C ARG A 37 3.55 5.85 -2.88
N HIS A 38 3.97 6.48 -1.79
CA HIS A 38 5.04 5.95 -0.96
C HIS A 38 4.47 5.07 0.16
N PHE A 39 5.10 3.91 0.37
CA PHE A 39 4.65 2.99 1.41
C PHE A 39 5.84 2.36 2.12
N HIS A 40 5.73 2.22 3.44
CA HIS A 40 6.79 1.64 4.24
C HIS A 40 7.06 0.19 3.83
N GLU A 41 8.25 -0.31 4.18
CA GLU A 41 8.62 -1.68 3.83
C GLU A 41 7.56 -2.67 4.31
N GLY A 42 6.82 -2.28 5.34
CA GLY A 42 5.77 -3.14 5.87
C GLY A 42 4.42 -2.89 5.24
N CYS A 43 3.88 -1.69 5.47
CA CYS A 43 2.58 -1.32 4.92
C CYS A 43 2.39 -1.93 3.53
N PHE A 44 3.42 -1.84 2.70
CA PHE A 44 3.38 -2.39 1.35
C PHE A 44 3.54 -3.91 1.37
N ARG A 45 2.43 -4.62 1.47
CA ARG A 45 2.45 -6.08 1.49
C ARG A 45 1.20 -6.65 0.83
N CYS A 46 1.30 -7.90 0.39
CA CYS A 46 0.18 -8.56 -0.28
C CYS A 46 -1.10 -8.46 0.56
N CYS A 47 -2.24 -8.42 -0.11
CA CYS A 47 -3.52 -8.32 0.57
C CYS A 47 -4.15 -9.70 0.77
N ARG A 48 -3.34 -10.74 0.60
CA ARG A 48 -3.82 -12.11 0.75
C ARG A 48 -3.01 -12.86 1.80
N CYS A 49 -1.69 -12.70 1.75
CA CYS A 49 -0.80 -13.36 2.70
C CYS A 49 -0.11 -12.35 3.60
N GLN A 50 -0.30 -11.07 3.29
CA GLN A 50 0.30 -9.99 4.07
C GLN A 50 1.81 -10.08 4.03
N ARG A 51 2.35 -10.57 2.91
CA ARG A 51 3.79 -10.72 2.75
C ARG A 51 4.42 -9.41 2.29
N SER A 52 5.67 -9.18 2.67
CA SER A 52 6.38 -7.96 2.29
C SER A 52 6.58 -7.90 0.78
N LEU A 53 6.33 -6.74 0.21
CA LEU A 53 6.48 -6.55 -1.23
C LEU A 53 7.66 -5.63 -1.54
N ALA A 54 8.86 -6.04 -1.11
CA ALA A 54 10.06 -5.27 -1.34
C ALA A 54 10.77 -5.71 -2.61
N ASP A 55 10.31 -5.20 -3.75
CA ASP A 55 10.91 -5.55 -5.04
C ASP A 55 10.49 -6.95 -5.47
N GLU A 56 9.21 -7.26 -5.28
CA GLU A 56 8.68 -8.57 -5.66
C GLU A 56 7.66 -8.44 -6.78
N PRO A 57 7.51 -9.51 -7.58
CA PRO A 57 6.57 -9.54 -8.70
C PRO A 57 5.12 -9.57 -8.24
N PHE A 58 4.48 -8.40 -8.26
CA PHE A 58 3.09 -8.29 -7.85
C PHE A 58 2.17 -8.10 -9.06
N THR A 59 0.86 -8.09 -8.81
CA THR A 59 -0.12 -7.92 -9.88
C THR A 59 -1.10 -6.80 -9.54
N CYS A 60 -1.65 -6.17 -10.57
CA CYS A 60 -2.60 -5.08 -10.39
C CYS A 60 -3.99 -5.49 -10.89
N GLN A 61 -4.78 -6.07 -10.01
CA GLN A 61 -6.13 -6.50 -10.36
C GLN A 61 -7.14 -6.09 -9.29
N ASP A 62 -8.28 -5.58 -9.73
CA ASP A 62 -9.33 -5.14 -8.82
C ASP A 62 -8.86 -3.95 -7.99
N SER A 63 -7.75 -3.34 -8.41
CA SER A 63 -7.20 -2.18 -7.72
C SER A 63 -6.44 -2.63 -6.47
N GLU A 64 -5.87 -3.82 -6.53
CA GLU A 64 -5.10 -4.35 -5.40
C GLU A 64 -3.73 -4.86 -5.86
N LEU A 65 -2.81 -4.96 -4.92
CA LEU A 65 -1.46 -5.42 -5.22
C LEU A 65 -1.18 -6.76 -4.55
N LEU A 66 -1.41 -7.85 -5.28
CA LEU A 66 -1.19 -9.19 -4.76
C LEU A 66 0.15 -9.74 -5.22
N CYS A 67 0.62 -10.79 -4.56
CA CYS A 67 1.89 -11.41 -4.91
C CYS A 67 1.69 -12.50 -5.96
N ASN A 68 2.80 -13.11 -6.40
CA ASN A 68 2.75 -14.16 -7.40
C ASN A 68 2.34 -15.48 -6.77
N ASP A 69 2.38 -15.55 -5.44
CA ASP A 69 2.00 -16.75 -4.72
C ASP A 69 0.50 -16.78 -4.44
N CYS A 70 -0.15 -15.64 -4.61
CA CYS A 70 -1.58 -15.52 -4.39
C CYS A 70 -2.33 -15.33 -5.70
N TYR A 71 -1.84 -14.41 -6.52
CA TYR A 71 -2.46 -14.12 -7.81
C TYR A 71 -2.74 -15.41 -8.58
N CYS A 72 -1.94 -16.43 -8.32
CA CYS A 72 -2.10 -17.72 -8.98
C CYS A 72 -3.51 -18.27 -8.76
N SER A 73 -4.04 -18.04 -7.57
CA SER A 73 -5.38 -18.52 -7.22
C SER A 73 -6.24 -17.38 -6.69
N ALA A 74 -7.56 -17.59 -6.70
CA ALA A 74 -8.50 -16.60 -6.22
C ALA A 74 -8.55 -15.39 -7.15
N PHE A 75 -8.33 -15.63 -8.44
CA PHE A 75 -8.34 -14.57 -9.44
C PHE A 75 -9.72 -14.46 -10.08
N SER A 76 -10.70 -14.03 -9.29
CA SER A 76 -12.06 -13.88 -9.78
C SER A 76 -12.73 -12.64 -9.15
N SER A 77 -13.75 -12.12 -9.84
CA SER A 77 -14.46 -10.95 -9.36
C SER A 77 -15.72 -11.35 -8.61
N GLY A 78 -15.58 -11.62 -7.32
CA GLY A 78 -16.72 -12.02 -6.51
C GLY A 78 -17.67 -10.87 -6.26
N PRO A 79 -17.47 -10.14 -5.15
CA PRO A 79 -18.30 -9.00 -4.77
C PRO A 79 -18.11 -7.81 -5.69
N SER A 80 -18.67 -6.67 -5.31
CA SER A 80 -18.56 -5.45 -6.11
C SER A 80 -17.86 -4.35 -5.31
N SER A 81 -16.91 -4.75 -4.48
CA SER A 81 -16.17 -3.79 -3.65
C SER A 81 -14.67 -3.88 -3.96
N GLY A 82 -14.20 -2.98 -4.82
CA GLY A 82 -12.79 -2.97 -5.18
C GLY A 82 -12.31 -1.59 -5.57
ZN ZN B . 3.35 3.33 6.23
ZN ZN C . 0.11 -13.11 -1.44
N GLY A 1 -17.86 10.94 24.31
CA GLY A 1 -17.03 12.13 24.31
C GLY A 1 -17.29 13.02 23.11
N SER A 2 -16.70 14.21 23.13
CA SER A 2 -16.86 15.15 22.03
C SER A 2 -15.84 16.29 22.12
N SER A 3 -15.13 16.52 21.02
CA SER A 3 -14.11 17.56 20.98
C SER A 3 -13.92 18.07 19.55
N GLY A 4 -13.03 19.05 19.40
CA GLY A 4 -12.77 19.61 18.08
C GLY A 4 -11.82 20.80 18.14
N SER A 5 -10.78 20.74 17.33
CA SER A 5 -9.78 21.82 17.29
C SER A 5 -9.40 22.16 15.85
N SER A 6 -9.03 23.41 15.62
CA SER A 6 -8.65 23.87 14.29
C SER A 6 -7.14 23.73 14.09
N GLY A 7 -6.74 23.45 12.85
CA GLY A 7 -5.32 23.31 12.55
C GLY A 7 -4.98 23.79 11.15
N PRO A 8 -5.34 25.05 10.85
CA PRO A 8 -5.08 25.66 9.54
C PRO A 8 -3.60 25.92 9.32
N CYS A 9 -3.03 25.30 8.29
CA CYS A 9 -1.62 25.47 7.96
C CYS A 9 -1.37 25.19 6.49
N TYR A 10 -0.42 25.92 5.91
CA TYR A 10 -0.07 25.76 4.50
C TYR A 10 0.92 24.61 4.32
N ASP A 11 0.40 23.40 4.22
CA ASP A 11 1.23 22.21 4.04
C ASP A 11 1.14 21.70 2.61
N ASN A 12 2.13 22.05 1.79
CA ASN A 12 2.16 21.61 0.39
C ASN A 12 1.99 20.10 0.29
N THR A 13 2.54 19.38 1.26
CA THR A 13 2.45 17.93 1.27
C THR A 13 2.24 17.41 2.69
N PHE A 14 1.94 16.11 2.80
CA PHE A 14 1.72 15.49 4.10
C PHE A 14 2.99 14.80 4.59
N ALA A 15 4.11 15.48 4.43
CA ALA A 15 5.40 14.94 4.87
C ALA A 15 5.61 13.54 4.30
N ASN A 16 5.17 13.32 3.08
CA ASN A 16 5.31 12.02 2.42
C ASN A 16 4.62 10.93 3.24
N THR A 17 3.64 11.32 4.05
CA THR A 17 2.91 10.38 4.87
C THR A 17 2.53 9.13 4.08
N CYS A 18 2.71 7.96 4.70
CA CYS A 18 2.38 6.71 4.05
C CYS A 18 0.95 6.71 3.53
N ALA A 19 0.73 6.01 2.41
CA ALA A 19 -0.60 5.94 1.82
C ALA A 19 -1.33 4.67 2.27
N GLU A 20 -0.77 3.99 3.26
CA GLU A 20 -1.36 2.77 3.78
C GLU A 20 -1.72 2.92 5.26
N CYS A 21 -0.70 3.13 6.08
CA CYS A 21 -0.89 3.29 7.52
C CYS A 21 -1.13 4.75 7.88
N GLN A 22 -0.86 5.64 6.92
CA GLN A 22 -1.04 7.07 7.13
C GLN A 22 -0.22 7.55 8.31
N GLN A 23 1.07 7.24 8.31
CA GLN A 23 1.97 7.65 9.38
C GLN A 23 3.19 8.35 8.84
N LEU A 24 3.68 9.34 9.58
CA LEU A 24 4.86 10.10 9.17
C LEU A 24 6.01 9.18 8.81
N ILE A 25 6.69 9.48 7.71
CA ILE A 25 7.82 8.68 7.26
C ILE A 25 9.13 9.42 7.45
N GLY A 26 9.61 9.46 8.69
CA GLY A 26 10.86 10.14 8.99
C GLY A 26 11.99 9.70 8.09
N HIS A 27 13.18 10.25 8.32
CA HIS A 27 14.35 9.90 7.51
C HIS A 27 14.92 8.55 7.95
N ASP A 28 14.58 8.13 9.16
CA ASP A 28 15.05 6.86 9.69
C ASP A 28 14.15 5.71 9.24
N SER A 29 13.06 6.05 8.57
CA SER A 29 12.11 5.05 8.09
C SER A 29 12.22 4.89 6.57
N ARG A 30 12.67 3.72 6.13
CA ARG A 30 12.80 3.45 4.70
C ARG A 30 11.44 3.32 4.04
N GLU A 31 11.25 4.06 2.95
CA GLU A 31 9.99 4.02 2.22
C GLU A 31 10.20 3.57 0.77
N LEU A 32 9.29 2.74 0.27
CA LEU A 32 9.39 2.23 -1.09
C LEU A 32 8.56 3.09 -2.04
N PHE A 33 8.78 4.40 -1.99
CA PHE A 33 8.07 5.33 -2.85
C PHE A 33 7.90 4.76 -4.26
N TYR A 34 6.64 4.57 -4.66
CA TYR A 34 6.34 4.02 -5.98
C TYR A 34 5.47 4.99 -6.79
N GLU A 35 5.48 4.81 -8.10
CA GLU A 35 4.69 5.67 -8.98
C GLU A 35 3.31 5.92 -8.40
N ASP A 36 2.70 4.87 -7.86
CA ASP A 36 1.37 4.99 -7.27
C ASP A 36 1.37 5.96 -6.10
N ARG A 37 1.99 5.54 -4.99
CA ARG A 37 2.06 6.37 -3.80
C ARG A 37 3.24 5.97 -2.92
N HIS A 38 3.46 6.73 -1.84
CA HIS A 38 4.55 6.44 -0.93
C HIS A 38 4.15 5.39 0.10
N PHE A 39 5.07 4.49 0.42
CA PHE A 39 4.81 3.43 1.38
C PHE A 39 6.09 3.03 2.12
N HIS A 40 5.92 2.37 3.26
CA HIS A 40 7.07 1.93 4.05
C HIS A 40 7.66 0.64 3.50
N GLU A 41 8.65 0.09 4.21
CA GLU A 41 9.29 -1.14 3.79
C GLU A 41 8.45 -2.35 4.16
N GLY A 42 7.42 -2.14 4.97
CA GLY A 42 6.55 -3.22 5.40
C GLY A 42 5.16 -3.11 4.80
N CYS A 43 4.55 -1.94 4.95
CA CYS A 43 3.21 -1.71 4.42
C CYS A 43 3.06 -2.30 3.02
N PHE A 44 4.18 -2.45 2.33
CA PHE A 44 4.18 -3.01 0.98
C PHE A 44 4.04 -4.52 1.02
N ARG A 45 2.89 -4.99 1.52
CA ARG A 45 2.64 -6.43 1.61
C ARG A 45 1.37 -6.80 0.84
N CYS A 46 1.16 -8.09 0.63
CA CYS A 46 -0.01 -8.58 -0.08
C CYS A 46 -1.29 -8.24 0.68
N CYS A 47 -2.40 -8.21 -0.05
CA CYS A 47 -3.70 -7.89 0.55
C CYS A 47 -4.43 -9.17 0.95
N ARG A 48 -3.71 -10.28 0.95
CA ARG A 48 -4.30 -11.57 1.30
C ARG A 48 -3.51 -12.25 2.42
N CYS A 49 -2.19 -12.24 2.29
CA CYS A 49 -1.32 -12.85 3.28
C CYS A 49 -0.52 -11.78 4.03
N GLN A 50 -0.81 -10.53 3.75
CA GLN A 50 -0.12 -9.41 4.39
C GLN A 50 1.38 -9.68 4.48
N ARG A 51 1.88 -10.48 3.53
CA ARG A 51 3.30 -10.81 3.49
C ARG A 51 4.10 -9.68 2.85
N SER A 52 5.28 -9.40 3.43
CA SER A 52 6.14 -8.34 2.92
C SER A 52 6.53 -8.62 1.47
N LEU A 53 6.51 -7.58 0.65
CA LEU A 53 6.85 -7.69 -0.77
C LEU A 53 8.00 -6.75 -1.12
N ALA A 54 8.80 -6.39 -0.12
CA ALA A 54 9.94 -5.50 -0.33
C ALA A 54 10.94 -6.11 -1.31
N ASP A 55 11.19 -7.40 -1.16
CA ASP A 55 12.13 -8.10 -2.04
C ASP A 55 11.41 -9.18 -2.85
N GLU A 56 10.10 -9.05 -2.96
CA GLU A 56 9.30 -10.01 -3.71
C GLU A 56 8.51 -9.31 -4.82
N PRO A 57 8.27 -10.04 -5.92
CA PRO A 57 7.53 -9.52 -7.08
C PRO A 57 6.05 -9.32 -6.77
N PHE A 58 5.44 -8.34 -7.44
CA PHE A 58 4.02 -8.05 -7.24
C PHE A 58 3.37 -7.66 -8.55
N THR A 59 2.06 -7.41 -8.50
CA THR A 59 1.30 -7.02 -9.69
C THR A 59 0.22 -6.00 -9.34
N CYS A 60 0.17 -4.94 -10.13
CA CYS A 60 -0.83 -3.88 -9.92
C CYS A 60 -2.07 -4.12 -10.76
N GLN A 61 -2.99 -4.94 -10.25
CA GLN A 61 -4.22 -5.25 -10.96
C GLN A 61 -5.44 -4.82 -10.14
N ASP A 62 -6.37 -4.15 -10.80
CA ASP A 62 -7.58 -3.68 -10.13
C ASP A 62 -7.25 -2.70 -9.01
N SER A 63 -6.01 -2.22 -9.00
CA SER A 63 -5.56 -1.29 -7.98
C SER A 63 -5.34 -2.01 -6.65
N GLU A 64 -4.76 -3.20 -6.71
CA GLU A 64 -4.49 -3.98 -5.51
C GLU A 64 -3.23 -4.82 -5.69
N LEU A 65 -2.21 -4.54 -4.87
CA LEU A 65 -0.96 -5.29 -4.93
C LEU A 65 -1.15 -6.72 -4.49
N LEU A 66 -0.89 -7.66 -5.39
CA LEU A 66 -1.03 -9.08 -5.08
C LEU A 66 0.29 -9.82 -5.33
N CYS A 67 0.71 -10.60 -4.35
CA CYS A 67 1.94 -11.38 -4.46
C CYS A 67 1.79 -12.50 -5.47
N ASN A 68 2.91 -13.16 -5.78
CA ASN A 68 2.91 -14.27 -6.74
C ASN A 68 2.09 -15.45 -6.20
N ASP A 69 2.01 -15.54 -4.88
CA ASP A 69 1.26 -16.62 -4.24
C ASP A 69 -0.24 -16.33 -4.28
N CYS A 70 -0.60 -15.11 -4.62
CA CYS A 70 -1.99 -14.70 -4.70
C CYS A 70 -2.32 -14.11 -6.06
N TYR A 71 -1.30 -13.93 -6.89
CA TYR A 71 -1.47 -13.38 -8.22
C TYR A 71 -2.19 -14.37 -9.13
N CYS A 72 -1.51 -15.46 -9.46
CA CYS A 72 -2.08 -16.49 -10.32
C CYS A 72 -3.44 -16.95 -9.79
N SER A 73 -3.64 -16.80 -8.49
CA SER A 73 -4.88 -17.22 -7.85
C SER A 73 -5.99 -16.21 -8.14
N ALA A 74 -6.93 -16.60 -9.00
CA ALA A 74 -8.04 -15.73 -9.35
C ALA A 74 -9.38 -16.43 -9.14
N PHE A 75 -9.85 -16.42 -7.90
CA PHE A 75 -11.12 -17.06 -7.56
C PHE A 75 -12.27 -16.06 -7.63
N SER A 76 -13.49 -16.57 -7.48
CA SER A 76 -14.68 -15.72 -7.54
C SER A 76 -14.51 -14.48 -6.65
N SER A 77 -15.14 -13.38 -7.05
CA SER A 77 -15.06 -12.14 -6.31
C SER A 77 -16.26 -11.25 -6.61
N GLY A 78 -16.44 -10.22 -5.78
CA GLY A 78 -17.55 -9.31 -5.97
C GLY A 78 -17.69 -8.84 -7.40
N PRO A 79 -18.91 -8.45 -7.80
CA PRO A 79 -19.19 -7.97 -9.15
C PRO A 79 -18.56 -6.60 -9.43
N SER A 80 -17.32 -6.62 -9.88
CA SER A 80 -16.60 -5.38 -10.18
C SER A 80 -17.50 -4.39 -10.92
N SER A 81 -17.34 -3.12 -10.61
CA SER A 81 -18.15 -2.07 -11.24
C SER A 81 -17.28 -0.86 -11.58
N GLY A 82 -17.13 -0.60 -12.88
CA GLY A 82 -16.32 0.53 -13.32
C GLY A 82 -15.95 0.44 -14.78
ZN ZN B . 3.36 2.94 6.19
ZN ZN C . -0.49 -12.95 -1.17
N GLY A 1 -14.59 36.97 -6.63
CA GLY A 1 -15.53 36.15 -7.36
C GLY A 1 -15.69 34.77 -6.74
N SER A 2 -15.73 33.74 -7.58
CA SER A 2 -15.89 32.36 -7.10
C SER A 2 -14.81 31.47 -7.69
N SER A 3 -14.86 31.26 -9.00
CA SER A 3 -13.90 30.42 -9.68
C SER A 3 -12.58 31.16 -9.92
N GLY A 4 -11.89 31.47 -8.83
CA GLY A 4 -10.63 32.19 -8.94
C GLY A 4 -9.77 32.02 -7.70
N SER A 5 -8.47 31.81 -7.92
CA SER A 5 -7.53 31.62 -6.82
C SER A 5 -6.10 31.59 -7.33
N SER A 6 -5.15 31.90 -6.44
CA SER A 6 -3.74 31.92 -6.80
C SER A 6 -3.11 30.53 -6.62
N GLY A 7 -3.49 29.86 -5.53
CA GLY A 7 -2.96 28.54 -5.25
C GLY A 7 -3.78 27.79 -4.23
N PRO A 8 -4.93 27.24 -4.66
CA PRO A 8 -5.84 26.49 -3.79
C PRO A 8 -5.24 25.15 -3.37
N CYS A 9 -4.36 25.18 -2.38
CA CYS A 9 -3.73 23.97 -1.88
C CYS A 9 -3.46 24.06 -0.39
N TYR A 10 -3.66 22.96 0.33
CA TYR A 10 -3.45 22.93 1.77
C TYR A 10 -2.35 21.94 2.13
N ASP A 11 -1.22 22.02 1.42
CA ASP A 11 -0.09 21.13 1.67
C ASP A 11 0.99 21.84 2.46
N ASN A 12 0.64 22.27 3.67
CA ASN A 12 1.59 22.97 4.54
C ASN A 12 2.49 21.98 5.26
N THR A 13 2.22 20.69 5.09
CA THR A 13 2.99 19.65 5.74
C THR A 13 4.37 19.50 5.09
N PHE A 14 5.35 19.08 5.86
CA PHE A 14 6.70 18.89 5.36
C PHE A 14 7.26 17.52 5.75
N ALA A 15 6.36 16.55 5.88
CA ALA A 15 6.75 15.19 6.26
C ALA A 15 5.84 14.16 5.60
N ASN A 16 6.45 13.20 4.92
CA ASN A 16 5.69 12.15 4.24
C ASN A 16 4.93 11.29 5.24
N THR A 17 3.92 10.57 4.76
CA THR A 17 3.11 9.72 5.61
C THR A 17 2.59 8.52 4.84
N CYS A 18 3.07 7.33 5.19
CA CYS A 18 2.65 6.10 4.53
C CYS A 18 1.18 6.18 4.13
N ALA A 19 0.93 6.27 2.82
CA ALA A 19 -0.43 6.35 2.31
C ALA A 19 -1.22 5.11 2.67
N GLU A 20 -0.52 4.05 3.09
CA GLU A 20 -1.16 2.80 3.46
C GLU A 20 -1.72 2.88 4.88
N CYS A 21 -0.83 2.89 5.86
CA CYS A 21 -1.23 2.97 7.26
C CYS A 21 -1.51 4.40 7.67
N GLN A 22 -1.21 5.34 6.78
CA GLN A 22 -1.42 6.75 7.05
C GLN A 22 -0.57 7.23 8.22
N GLN A 23 0.68 6.77 8.26
CA GLN A 23 1.61 7.15 9.32
C GLN A 23 2.84 7.84 8.75
N LEU A 24 3.43 8.73 9.55
CA LEU A 24 4.62 9.46 9.13
C LEU A 24 5.71 8.51 8.66
N ILE A 25 6.72 9.05 8.00
CA ILE A 25 7.83 8.24 7.50
C ILE A 25 9.12 9.04 7.49
N GLY A 26 10.21 8.40 7.08
CA GLY A 26 11.50 9.05 7.03
C GLY A 26 12.39 8.67 8.20
N HIS A 27 11.84 7.91 9.13
CA HIS A 27 12.60 7.47 10.30
C HIS A 27 13.65 6.43 9.93
N ASP A 28 14.76 6.91 9.36
CA ASP A 28 15.85 6.02 8.96
C ASP A 28 15.29 4.71 8.41
N SER A 29 14.32 4.82 7.50
CA SER A 29 13.71 3.63 6.90
C SER A 29 13.56 3.81 5.39
N ARG A 30 14.03 2.82 4.65
CA ARG A 30 13.95 2.87 3.18
C ARG A 30 12.53 2.60 2.71
N GLU A 31 11.61 3.47 3.12
CA GLU A 31 10.21 3.33 2.73
C GLU A 31 10.08 2.93 1.26
N LEU A 32 9.19 1.98 0.99
CA LEU A 32 8.98 1.50 -0.37
C LEU A 32 8.02 2.43 -1.13
N PHE A 33 8.16 3.72 -0.89
CA PHE A 33 7.31 4.72 -1.55
C PHE A 33 6.98 4.29 -2.97
N TYR A 34 5.76 4.57 -3.40
CA TYR A 34 5.32 4.20 -4.75
C TYR A 34 4.99 5.45 -5.57
N GLU A 35 4.39 5.25 -6.73
CA GLU A 35 4.03 6.35 -7.61
C GLU A 35 2.59 6.80 -7.37
N ASP A 36 2.42 8.04 -6.93
CA ASP A 36 1.10 8.59 -6.65
C ASP A 36 0.60 8.15 -5.28
N ARG A 37 1.52 7.65 -4.45
CA ARG A 37 1.17 7.19 -3.11
C ARG A 37 2.43 6.94 -2.28
N HIS A 38 2.27 6.89 -0.96
CA HIS A 38 3.39 6.66 -0.06
C HIS A 38 3.24 5.33 0.66
N PHE A 39 4.35 4.62 0.82
CA PHE A 39 4.34 3.32 1.48
C PHE A 39 5.65 3.09 2.25
N HIS A 40 5.55 2.46 3.40
CA HIS A 40 6.73 2.17 4.22
C HIS A 40 7.53 1.01 3.63
N GLU A 41 8.64 0.68 4.29
CA GLU A 41 9.50 -0.40 3.82
C GLU A 41 8.89 -1.76 4.16
N GLY A 42 7.83 -1.74 4.96
CA GLY A 42 7.16 -2.97 5.36
C GLY A 42 5.68 -2.97 5.04
N CYS A 43 5.08 -1.78 5.05
CA CYS A 43 3.66 -1.63 4.77
C CYS A 43 3.35 -2.03 3.33
N PHE A 44 4.39 -2.10 2.50
CA PHE A 44 4.23 -2.48 1.10
C PHE A 44 4.19 -3.99 0.93
N ARG A 45 3.10 -4.60 1.38
CA ARG A 45 2.93 -6.05 1.29
C ARG A 45 1.67 -6.41 0.53
N CYS A 46 1.47 -7.70 0.27
CA CYS A 46 0.30 -8.17 -0.45
C CYS A 46 -0.99 -7.67 0.21
N CYS A 47 -2.08 -7.73 -0.53
CA CYS A 47 -3.38 -7.28 -0.02
C CYS A 47 -4.26 -8.47 0.34
N ARG A 48 -3.64 -9.63 0.52
CA ARG A 48 -4.36 -10.86 0.86
C ARG A 48 -3.69 -11.58 2.03
N CYS A 49 -2.36 -11.51 2.07
CA CYS A 49 -1.59 -12.16 3.13
C CYS A 49 -0.74 -11.14 3.88
N GLN A 50 -0.52 -9.99 3.26
CA GLN A 50 0.29 -8.94 3.86
C GLN A 50 1.71 -9.42 4.12
N ARG A 51 2.21 -10.29 3.23
CA ARG A 51 3.55 -10.83 3.36
C ARG A 51 4.58 -9.87 2.76
N SER A 52 5.68 -9.68 3.47
CA SER A 52 6.74 -8.78 3.01
C SER A 52 6.99 -8.97 1.52
N LEU A 53 7.05 -7.87 0.79
CA LEU A 53 7.29 -7.91 -0.66
C LEU A 53 8.58 -7.16 -1.01
N ALA A 54 9.13 -6.45 -0.04
CA ALA A 54 10.37 -5.70 -0.24
C ALA A 54 11.52 -6.63 -0.62
N ASP A 55 11.42 -7.88 -0.21
CA ASP A 55 12.46 -8.87 -0.50
C ASP A 55 11.91 -9.98 -1.39
N GLU A 56 10.65 -9.86 -1.79
CA GLU A 56 10.01 -10.86 -2.64
C GLU A 56 9.36 -10.21 -3.85
N PRO A 57 9.44 -10.89 -5.00
CA PRO A 57 8.86 -10.40 -6.26
C PRO A 57 7.34 -10.41 -6.24
N PHE A 58 6.74 -9.29 -6.64
CA PHE A 58 5.29 -9.16 -6.67
C PHE A 58 4.78 -9.07 -8.10
N THR A 59 3.46 -8.93 -8.25
CA THR A 59 2.85 -8.83 -9.57
C THR A 59 1.64 -7.91 -9.54
N CYS A 60 1.53 -7.04 -10.53
CA CYS A 60 0.42 -6.10 -10.63
C CYS A 60 -0.54 -6.50 -11.75
N GLN A 61 -1.77 -6.84 -11.38
CA GLN A 61 -2.77 -7.25 -12.36
C GLN A 61 -3.57 -6.04 -12.84
N ASP A 62 -3.98 -5.19 -11.90
CA ASP A 62 -4.75 -4.00 -12.23
C ASP A 62 -4.76 -3.02 -11.07
N SER A 63 -4.06 -1.89 -11.24
CA SER A 63 -3.98 -0.88 -10.20
C SER A 63 -3.98 -1.51 -8.81
N GLU A 64 -3.35 -2.68 -8.71
CA GLU A 64 -3.27 -3.39 -7.44
C GLU A 64 -1.98 -4.20 -7.35
N LEU A 65 -1.58 -4.52 -6.12
CA LEU A 65 -0.36 -5.30 -5.90
C LEU A 65 -0.68 -6.66 -5.27
N LEU A 66 -0.51 -7.71 -6.05
CA LEU A 66 -0.78 -9.07 -5.57
C LEU A 66 0.43 -9.96 -5.77
N CYS A 67 0.77 -10.73 -4.73
CA CYS A 67 1.91 -11.64 -4.78
C CYS A 67 1.58 -12.87 -5.61
N ASN A 68 2.57 -13.75 -5.77
CA ASN A 68 2.39 -14.98 -6.54
C ASN A 68 1.48 -15.95 -5.80
N ASP A 69 1.87 -16.32 -4.60
CA ASP A 69 1.09 -17.25 -3.79
C ASP A 69 -0.40 -16.92 -3.88
N CYS A 70 -0.71 -15.67 -4.20
CA CYS A 70 -2.10 -15.23 -4.33
C CYS A 70 -2.52 -15.20 -5.78
N TYR A 71 -1.95 -14.28 -6.55
CA TYR A 71 -2.28 -14.15 -7.97
C TYR A 71 -2.46 -15.51 -8.61
N CYS A 72 -1.59 -16.45 -8.27
CA CYS A 72 -1.65 -17.80 -8.81
C CYS A 72 -2.38 -18.74 -7.86
N SER A 73 -3.57 -18.34 -7.45
CA SER A 73 -4.37 -19.15 -6.53
C SER A 73 -4.85 -20.43 -7.21
N ALA A 74 -4.42 -21.57 -6.68
CA ALA A 74 -4.82 -22.86 -7.23
C ALA A 74 -6.20 -23.28 -6.73
N PHE A 75 -6.55 -22.80 -5.55
CA PHE A 75 -7.85 -23.12 -4.95
C PHE A 75 -8.55 -21.86 -4.46
N SER A 76 -9.23 -21.18 -5.37
CA SER A 76 -9.95 -19.95 -5.04
C SER A 76 -11.38 -19.99 -5.56
N SER A 77 -12.33 -20.27 -4.68
CA SER A 77 -13.73 -20.35 -5.07
C SER A 77 -14.58 -19.48 -4.15
N GLY A 78 -15.57 -18.80 -4.73
CA GLY A 78 -16.44 -17.94 -3.96
C GLY A 78 -16.45 -16.51 -4.45
N PRO A 79 -17.14 -15.62 -3.70
CA PRO A 79 -17.23 -14.21 -4.06
C PRO A 79 -15.90 -13.47 -3.87
N SER A 80 -15.68 -12.44 -4.69
CA SER A 80 -14.45 -11.66 -4.61
C SER A 80 -14.66 -10.38 -3.81
N SER A 81 -15.10 -10.54 -2.55
CA SER A 81 -15.34 -9.41 -1.68
C SER A 81 -14.19 -8.42 -1.74
N GLY A 82 -14.31 -7.42 -2.62
CA GLY A 82 -13.27 -6.42 -2.76
C GLY A 82 -12.81 -5.88 -1.42
ZN ZN B . 3.16 2.53 6.80
ZN ZN C . -0.46 -12.59 -1.30
N GLY A 1 -28.07 9.99 3.15
CA GLY A 1 -27.72 9.48 4.46
C GLY A 1 -26.29 8.97 4.51
N SER A 2 -25.39 9.67 3.84
CA SER A 2 -23.98 9.29 3.80
C SER A 2 -23.09 10.52 3.77
N SER A 3 -22.26 10.67 4.81
CA SER A 3 -21.35 11.80 4.91
C SER A 3 -20.23 11.51 5.91
N GLY A 4 -18.99 11.64 5.46
CA GLY A 4 -17.85 11.39 6.33
C GLY A 4 -16.55 11.91 5.74
N SER A 5 -16.58 13.14 5.25
CA SER A 5 -15.40 13.76 4.66
C SER A 5 -14.34 14.04 5.72
N SER A 6 -13.19 14.54 5.28
CA SER A 6 -12.10 14.85 6.19
C SER A 6 -11.16 15.89 5.59
N GLY A 7 -11.19 17.10 6.12
CA GLY A 7 -10.33 18.16 5.62
C GLY A 7 -8.96 18.13 6.24
N PRO A 8 -8.05 18.97 5.70
CA PRO A 8 -6.67 19.06 6.20
C PRO A 8 -6.60 19.70 7.58
N CYS A 9 -5.40 19.69 8.17
CA CYS A 9 -5.19 20.27 9.49
C CYS A 9 -3.96 21.19 9.49
N TYR A 10 -3.92 22.10 8.54
CA TYR A 10 -2.81 23.04 8.43
C TYR A 10 -1.50 22.38 8.82
N ASP A 11 -1.21 21.24 8.18
CA ASP A 11 0.03 20.50 8.46
C ASP A 11 1.05 20.71 7.35
N ASN A 12 2.23 21.21 7.73
CA ASN A 12 3.29 21.47 6.77
C ASN A 12 4.55 20.71 7.15
N THR A 13 4.87 19.67 6.38
CA THR A 13 6.06 18.87 6.64
C THR A 13 6.63 18.30 5.34
N PHE A 14 7.93 18.00 5.36
CA PHE A 14 8.60 17.45 4.18
C PHE A 14 8.82 15.95 4.34
N ALA A 15 8.26 15.38 5.40
CA ALA A 15 8.39 13.95 5.66
C ALA A 15 7.23 13.16 5.06
N ASN A 16 7.45 12.60 3.88
CA ASN A 16 6.41 11.82 3.20
C ASN A 16 5.58 11.03 4.20
N THR A 17 4.32 10.82 3.86
CA THR A 17 3.41 10.07 4.73
C THR A 17 2.89 8.82 4.04
N CYS A 18 3.17 7.66 4.62
CA CYS A 18 2.73 6.38 4.06
C CYS A 18 1.31 6.50 3.51
N ALA A 19 0.94 5.56 2.66
CA ALA A 19 -0.39 5.55 2.07
C ALA A 19 -1.32 4.58 2.80
N GLU A 20 -0.73 3.56 3.41
CA GLU A 20 -1.50 2.56 4.14
C GLU A 20 -1.89 3.09 5.53
N CYS A 21 -0.90 3.27 6.39
CA CYS A 21 -1.14 3.76 7.73
C CYS A 21 -1.31 5.28 7.74
N GLN A 22 -0.52 5.96 6.91
CA GLN A 22 -0.60 7.41 6.81
C GLN A 22 -0.02 8.07 8.07
N GLN A 23 1.20 7.69 8.42
CA GLN A 23 1.87 8.24 9.60
C GLN A 23 3.06 9.09 9.19
N LEU A 24 4.14 8.43 8.81
CA LEU A 24 5.35 9.13 8.40
C LEU A 24 6.23 8.23 7.53
N ILE A 25 7.32 8.80 7.01
CA ILE A 25 8.24 8.05 6.16
C ILE A 25 9.65 8.62 6.24
N GLY A 26 10.61 7.87 5.73
CA GLY A 26 12.00 8.31 5.75
C GLY A 26 12.77 7.74 6.92
N HIS A 27 12.49 8.23 8.12
CA HIS A 27 13.17 7.76 9.33
C HIS A 27 13.30 6.24 9.31
N ASP A 28 14.54 5.77 9.16
CA ASP A 28 14.81 4.33 9.12
C ASP A 28 13.69 3.58 8.41
N SER A 29 13.14 4.20 7.37
CA SER A 29 12.06 3.60 6.59
C SER A 29 12.41 3.55 5.12
N ARG A 30 12.53 2.35 4.58
CA ARG A 30 12.86 2.16 3.17
C ARG A 30 11.70 2.58 2.28
N GLU A 31 11.45 3.89 2.23
CA GLU A 31 10.37 4.43 1.42
C GLU A 31 10.40 3.84 0.01
N LEU A 32 9.39 3.04 -0.31
CA LEU A 32 9.30 2.42 -1.62
C LEU A 32 8.37 3.19 -2.54
N PHE A 33 8.44 4.52 -2.46
CA PHE A 33 7.61 5.38 -3.28
C PHE A 33 7.37 4.77 -4.66
N TYR A 34 6.11 4.57 -5.02
CA TYR A 34 5.75 3.99 -6.30
C TYR A 34 5.07 5.01 -7.19
N GLU A 35 4.63 4.57 -8.36
CA GLU A 35 3.96 5.46 -9.32
C GLU A 35 2.62 5.94 -8.77
N ASP A 36 1.94 5.06 -8.03
CA ASP A 36 0.65 5.40 -7.45
C ASP A 36 0.82 6.16 -6.14
N ARG A 37 1.39 5.47 -5.14
CA ARG A 37 1.61 6.09 -3.84
C ARG A 37 2.82 5.46 -3.14
N HIS A 38 3.25 6.07 -2.05
CA HIS A 38 4.39 5.58 -1.29
C HIS A 38 3.94 4.81 -0.05
N PHE A 39 4.81 3.94 0.45
CA PHE A 39 4.49 3.14 1.62
C PHE A 39 5.77 2.70 2.33
N HIS A 40 5.67 2.50 3.65
CA HIS A 40 6.81 2.08 4.45
C HIS A 40 7.47 0.85 3.83
N GLU A 41 8.47 0.31 4.53
CA GLU A 41 9.18 -0.87 4.06
C GLU A 41 8.40 -2.15 4.34
N GLY A 42 7.38 -2.02 5.19
CA GLY A 42 6.56 -3.17 5.53
C GLY A 42 5.13 -3.03 5.04
N CYS A 43 4.48 -1.94 5.42
CA CYS A 43 3.09 -1.69 5.01
C CYS A 43 2.85 -2.21 3.60
N PHE A 44 3.80 -1.98 2.71
CA PHE A 44 3.68 -2.42 1.33
C PHE A 44 3.76 -3.95 1.24
N ARG A 45 2.62 -4.60 1.40
CA ARG A 45 2.56 -6.05 1.33
C ARG A 45 1.25 -6.52 0.69
N CYS A 46 1.20 -7.78 0.30
CA CYS A 46 0.02 -8.35 -0.33
C CYS A 46 -1.24 -8.06 0.51
N CYS A 47 -2.36 -7.89 -0.17
CA CYS A 47 -3.62 -7.61 0.51
C CYS A 47 -4.35 -8.91 0.85
N ARG A 48 -3.60 -10.00 0.93
CA ARG A 48 -4.17 -11.30 1.26
C ARG A 48 -3.36 -11.99 2.36
N CYS A 49 -2.05 -12.06 2.16
CA CYS A 49 -1.16 -12.69 3.13
C CYS A 49 -0.22 -11.67 3.77
N GLN A 50 -0.46 -10.40 3.47
CA GLN A 50 0.36 -9.32 4.01
C GLN A 50 1.84 -9.67 3.92
N ARG A 51 2.24 -10.29 2.81
CA ARG A 51 3.62 -10.68 2.60
C ARG A 51 4.45 -9.49 2.13
N SER A 52 5.70 -9.42 2.59
CA SER A 52 6.59 -8.34 2.22
C SER A 52 6.65 -8.17 0.72
N LEU A 53 6.48 -6.93 0.26
CA LEU A 53 6.51 -6.63 -1.17
C LEU A 53 7.47 -5.48 -1.46
N ALA A 54 8.71 -5.62 -1.01
CA ALA A 54 9.73 -4.59 -1.22
C ALA A 54 10.64 -4.96 -2.38
N ASP A 55 10.21 -4.64 -3.59
CA ASP A 55 10.99 -4.94 -4.79
C ASP A 55 10.94 -6.43 -5.12
N GLU A 56 9.77 -7.03 -4.87
CA GLU A 56 9.59 -8.45 -5.15
C GLU A 56 8.75 -8.66 -6.40
N PRO A 57 8.95 -9.80 -7.08
CA PRO A 57 8.23 -10.14 -8.31
C PRO A 57 6.77 -10.46 -8.04
N PHE A 58 5.89 -9.48 -8.24
CA PHE A 58 4.46 -9.65 -8.02
C PHE A 58 3.67 -9.25 -9.25
N THR A 59 2.35 -9.28 -9.13
CA THR A 59 1.47 -8.92 -10.23
C THR A 59 0.23 -8.19 -9.73
N CYS A 60 -0.09 -7.06 -10.36
CA CYS A 60 -1.24 -6.26 -9.98
C CYS A 60 -2.44 -6.57 -10.88
N GLN A 61 -3.37 -7.38 -10.37
CA GLN A 61 -4.55 -7.75 -11.13
C GLN A 61 -5.83 -7.36 -10.39
N ASP A 62 -6.90 -7.14 -11.13
CA ASP A 62 -8.17 -6.76 -10.53
C ASP A 62 -8.08 -5.40 -9.86
N SER A 63 -7.01 -4.66 -10.17
CA SER A 63 -6.80 -3.35 -9.58
C SER A 63 -6.31 -3.47 -8.14
N GLU A 64 -5.59 -4.55 -7.86
CA GLU A 64 -5.06 -4.77 -6.52
C GLU A 64 -3.72 -5.51 -6.58
N LEU A 65 -2.79 -5.12 -5.71
CA LEU A 65 -1.47 -5.73 -5.66
C LEU A 65 -1.55 -7.14 -5.08
N LEU A 66 -1.31 -8.14 -5.92
CA LEU A 66 -1.34 -9.53 -5.49
C LEU A 66 -0.01 -10.21 -5.73
N CYS A 67 0.53 -10.85 -4.70
CA CYS A 67 1.81 -11.55 -4.79
C CYS A 67 1.70 -12.74 -5.75
N ASN A 68 2.85 -13.18 -6.27
CA ASN A 68 2.89 -14.31 -7.19
C ASN A 68 2.34 -15.57 -6.53
N ASP A 69 2.12 -15.50 -5.22
CA ASP A 69 1.60 -16.64 -4.47
C ASP A 69 0.08 -16.60 -4.41
N CYS A 70 -0.49 -15.41 -4.61
CA CYS A 70 -1.93 -15.23 -4.58
C CYS A 70 -2.50 -15.06 -5.98
N TYR A 71 -1.68 -14.53 -6.88
CA TYR A 71 -2.10 -14.31 -8.26
C TYR A 71 -2.33 -15.64 -8.97
N CYS A 72 -1.31 -16.50 -8.95
CA CYS A 72 -1.41 -17.80 -9.59
C CYS A 72 -2.81 -18.38 -9.46
N SER A 73 -3.27 -18.53 -8.23
CA SER A 73 -4.59 -19.07 -7.96
C SER A 73 -5.61 -18.55 -8.97
N ALA A 74 -6.23 -19.47 -9.70
CA ALA A 74 -7.22 -19.11 -10.71
C ALA A 74 -8.44 -18.44 -10.06
N PHE A 75 -8.73 -18.82 -8.82
CA PHE A 75 -9.87 -18.26 -8.10
C PHE A 75 -9.40 -17.51 -6.85
N SER A 76 -10.33 -16.87 -6.18
CA SER A 76 -10.02 -16.11 -4.97
C SER A 76 -10.91 -16.55 -3.81
N SER A 77 -10.57 -16.09 -2.61
CA SER A 77 -11.33 -16.44 -1.42
C SER A 77 -12.70 -15.74 -1.43
N GLY A 78 -13.59 -16.19 -0.54
CA GLY A 78 -14.92 -15.60 -0.46
C GLY A 78 -14.87 -14.09 -0.35
N PRO A 79 -14.90 -13.58 0.89
CA PRO A 79 -14.86 -12.14 1.15
C PRO A 79 -13.51 -11.52 0.83
N SER A 80 -13.46 -10.78 -0.28
CA SER A 80 -12.21 -10.14 -0.70
C SER A 80 -11.99 -8.84 0.07
N SER A 81 -11.07 -8.89 1.04
CA SER A 81 -10.76 -7.71 1.84
C SER A 81 -10.30 -6.56 0.97
N GLY A 82 -11.25 -5.68 0.62
CA GLY A 82 -10.92 -4.53 -0.21
C GLY A 82 -10.34 -4.94 -1.56
ZN ZN B . 3.24 2.89 6.57
ZN ZN C . -0.52 -12.82 -1.30
N GLY A 1 0.42 -2.85 24.90
CA GLY A 1 -0.73 -2.39 24.15
C GLY A 1 -0.36 -1.38 23.07
N SER A 2 -0.72 -1.69 21.83
CA SER A 2 -0.40 -0.80 20.71
C SER A 2 -1.10 0.55 20.88
N SER A 3 -0.38 1.49 21.48
CA SER A 3 -0.92 2.83 21.71
C SER A 3 0.12 3.90 21.38
N GLY A 4 -0.29 4.91 20.63
CA GLY A 4 0.61 5.98 20.26
C GLY A 4 0.93 6.89 21.42
N SER A 5 2.15 7.45 21.42
CA SER A 5 2.58 8.34 22.49
C SER A 5 2.24 9.79 22.15
N SER A 6 2.41 10.15 20.88
CA SER A 6 2.12 11.52 20.43
C SER A 6 0.63 11.81 20.52
N GLY A 7 0.30 13.08 20.74
CA GLY A 7 -1.10 13.48 20.84
C GLY A 7 -1.58 14.19 19.60
N PRO A 8 -2.74 14.86 19.71
CA PRO A 8 -3.34 15.60 18.60
C PRO A 8 -2.55 16.85 18.24
N CYS A 9 -1.34 16.65 17.72
CA CYS A 9 -0.47 17.75 17.33
C CYS A 9 -0.21 17.74 15.82
N TYR A 10 -0.18 18.93 15.23
CA TYR A 10 0.05 19.05 13.80
C TYR A 10 1.53 19.26 13.50
N ASP A 11 1.88 19.29 12.22
CA ASP A 11 3.26 19.48 11.80
C ASP A 11 3.36 20.53 10.70
N ASN A 12 4.56 21.04 10.46
CA ASN A 12 4.78 22.04 9.44
C ASN A 12 5.37 21.42 8.18
N THR A 13 5.89 20.20 8.31
CA THR A 13 6.48 19.48 7.19
C THR A 13 5.45 18.65 6.45
N PHE A 14 5.75 18.28 5.21
CA PHE A 14 4.84 17.48 4.41
C PHE A 14 5.59 16.35 3.71
N ALA A 15 6.70 15.93 4.31
CA ALA A 15 7.51 14.85 3.74
C ALA A 15 6.65 13.67 3.33
N ASN A 16 7.24 12.72 2.62
CA ASN A 16 6.53 11.54 2.17
C ASN A 16 5.74 10.90 3.31
N THR A 17 4.50 10.52 3.03
CA THR A 17 3.64 9.89 4.03
C THR A 17 2.99 8.63 3.49
N CYS A 18 3.31 7.49 4.07
CA CYS A 18 2.75 6.22 3.65
C CYS A 18 1.28 6.37 3.26
N ALA A 19 0.90 5.76 2.14
CA ALA A 19 -0.47 5.84 1.67
C ALA A 19 -1.32 4.72 2.26
N GLU A 20 -0.72 3.94 3.17
CA GLU A 20 -1.42 2.84 3.81
C GLU A 20 -1.91 3.25 5.19
N CYS A 21 -1.00 3.72 6.03
CA CYS A 21 -1.34 4.14 7.38
C CYS A 21 -1.45 5.67 7.46
N GLN A 22 -1.13 6.33 6.36
CA GLN A 22 -1.19 7.79 6.31
C GLN A 22 -0.24 8.41 7.33
N GLN A 23 0.95 7.84 7.46
CA GLN A 23 1.95 8.33 8.40
C GLN A 23 3.22 8.74 7.68
N LEU A 24 3.89 9.77 8.20
CA LEU A 24 5.14 10.26 7.60
C LEU A 24 6.18 9.14 7.53
N ILE A 25 7.17 9.35 6.68
CA ILE A 25 8.24 8.37 6.52
C ILE A 25 9.60 8.97 6.83
N GLY A 26 10.37 8.27 7.66
CA GLY A 26 11.70 8.75 8.03
C GLY A 26 12.76 8.37 7.02
N HIS A 27 13.81 9.18 6.94
CA HIS A 27 14.90 8.92 6.00
C HIS A 27 15.60 7.60 6.34
N ASP A 28 15.91 7.40 7.62
CA ASP A 28 16.57 6.19 8.07
C ASP A 28 15.67 4.97 7.86
N SER A 29 14.37 5.16 8.03
CA SER A 29 13.41 4.08 7.88
C SER A 29 13.26 3.70 6.40
N ARG A 30 13.58 2.46 6.09
CA ARG A 30 13.48 1.97 4.72
C ARG A 30 12.07 2.13 4.18
N GLU A 31 11.91 2.98 3.17
CA GLU A 31 10.61 3.22 2.56
C GLU A 31 10.61 2.81 1.09
N LEU A 32 9.71 1.91 0.73
CA LEU A 32 9.60 1.43 -0.64
C LEU A 32 8.81 2.42 -1.49
N PHE A 33 9.52 3.30 -2.18
CA PHE A 33 8.89 4.30 -3.03
C PHE A 33 8.36 3.67 -4.31
N TYR A 34 7.09 3.92 -4.61
CA TYR A 34 6.45 3.36 -5.80
C TYR A 34 5.94 4.47 -6.72
N GLU A 35 6.01 4.23 -8.02
CA GLU A 35 5.56 5.22 -8.99
C GLU A 35 4.24 5.84 -8.56
N ASP A 36 3.37 5.02 -7.98
CA ASP A 36 2.06 5.49 -7.53
C ASP A 36 2.21 6.31 -6.24
N ARG A 37 2.56 5.64 -5.16
CA ARG A 37 2.73 6.31 -3.86
C ARG A 37 3.82 5.63 -3.04
N HIS A 38 4.13 6.21 -1.89
CA HIS A 38 5.15 5.66 -1.00
C HIS A 38 4.51 4.80 0.09
N PHE A 39 5.18 3.70 0.43
CA PHE A 39 4.67 2.80 1.46
C PHE A 39 5.82 2.22 2.28
N HIS A 40 5.64 2.18 3.60
CA HIS A 40 6.66 1.66 4.50
C HIS A 40 6.98 0.20 4.17
N GLU A 41 8.26 -0.13 4.22
CA GLU A 41 8.70 -1.49 3.91
C GLU A 41 7.82 -2.52 4.63
N GLY A 42 7.16 -2.08 5.69
CA GLY A 42 6.29 -2.97 6.44
C GLY A 42 4.88 -3.02 5.88
N CYS A 43 4.29 -1.85 5.68
CA CYS A 43 2.93 -1.76 5.15
C CYS A 43 2.86 -2.40 3.76
N PHE A 44 3.84 -2.11 2.92
CA PHE A 44 3.88 -2.66 1.57
C PHE A 44 3.98 -4.19 1.60
N ARG A 45 2.86 -4.83 1.92
CA ARG A 45 2.82 -6.29 1.98
C ARG A 45 1.48 -6.82 1.48
N CYS A 46 1.48 -8.07 1.03
CA CYS A 46 0.27 -8.69 0.52
C CYS A 46 -0.79 -8.82 1.62
N CYS A 47 -1.83 -8.01 1.53
CA CYS A 47 -2.91 -8.03 2.51
C CYS A 47 -3.69 -9.34 2.44
N ARG A 48 -3.33 -10.20 1.48
CA ARG A 48 -4.00 -11.48 1.30
C ARG A 48 -3.32 -12.56 2.14
N CYS A 49 -2.04 -12.77 1.90
CA CYS A 49 -1.28 -13.79 2.63
C CYS A 49 -0.34 -13.14 3.65
N GLN A 50 -0.37 -11.80 3.70
CA GLN A 50 0.47 -11.06 4.63
C GLN A 50 1.95 -11.31 4.34
N ARG A 51 2.31 -11.29 3.05
CA ARG A 51 3.69 -11.51 2.64
C ARG A 51 4.38 -10.19 2.36
N SER A 52 5.68 -10.13 2.64
CA SER A 52 6.46 -8.92 2.42
C SER A 52 6.78 -8.74 0.94
N LEU A 53 6.42 -7.58 0.40
CA LEU A 53 6.66 -7.28 -1.00
C LEU A 53 7.89 -6.38 -1.16
N ALA A 54 9.02 -6.85 -0.65
CA ALA A 54 10.27 -6.09 -0.74
C ALA A 54 10.98 -6.38 -2.07
N ASP A 55 10.53 -5.72 -3.13
CA ASP A 55 11.13 -5.90 -4.44
C ASP A 55 10.72 -7.25 -5.04
N GLU A 56 9.53 -7.71 -4.69
CA GLU A 56 9.03 -8.99 -5.20
C GLU A 56 8.03 -8.77 -6.34
N PRO A 57 7.92 -9.78 -7.22
CA PRO A 57 7.01 -9.72 -8.36
C PRO A 57 5.54 -9.80 -7.94
N PHE A 58 4.90 -8.64 -7.83
CA PHE A 58 3.50 -8.58 -7.43
C PHE A 58 2.64 -8.02 -8.56
N THR A 59 1.35 -7.82 -8.27
CA THR A 59 0.42 -7.28 -9.26
C THR A 59 -0.72 -6.54 -8.58
N CYS A 60 -1.26 -5.54 -9.28
CA CYS A 60 -2.37 -4.75 -8.74
C CYS A 60 -3.71 -5.40 -9.08
N GLN A 61 -4.48 -5.75 -8.05
CA GLN A 61 -5.77 -6.37 -8.24
C GLN A 61 -6.90 -5.37 -8.03
N ASP A 62 -8.13 -5.84 -8.12
CA ASP A 62 -9.30 -4.98 -7.94
C ASP A 62 -9.11 -4.07 -6.73
N SER A 63 -8.88 -2.78 -7.00
CA SER A 63 -8.67 -1.81 -5.93
C SER A 63 -7.95 -2.44 -4.75
N GLU A 64 -7.08 -3.40 -5.03
CA GLU A 64 -6.33 -4.09 -3.99
C GLU A 64 -4.95 -4.51 -4.49
N LEU A 65 -4.02 -4.73 -3.56
CA LEU A 65 -2.67 -5.13 -3.92
C LEU A 65 -2.44 -6.61 -3.57
N LEU A 66 -1.94 -7.37 -4.54
CA LEU A 66 -1.66 -8.78 -4.33
C LEU A 66 -0.32 -9.17 -4.94
N CYS A 67 0.29 -10.22 -4.38
CA CYS A 67 1.58 -10.68 -4.85
C CYS A 67 1.41 -11.78 -5.91
N ASN A 68 2.48 -12.07 -6.64
CA ASN A 68 2.45 -13.10 -7.67
C ASN A 68 1.98 -14.44 -7.09
N ASP A 69 2.51 -14.78 -5.92
CA ASP A 69 2.15 -16.04 -5.27
C ASP A 69 0.63 -16.18 -5.18
N CYS A 70 -0.07 -15.05 -5.15
CA CYS A 70 -1.53 -15.06 -5.06
C CYS A 70 -2.15 -14.79 -6.44
N TYR A 71 -1.89 -13.60 -6.97
CA TYR A 71 -2.42 -13.23 -8.27
C TYR A 71 -2.30 -14.38 -9.27
N CYS A 72 -1.17 -15.08 -9.22
CA CYS A 72 -0.93 -16.20 -10.12
C CYS A 72 -0.82 -17.51 -9.34
N SER A 73 -1.95 -17.97 -8.81
CA SER A 73 -1.98 -19.21 -8.04
C SER A 73 -2.63 -20.34 -8.84
N ALA A 74 -2.02 -21.53 -8.77
CA ALA A 74 -2.54 -22.69 -9.48
C ALA A 74 -3.79 -23.24 -8.81
N PHE A 75 -3.62 -23.71 -7.57
CA PHE A 75 -4.73 -24.27 -6.81
C PHE A 75 -5.54 -23.17 -6.12
N SER A 76 -6.82 -23.10 -6.44
CA SER A 76 -7.70 -22.09 -5.86
C SER A 76 -8.16 -22.51 -4.46
N SER A 77 -8.58 -21.53 -3.66
CA SER A 77 -9.04 -21.79 -2.31
C SER A 77 -10.45 -21.23 -2.09
N GLY A 78 -11.39 -22.11 -1.77
CA GLY A 78 -12.76 -21.67 -1.55
C GLY A 78 -13.22 -20.68 -2.58
N PRO A 79 -13.63 -21.18 -3.76
CA PRO A 79 -14.13 -20.34 -4.85
C PRO A 79 -15.47 -19.70 -4.54
N SER A 80 -15.45 -18.44 -4.15
CA SER A 80 -16.67 -17.70 -3.82
C SER A 80 -17.46 -17.37 -5.09
N SER A 81 -18.74 -17.06 -4.91
CA SER A 81 -19.60 -16.73 -6.03
C SER A 81 -19.94 -15.23 -6.02
N GLY A 82 -19.01 -14.43 -5.53
CA GLY A 82 -19.23 -12.99 -5.48
C GLY A 82 -17.94 -12.20 -5.60
ZN ZN B . 3.03 2.89 6.45
ZN ZN C . 0.09 -12.84 -1.52
N GLY A 1 -17.52 6.33 33.96
CA GLY A 1 -16.76 7.54 33.75
C GLY A 1 -16.05 7.56 32.40
N SER A 2 -16.71 8.12 31.39
CA SER A 2 -16.14 8.18 30.06
C SER A 2 -15.96 9.63 29.62
N SER A 3 -14.89 9.89 28.86
CA SER A 3 -14.60 11.24 28.38
C SER A 3 -14.95 11.37 26.90
N GLY A 4 -15.11 12.61 26.45
CA GLY A 4 -15.44 12.86 25.06
C GLY A 4 -14.22 12.92 24.17
N SER A 5 -13.74 14.14 23.92
CA SER A 5 -12.57 14.33 23.07
C SER A 5 -12.82 13.80 21.66
N SER A 6 -13.91 14.26 21.05
CA SER A 6 -14.26 13.82 19.70
C SER A 6 -14.18 14.99 18.72
N GLY A 7 -13.24 14.91 17.79
CA GLY A 7 -13.08 15.96 16.81
C GLY A 7 -11.77 15.83 16.04
N PRO A 8 -11.73 14.93 15.05
CA PRO A 8 -10.54 14.71 14.23
C PRO A 8 -10.25 15.87 13.29
N CYS A 9 -9.54 16.87 13.80
CA CYS A 9 -9.19 18.04 13.02
C CYS A 9 -7.72 18.02 12.62
N TYR A 10 -7.29 19.04 11.90
CA TYR A 10 -5.90 19.14 11.46
C TYR A 10 -5.51 20.59 11.15
N ASP A 11 -4.28 20.94 11.46
CA ASP A 11 -3.78 22.29 11.22
C ASP A 11 -2.50 22.26 10.39
N ASN A 12 -2.04 21.07 10.07
CA ASN A 12 -0.82 20.91 9.28
C ASN A 12 -0.74 19.50 8.70
N THR A 13 -0.38 19.42 7.42
CA THR A 13 -0.28 18.13 6.73
C THR A 13 1.01 18.07 5.90
N PHE A 14 1.91 19.01 6.14
CA PHE A 14 3.17 19.06 5.42
C PHE A 14 4.16 18.04 5.97
N ALA A 15 3.92 16.76 5.67
CA ALA A 15 4.79 15.70 6.15
C ALA A 15 4.43 14.37 5.48
N ASN A 16 5.41 13.75 4.83
CA ASN A 16 5.19 12.48 4.16
C ASN A 16 4.33 11.55 5.00
N THR A 17 3.34 10.93 4.38
CA THR A 17 2.44 10.01 5.08
C THR A 17 2.18 8.75 4.25
N CYS A 18 2.56 7.62 4.80
CA CYS A 18 2.37 6.34 4.12
C CYS A 18 1.04 6.32 3.37
N ALA A 19 1.07 5.83 2.14
CA ALA A 19 -0.13 5.74 1.32
C ALA A 19 -0.92 4.47 1.63
N GLU A 20 -0.47 3.73 2.61
CA GLU A 20 -1.13 2.49 3.01
C GLU A 20 -1.77 2.62 4.39
N CYS A 21 -0.93 2.75 5.41
CA CYS A 21 -1.41 2.89 6.77
C CYS A 21 -1.86 4.33 7.06
N GLN A 22 -1.47 5.25 6.18
CA GLN A 22 -1.83 6.65 6.33
C GLN A 22 -1.17 7.25 7.57
N GLN A 23 0.09 6.90 7.79
CA GLN A 23 0.84 7.41 8.94
C GLN A 23 2.10 8.14 8.49
N LEU A 24 2.52 9.12 9.29
CA LEU A 24 3.71 9.89 8.98
C LEU A 24 4.90 8.98 8.66
N ILE A 25 5.79 9.45 7.80
CA ILE A 25 6.96 8.68 7.41
C ILE A 25 8.23 9.51 7.56
N GLY A 26 8.87 9.41 8.72
CA GLY A 26 10.09 10.16 8.96
C GLY A 26 10.91 9.58 10.10
N HIS A 27 10.22 9.12 11.14
CA HIS A 27 10.89 8.54 12.30
C HIS A 27 11.64 7.26 11.91
N ASP A 28 12.86 7.41 11.45
CA ASP A 28 13.68 6.28 11.05
C ASP A 28 12.83 5.22 10.36
N SER A 29 12.10 5.64 9.32
CA SER A 29 11.23 4.72 8.58
C SER A 29 11.62 4.68 7.11
N ARG A 30 12.01 3.50 6.63
CA ARG A 30 12.41 3.32 5.24
C ARG A 30 11.20 3.21 4.33
N GLU A 31 11.11 4.08 3.35
CA GLU A 31 10.00 4.08 2.40
C GLU A 31 10.44 3.57 1.04
N LEU A 32 9.53 2.90 0.34
CA LEU A 32 9.82 2.36 -0.98
C LEU A 32 9.05 3.11 -2.06
N PHE A 33 9.61 4.23 -2.51
CA PHE A 33 8.97 5.04 -3.54
C PHE A 33 8.33 4.15 -4.61
N TYR A 34 7.04 3.87 -4.43
CA TYR A 34 6.32 3.03 -5.37
C TYR A 34 4.95 3.63 -5.70
N GLU A 35 4.51 3.45 -6.93
CA GLU A 35 3.22 3.97 -7.37
C GLU A 35 3.19 5.50 -7.27
N ASP A 36 4.34 6.09 -6.99
CA ASP A 36 4.45 7.54 -6.87
C ASP A 36 4.06 8.00 -5.47
N ARG A 37 4.53 7.28 -4.46
CA ARG A 37 4.22 7.61 -3.08
C ARG A 37 5.13 6.85 -2.12
N HIS A 38 5.13 7.26 -0.86
CA HIS A 38 5.96 6.60 0.15
C HIS A 38 5.24 5.39 0.75
N PHE A 39 6.01 4.37 1.08
CA PHE A 39 5.45 3.15 1.65
C PHE A 39 6.44 2.48 2.60
N HIS A 40 6.10 2.46 3.88
CA HIS A 40 6.97 1.85 4.89
C HIS A 40 7.37 0.43 4.49
N GLU A 41 8.66 0.17 4.48
CA GLU A 41 9.17 -1.15 4.11
C GLU A 41 8.26 -2.25 4.64
N GLY A 42 7.58 -1.97 5.75
CA GLY A 42 6.68 -2.94 6.33
C GLY A 42 5.33 -2.97 5.65
N CYS A 43 4.73 -1.80 5.47
CA CYS A 43 3.42 -1.71 4.83
C CYS A 43 3.48 -2.24 3.40
N PHE A 44 4.61 -2.01 2.74
CA PHE A 44 4.79 -2.46 1.37
C PHE A 44 4.80 -3.99 1.29
N ARG A 45 3.62 -4.59 1.34
CA ARG A 45 3.49 -6.04 1.28
C ARG A 45 2.13 -6.44 0.72
N CYS A 46 2.01 -7.70 0.31
CA CYS A 46 0.76 -8.21 -0.25
C CYS A 46 -0.43 -7.79 0.62
N CYS A 47 -1.61 -7.80 0.02
CA CYS A 47 -2.83 -7.43 0.73
C CYS A 47 -3.68 -8.66 1.05
N ARG A 48 -3.11 -9.84 0.81
CA ARG A 48 -3.82 -11.08 1.08
C ARG A 48 -3.06 -11.94 2.08
N CYS A 49 -1.78 -12.17 1.81
CA CYS A 49 -0.94 -12.98 2.69
C CYS A 49 -0.09 -12.09 3.59
N GLN A 50 -0.09 -10.79 3.30
CA GLN A 50 0.68 -9.84 4.08
C GLN A 50 2.17 -10.17 4.04
N ARG A 51 2.59 -10.81 2.96
CA ARG A 51 3.99 -11.20 2.78
C ARG A 51 4.83 -9.99 2.36
N SER A 52 6.03 -9.88 2.94
CA SER A 52 6.93 -8.77 2.63
C SER A 52 7.18 -8.68 1.13
N LEU A 53 7.08 -7.48 0.59
CA LEU A 53 7.30 -7.26 -0.84
C LEU A 53 8.52 -6.36 -1.07
N ALA A 54 9.65 -6.76 -0.51
CA ALA A 54 10.89 -6.00 -0.66
C ALA A 54 11.84 -6.68 -1.64
N ASP A 55 11.65 -6.42 -2.92
CA ASP A 55 12.49 -7.00 -3.96
C ASP A 55 12.14 -8.46 -4.18
N GLU A 56 10.84 -8.77 -4.13
CA GLU A 56 10.38 -10.14 -4.32
C GLU A 56 9.47 -10.23 -5.54
N PRO A 57 9.36 -11.46 -6.10
CA PRO A 57 8.52 -11.72 -7.28
C PRO A 57 7.04 -11.62 -6.96
N PHE A 58 6.44 -10.49 -7.30
CA PHE A 58 5.02 -10.26 -7.06
C PHE A 58 4.30 -9.82 -8.34
N THR A 59 3.03 -9.49 -8.20
CA THR A 59 2.23 -9.05 -9.34
C THR A 59 1.50 -7.75 -9.03
N CYS A 60 1.59 -6.79 -9.94
CA CYS A 60 0.94 -5.50 -9.76
C CYS A 60 -0.42 -5.47 -10.46
N GLN A 61 -1.45 -5.08 -9.73
CA GLN A 61 -2.80 -5.01 -10.29
C GLN A 61 -3.14 -3.59 -10.72
N ASP A 62 -4.38 -3.39 -11.15
CA ASP A 62 -4.82 -2.07 -11.60
C ASP A 62 -4.53 -1.01 -10.56
N SER A 63 -5.29 -1.03 -9.47
CA SER A 63 -5.11 -0.07 -8.39
C SER A 63 -4.84 -0.77 -7.06
N GLU A 64 -4.03 -1.82 -7.11
CA GLU A 64 -3.69 -2.59 -5.92
C GLU A 64 -2.32 -3.26 -6.06
N LEU A 65 -1.89 -3.94 -5.02
CA LEU A 65 -0.60 -4.64 -5.03
C LEU A 65 -0.69 -5.97 -4.30
N LEU A 66 -0.51 -7.06 -5.04
CA LEU A 66 -0.55 -8.40 -4.47
C LEU A 66 0.63 -9.24 -4.92
N CYS A 67 0.66 -10.49 -4.50
CA CYS A 67 1.74 -11.40 -4.87
C CYS A 67 1.22 -12.48 -5.82
N ASN A 68 2.14 -13.32 -6.30
CA ASN A 68 1.79 -14.40 -7.23
C ASN A 68 1.10 -15.54 -6.48
N ASP A 69 1.42 -15.69 -5.21
CA ASP A 69 0.83 -16.74 -4.39
C ASP A 69 -0.60 -16.38 -3.99
N CYS A 70 -1.05 -15.19 -4.40
CA CYS A 70 -2.39 -14.73 -4.09
C CYS A 70 -3.15 -14.37 -5.36
N TYR A 71 -2.60 -13.43 -6.12
CA TYR A 71 -3.23 -13.00 -7.37
C TYR A 71 -3.90 -14.17 -8.08
N CYS A 72 -3.32 -15.36 -7.93
CA CYS A 72 -3.86 -16.56 -8.55
C CYS A 72 -5.07 -17.08 -7.78
N SER A 73 -6.00 -16.18 -7.46
CA SER A 73 -7.19 -16.54 -6.72
C SER A 73 -8.41 -15.78 -7.24
N ALA A 74 -9.59 -16.18 -6.78
CA ALA A 74 -10.83 -15.54 -7.19
C ALA A 74 -11.67 -15.14 -5.99
N PHE A 75 -11.36 -14.00 -5.41
CA PHE A 75 -12.09 -13.51 -4.24
C PHE A 75 -13.52 -13.12 -4.62
N SER A 76 -14.37 -14.12 -4.81
CA SER A 76 -15.76 -13.89 -5.18
C SER A 76 -16.36 -12.76 -4.34
N SER A 77 -17.09 -11.86 -5.00
CA SER A 77 -17.71 -10.73 -4.32
C SER A 77 -19.08 -11.12 -3.77
N GLY A 78 -19.52 -10.41 -2.74
CA GLY A 78 -20.82 -10.69 -2.15
C GLY A 78 -20.91 -10.22 -0.70
N PRO A 79 -21.97 -10.65 -0.01
CA PRO A 79 -22.20 -10.29 1.39
C PRO A 79 -21.20 -10.94 2.33
N SER A 80 -20.29 -10.13 2.87
CA SER A 80 -19.27 -10.64 3.79
C SER A 80 -19.22 -9.81 5.06
N SER A 81 -19.45 -10.46 6.20
CA SER A 81 -19.43 -9.78 7.49
C SER A 81 -18.11 -10.02 8.21
N GLY A 82 -18.00 -9.46 9.42
CA GLY A 82 -16.78 -9.62 10.20
C GLY A 82 -16.84 -8.88 11.52
ZN ZN B . 3.01 2.79 6.54
ZN ZN C . -0.01 -12.68 -1.33
#